data_9L0D
#
_entry.id   9L0D
#
loop_
_entity.id
_entity.type
_entity.pdbx_description
1 polymer 'Vacuolar fusion protein MON1 homolog A'
2 polymer 'Vacuolar fusion protein CCZ1 homolog B'
3 polymer 'Regulator of MON1-CCZ1 complex'
4 polymer 'Ras-related protein Rab-7a'
#
loop_
_entity_poly.entity_id
_entity_poly.type
_entity_poly.pdbx_seq_one_letter_code
_entity_poly.pdbx_strand_id
1 'polypeptide(L)'
;GTTEGDEEDATEAWRLHQKHVFVLSEAGKPVYSRYGSEEALSSTMGVMVALVSFLEADKNAIRSIHADGYKVVFVRRSPL
VLVAVARTRQSAQELAQELLYIYYQILSLLTGAQLSHIFQQKQNYDLRRLLSGSERITDNLLQLMARDPSFLMGAARCLP
LAAAVRDTVSASLQQARARSLVFSILLARNQLVALVRRKDQFLHPIDLHLLFNLISSSSSFREGEAWTPVCLPKFNAAGF
FHAHISYLEPDTDLCLLLVSTDREDFFAVSDCRRRFQERLRKRGAHLALREALRTPYYSVAQVGIPDLRHFLYKSKSSGL
FTSPEIEAPYTSEEEQERLLGLYQYLHSRAHNASRPLKTIYYTGPNENLLAWVTGAFELYMCYSPLGTKASAVSAIHKLM
RWIRKEEDRLFILTPLTY
;
A
2 'polypeptide(L)'
;MAAAAAGAGSGPWAAQEKQFPPALLSFFIYNPRFGPREGQEENKILFYHPNEVEKNEKIRNVGLCEAIVQFTRTFSPSKP
AKSLHTQKNRQFFNEPEENFWMVMVVRNPIIEKQSKDGKPVIEYQEEELLDKVYSSVLRQCYSMYKLFNGTFLKAMEDGG
VKLLKERLEKFFHRYLQTLHLQSCDLLDIFGGISFFPLDKMTYLKIQSFINRMEESLNIVKYTAFLYNDQLIWSGLEQDD
MRILYKYLTTSLFPRHIEPELAGRDSPIRAEMPGNLQHYGRFLTGPLNLNDPDAKCRFPKIFVNTDDTYEELHLIVYKAM
SAAVCFMIDASVHPTLDFCRRLDSIVGPQLTVLASDICEQFNINKRMSGSEKEPQFKFIYFNHMNLAEKSTVHMRKTPSV
SLTSVHPDLMKILGDINSDFTRVDEDEEIIVKAMSDYWVVGKKSDRRELYVILNQKNANLIEVNEEVKKLCATQFNNIFF
LD
;
B
3 'polypeptide(L)'
;MGEEDYYLELCERPVQFEKANPVNCVFFDEANKQVFAVRSGGATGVVVKGPDDRNPISFRMDDKGEVKCIKFSLENKILA
VQRTSKTVDFCNFIPDNSQLEYTQECKTKNANILGFCWTSSTEIVFITDQGIEFYQVLPEKRSLKLLKSHNLNVNWYMYC
PESAVILLSTTVLENVLQPFHFRAGTMSKLPKFEIELPAAPKSTKPSLSERDIAMATIYGQLYVLFLRHHSRTSNSTGAE
VVLYHLPREGACKKMHILKLNRTGKFALNVVDNLVVVHHQDTETSVIFDIKLRGEFDGSVTFHHPVLPARSIQPYQIPIT
GPAAVTSQSPVPCKLYSSSWIVFQPDIIISASQGYLWNLQVKLEPIVNLLPDKGRLMDFLLQRKECKMVILSVCSQMLSE
SDRASLPVIATVFDKLNHEYKKYLDAEQSYAMAVEAGQSRSSPLLKRPVRTQAVLDQSDVYTHVLSAFVEKKEMPHKFVI
AVLMEYIRSLNQFQIAVQHYLHELVIKTLVQHNLFYMLHQFLQYHVLSDSKPLACLLLSLESFYPPAHQLSLDMLKRLST
ANDEIVEVLLSKHQVLAALRFIRGIGGHDNISARKFLDAAKQTEDNMLFYTIFRFFEQRNQRLRGSPNFTPGEHCEEHVA
FFKQIFGDQALMRPTTF
;
C
4 'polypeptide(L)'
;MTSRKKVLLKVIILGDSGVGKNSLMNQYVNKKFSNQYKATIGADFLTKEVMVDDRLVTMQIWDTAGQERFQSLGVAFYRG
ADCCVLVFDVTAPNTFKTLDSWRDEFLIQASPRDPENFPFVVLGNKIDLENRQVATKRAQAWCYSKNNIPYFETSAKEAI
NVEQAFQTIARNALKQETEVELYNEFPEPIKLDKNDRAKASAESCSC
;
D
#
# COMPACT_ATOMS: atom_id res chain seq x y z
N THR A 2 -21.83 9.85 52.21
CA THR A 2 -20.79 10.08 51.21
C THR A 2 -21.30 9.71 49.81
N THR A 3 -21.35 10.71 48.94
CA THR A 3 -21.82 10.55 47.57
C THR A 3 -20.92 9.59 46.80
N GLU A 4 -21.48 9.00 45.75
CA GLU A 4 -20.72 8.09 44.90
C GLU A 4 -19.73 8.83 44.00
N GLY A 5 -19.69 10.16 44.05
CA GLY A 5 -18.75 10.90 43.24
C GLY A 5 -17.31 10.58 43.56
N ASP A 6 -16.99 10.46 44.85
CA ASP A 6 -15.63 10.12 45.26
C ASP A 6 -15.25 8.72 44.79
N GLU A 7 -16.15 7.74 44.97
CA GLU A 7 -15.88 6.40 44.48
C GLU A 7 -15.70 6.38 42.97
N GLU A 8 -16.46 7.23 42.27
CA GLU A 8 -16.32 7.30 40.82
C GLU A 8 -14.95 7.84 40.41
N ASP A 9 -14.54 8.96 41.01
CA ASP A 9 -13.20 9.49 40.76
C ASP A 9 -12.13 8.46 41.09
N ALA A 10 -12.35 7.66 42.14
CA ALA A 10 -11.37 6.67 42.54
C ALA A 10 -11.25 5.55 41.52
N THR A 11 -12.35 4.83 41.27
CA THR A 11 -12.30 3.70 40.35
C THR A 11 -12.03 4.12 38.91
N GLU A 12 -12.30 5.37 38.55
CA GLU A 12 -11.95 5.83 37.22
C GLU A 12 -10.44 6.02 37.09
N ALA A 13 -9.77 6.28 38.20
CA ALA A 13 -8.32 6.40 38.24
C ALA A 13 -7.66 5.20 38.90
N TRP A 14 -8.40 4.12 39.11
CA TRP A 14 -7.82 2.93 39.72
C TRP A 14 -7.31 1.96 38.66
N ARG A 15 -7.65 2.20 37.39
CA ARG A 15 -7.35 1.23 36.34
C ARG A 15 -6.25 1.69 35.39
N LEU A 16 -5.75 2.93 35.52
CA LEU A 16 -4.65 3.34 34.66
C LEU A 16 -3.29 3.03 35.28
N HIS A 17 -3.28 2.58 36.54
CA HIS A 17 -2.07 2.05 37.13
C HIS A 17 -1.51 0.94 36.24
N GLN A 18 -0.20 0.77 36.26
CA GLN A 18 0.42 0.02 35.19
C GLN A 18 0.78 -1.41 35.58
N LYS A 19 0.88 -1.73 36.86
CA LYS A 19 1.36 -3.04 37.26
C LYS A 19 0.53 -3.62 38.40
N HIS A 20 -0.78 -3.48 38.31
CA HIS A 20 -1.68 -4.10 39.28
C HIS A 20 -1.28 -5.54 39.55
N VAL A 21 -1.02 -5.85 40.81
CA VAL A 21 -0.74 -7.21 41.25
C VAL A 21 -1.69 -7.55 42.38
N PHE A 22 -2.38 -8.67 42.26
CA PHE A 22 -3.17 -9.22 43.36
C PHE A 22 -2.72 -10.64 43.62
N VAL A 23 -2.85 -11.07 44.87
CA VAL A 23 -2.53 -12.42 45.29
C VAL A 23 -3.63 -12.87 46.23
N LEU A 24 -4.31 -13.96 45.88
CA LEU A 24 -5.44 -14.41 46.68
C LEU A 24 -5.30 -15.88 47.01
N SER A 25 -6.13 -16.34 47.95
CA SER A 25 -6.08 -17.71 48.41
C SER A 25 -6.98 -18.60 47.56
N GLU A 26 -6.73 -19.91 47.63
CA GLU A 26 -7.45 -20.85 46.77
C GLU A 26 -8.94 -20.89 47.06
N ALA A 27 -9.40 -20.17 48.09
CA ALA A 27 -10.83 -20.05 48.36
C ALA A 27 -11.44 -18.85 47.64
N GLY A 28 -10.72 -17.74 47.59
CA GLY A 28 -11.23 -16.54 46.96
C GLY A 28 -11.19 -15.36 47.90
N LYS A 29 -10.41 -15.48 48.97
CA LYS A 29 -10.24 -14.41 49.93
C LYS A 29 -8.98 -13.63 49.62
N PRO A 30 -9.06 -12.30 49.51
CA PRO A 30 -7.90 -11.51 49.10
C PRO A 30 -6.76 -11.53 50.11
N VAL A 31 -5.60 -12.05 49.69
CA VAL A 31 -4.42 -12.00 50.56
C VAL A 31 -3.72 -10.66 50.44
N TYR A 32 -3.42 -10.23 49.21
CA TYR A 32 -2.68 -8.99 49.02
C TYR A 32 -3.18 -8.28 47.78
N SER A 33 -3.33 -6.96 47.88
CA SER A 33 -3.71 -6.10 46.77
C SER A 33 -2.74 -4.92 46.73
N ARG A 34 -2.17 -4.67 45.54
CA ARG A 34 -1.03 -3.77 45.47
C ARG A 34 -1.46 -2.31 45.35
N TYR A 35 -2.41 -2.02 44.45
CA TYR A 35 -2.78 -0.63 44.19
C TYR A 35 -4.24 -0.35 44.52
N GLY A 36 -4.92 -1.27 45.19
CA GLY A 36 -6.31 -1.08 45.52
C GLY A 36 -6.60 -1.53 46.94
N SER A 37 -7.74 -1.07 47.46
CA SER A 37 -8.17 -1.49 48.79
C SER A 37 -8.52 -2.97 48.79
N GLU A 38 -8.17 -3.64 49.89
CA GLU A 38 -8.37 -5.08 49.96
C GLU A 38 -9.82 -5.46 50.13
N GLU A 39 -10.70 -4.49 50.36
CA GLU A 39 -12.09 -4.79 50.65
C GLU A 39 -12.92 -4.91 49.37
N ALA A 40 -12.96 -3.84 48.58
CA ALA A 40 -13.67 -3.91 47.30
C ALA A 40 -13.08 -4.99 46.41
N LEU A 41 -11.75 -4.97 46.23
CA LEU A 41 -11.14 -5.92 45.33
C LEU A 41 -11.08 -7.29 45.99
N SER A 42 -12.21 -7.71 46.54
CA SER A 42 -12.59 -9.10 46.62
C SER A 42 -13.54 -9.45 45.48
N SER A 43 -14.70 -8.78 45.45
CA SER A 43 -15.72 -9.10 44.46
C SER A 43 -15.09 -9.24 43.08
N THR A 44 -14.49 -8.18 42.58
CA THR A 44 -13.37 -8.34 41.69
C THR A 44 -12.27 -9.04 42.46
N MET A 45 -11.68 -10.05 41.86
CA MET A 45 -10.81 -11.11 42.39
C MET A 45 -11.60 -12.28 42.94
N GLY A 46 -12.89 -12.11 43.20
CA GLY A 46 -13.74 -13.28 43.24
C GLY A 46 -13.78 -13.90 41.86
N VAL A 47 -14.07 -13.08 40.85
CA VAL A 47 -13.90 -13.45 39.45
C VAL A 47 -12.55 -14.13 39.24
N MET A 48 -11.52 -13.69 39.97
CA MET A 48 -10.18 -14.14 39.62
C MET A 48 -9.97 -15.59 40.02
N VAL A 49 -10.71 -16.09 41.02
CA VAL A 49 -10.51 -17.50 41.38
C VAL A 49 -11.43 -18.39 40.54
N ALA A 50 -12.67 -17.97 40.35
CA ALA A 50 -13.59 -18.70 39.48
C ALA A 50 -12.96 -19.00 38.13
N LEU A 51 -12.46 -17.96 37.45
CA LEU A 51 -11.83 -18.15 36.15
C LEU A 51 -10.73 -19.20 36.20
N VAL A 52 -10.02 -19.29 37.32
CA VAL A 52 -9.03 -20.35 37.45
C VAL A 52 -9.71 -21.69 37.73
N SER A 53 -10.67 -21.70 38.65
CA SER A 53 -11.38 -22.92 39.01
C SER A 53 -12.43 -23.30 37.98
N PHE A 54 -12.73 -22.43 37.03
CA PHE A 54 -13.54 -22.81 35.87
C PHE A 54 -12.73 -23.69 34.93
N LEU A 55 -11.60 -23.17 34.44
CA LEU A 55 -10.77 -23.94 33.52
C LEU A 55 -10.10 -25.11 34.21
N GLU A 56 -10.15 -25.16 35.54
CA GLU A 56 -9.59 -26.33 36.23
C GLU A 56 -10.57 -27.50 36.23
N ALA A 57 -11.86 -27.24 36.02
CA ALA A 57 -12.83 -28.33 35.95
C ALA A 57 -12.53 -29.25 34.77
N ASP A 58 -12.38 -28.67 33.58
CA ASP A 58 -12.19 -29.46 32.37
C ASP A 58 -10.71 -29.69 32.06
N LYS A 59 -10.02 -30.26 33.03
CA LYS A 59 -8.63 -30.70 32.92
C LYS A 59 -7.76 -29.70 32.15
N ASN A 60 -7.85 -28.43 32.55
CA ASN A 60 -7.06 -27.38 31.92
C ASN A 60 -6.59 -26.44 33.01
N ALA A 61 -6.09 -25.28 32.60
CA ALA A 61 -5.69 -24.24 33.53
C ALA A 61 -5.58 -22.94 32.77
N ILE A 62 -6.15 -21.88 33.33
CA ILE A 62 -5.99 -20.56 32.73
C ILE A 62 -4.56 -20.14 32.92
N ARG A 63 -3.94 -19.58 31.89
CA ARG A 63 -2.54 -19.26 31.96
C ARG A 63 -2.24 -17.80 31.71
N SER A 64 -3.06 -17.12 30.90
CA SER A 64 -2.88 -15.70 30.64
C SER A 64 -4.01 -15.18 29.79
N ILE A 65 -4.31 -13.89 29.88
CA ILE A 65 -5.25 -13.23 28.99
C ILE A 65 -4.50 -12.08 28.33
N HIS A 66 -4.81 -11.82 27.06
CA HIS A 66 -4.18 -10.74 26.33
C HIS A 66 -5.24 -9.87 25.68
N ALA A 67 -5.27 -8.60 26.06
CA ALA A 67 -5.90 -7.59 25.25
C ALA A 67 -4.81 -7.07 24.31
N ASP A 68 -5.09 -5.96 23.64
CA ASP A 68 -4.07 -5.31 22.82
C ASP A 68 -3.63 -4.07 23.57
N GLY A 69 -2.50 -4.17 24.26
CA GLY A 69 -2.04 -3.09 25.09
C GLY A 69 -1.59 -3.53 26.47
N TYR A 70 -2.18 -4.59 27.02
CA TYR A 70 -1.85 -5.00 28.37
C TYR A 70 -2.21 -6.46 28.60
N LYS A 71 -1.21 -7.25 29.02
CA LYS A 71 -1.41 -8.64 29.38
C LYS A 71 -2.09 -8.74 30.74
N VAL A 72 -2.58 -9.95 31.06
CA VAL A 72 -3.07 -10.29 32.38
C VAL A 72 -2.65 -11.73 32.66
N VAL A 73 -1.72 -11.93 33.59
CA VAL A 73 -1.07 -13.22 33.79
C VAL A 73 -1.57 -13.86 35.07
N PHE A 74 -1.88 -15.15 34.99
CA PHE A 74 -2.25 -15.97 36.13
C PHE A 74 -1.13 -16.94 36.45
N VAL A 75 -0.83 -17.13 37.74
CA VAL A 75 0.11 -18.14 38.18
C VAL A 75 -0.50 -18.84 39.40
N ARG A 76 -0.30 -20.15 39.47
CA ARG A 76 -0.90 -20.98 40.50
C ARG A 76 0.21 -21.60 41.33
N ARG A 77 0.04 -21.57 42.66
CA ARG A 77 0.86 -22.35 43.58
C ARG A 77 -0.10 -22.90 44.62
N SER A 78 0.25 -24.04 45.21
CA SER A 78 -0.70 -24.85 45.97
C SER A 78 -1.65 -24.02 46.84
N PRO A 79 -1.19 -23.09 47.68
CA PRO A 79 -2.14 -22.36 48.53
C PRO A 79 -2.53 -20.97 48.04
N LEU A 80 -1.99 -20.48 46.92
CA LEU A 80 -2.24 -19.11 46.48
C LEU A 80 -2.22 -19.02 44.97
N VAL A 81 -3.12 -18.21 44.41
CA VAL A 81 -3.08 -17.85 43.00
C VAL A 81 -2.77 -16.37 42.90
N LEU A 82 -1.90 -16.01 41.96
CA LEU A 82 -1.40 -14.66 41.80
C LEU A 82 -1.74 -14.17 40.40
N VAL A 83 -2.30 -12.97 40.31
CA VAL A 83 -2.76 -12.42 39.04
C VAL A 83 -2.18 -11.01 38.87
N ALA A 84 -1.63 -10.75 37.69
CA ALA A 84 -0.91 -9.52 37.42
C ALA A 84 -1.42 -8.88 36.14
N VAL A 85 -2.06 -7.73 36.26
CA VAL A 85 -2.55 -6.98 35.12
C VAL A 85 -1.51 -5.92 34.80
N ALA A 86 -0.52 -6.26 33.99
CA ALA A 86 0.50 -5.30 33.63
C ALA A 86 -0.05 -4.38 32.54
N ARG A 87 0.72 -3.37 32.16
CA ARG A 87 0.41 -2.58 30.99
C ARG A 87 1.68 -2.26 30.22
N THR A 88 2.59 -3.24 30.11
CA THR A 88 3.91 -3.02 29.56
C THR A 88 4.21 -4.05 28.46
N ARG A 89 5.42 -3.98 27.93
CA ARG A 89 5.87 -4.88 26.87
C ARG A 89 6.60 -6.09 27.45
N GLN A 90 5.95 -6.75 28.41
CA GLN A 90 6.53 -7.88 29.10
C GLN A 90 5.78 -9.15 28.73
N SER A 91 6.49 -10.07 28.08
CA SER A 91 5.96 -11.38 27.69
C SER A 91 5.45 -12.10 28.93
N ALA A 92 4.48 -12.98 28.73
CA ALA A 92 3.83 -13.72 29.81
C ALA A 92 4.82 -14.33 30.79
N GLN A 93 5.97 -14.79 30.30
CA GLN A 93 6.94 -15.43 31.17
C GLN A 93 7.49 -14.47 32.21
N GLU A 94 7.82 -13.24 31.80
CA GLU A 94 8.45 -12.30 32.72
C GLU A 94 7.50 -11.92 33.84
N LEU A 95 6.25 -11.63 33.50
CA LEU A 95 5.27 -11.33 34.54
C LEU A 95 5.07 -12.52 35.47
N ALA A 96 5.18 -13.74 34.93
CA ALA A 96 5.10 -14.92 35.78
C ALA A 96 6.29 -14.97 36.74
N GLN A 97 7.47 -14.57 36.28
CA GLN A 97 8.61 -14.49 37.17
C GLN A 97 8.39 -13.45 38.27
N GLU A 98 7.83 -12.31 37.92
CA GLU A 98 7.53 -11.29 38.93
C GLU A 98 6.56 -11.83 39.98
N LEU A 99 5.54 -12.55 39.53
CA LEU A 99 4.59 -13.13 40.48
C LEU A 99 5.25 -14.21 41.33
N LEU A 100 6.14 -15.00 40.73
CA LEU A 100 6.84 -16.01 41.50
C LEU A 100 7.76 -15.38 42.53
N TYR A 101 8.29 -14.19 42.23
CA TYR A 101 9.06 -13.48 43.24
C TYR A 101 8.16 -13.03 44.39
N ILE A 102 6.98 -12.51 44.07
CA ILE A 102 6.03 -12.15 45.13
C ILE A 102 5.69 -13.38 45.98
N TYR A 103 5.53 -14.53 45.35
CA TYR A 103 5.19 -15.75 46.09
C TYR A 103 6.35 -16.26 46.93
N TYR A 104 7.57 -16.31 46.38
CA TYR A 104 8.74 -16.67 47.16
C TYR A 104 8.99 -15.69 48.29
N GLN A 105 8.57 -14.44 48.12
CA GLN A 105 8.57 -13.45 49.17
C GLN A 105 7.60 -13.78 50.29
N ILE A 106 6.38 -14.19 49.95
CA ILE A 106 5.41 -14.60 50.96
C ILE A 106 5.94 -15.86 51.64
N LEU A 107 6.71 -16.67 50.90
CA LEU A 107 7.36 -17.82 51.49
C LEU A 107 8.43 -17.40 52.49
N SER A 108 9.11 -16.29 52.22
CA SER A 108 10.15 -15.83 53.14
C SER A 108 9.58 -15.23 54.42
N LEU A 109 8.38 -14.63 54.35
CA LEU A 109 7.79 -14.05 55.55
C LEU A 109 7.37 -15.14 56.52
N LEU A 110 6.90 -16.28 56.02
CA LEU A 110 6.57 -17.44 56.83
C LEU A 110 6.79 -18.69 56.00
N THR A 111 7.29 -19.74 56.62
CA THR A 111 7.82 -20.89 55.89
C THR A 111 6.80 -21.46 54.92
N GLY A 112 7.31 -22.15 53.90
CA GLY A 112 6.53 -22.76 52.85
C GLY A 112 6.02 -24.15 53.16
N ALA A 113 6.51 -24.77 54.24
CA ALA A 113 5.86 -25.93 54.80
C ALA A 113 4.87 -25.57 55.89
N GLN A 114 4.76 -24.28 56.24
CA GLN A 114 3.76 -23.78 57.16
C GLN A 114 2.57 -23.18 56.44
N LEU A 115 2.68 -22.86 55.16
CA LEU A 115 1.51 -22.48 54.38
C LEU A 115 0.69 -23.70 54.00
N SER A 116 1.35 -24.72 53.45
CA SER A 116 0.66 -25.96 53.12
C SER A 116 -0.08 -26.51 54.33
N HIS A 117 0.49 -26.36 55.52
CA HIS A 117 -0.15 -26.87 56.73
C HIS A 117 -1.36 -26.04 57.16
N ILE A 118 -1.24 -24.72 57.21
CA ILE A 118 -2.35 -23.91 57.69
C ILE A 118 -3.45 -23.82 56.65
N PHE A 119 -3.18 -24.26 55.42
CA PHE A 119 -4.23 -24.30 54.42
C PHE A 119 -4.69 -25.72 54.08
N GLN A 120 -4.00 -26.75 54.58
CA GLN A 120 -4.54 -28.09 54.52
C GLN A 120 -5.38 -28.39 55.74
N GLN A 121 -5.34 -27.49 56.72
CA GLN A 121 -6.14 -27.68 57.93
C GLN A 121 -7.49 -26.99 57.80
N LYS A 122 -7.52 -25.82 57.17
CA LYS A 122 -8.77 -25.10 56.93
C LYS A 122 -8.59 -24.20 55.73
N GLN A 123 -9.28 -24.52 54.63
CA GLN A 123 -9.23 -23.68 53.44
C GLN A 123 -9.88 -22.32 53.63
N ASN A 124 -10.54 -22.11 54.76
CA ASN A 124 -11.17 -20.85 55.10
C ASN A 124 -10.19 -19.83 55.65
N TYR A 125 -8.95 -20.23 55.91
CA TYR A 125 -8.02 -19.41 56.68
C TYR A 125 -7.75 -18.09 55.99
N ASP A 126 -8.10 -17.00 56.67
CA ASP A 126 -7.71 -15.66 56.24
C ASP A 126 -6.22 -15.50 56.47
N LEU A 127 -5.49 -15.13 55.42
CA LEU A 127 -4.04 -14.98 55.51
C LEU A 127 -3.59 -13.52 55.57
N ARG A 128 -4.53 -12.57 55.50
CA ARG A 128 -4.19 -11.15 55.62
C ARG A 128 -4.20 -10.68 57.07
N ARG A 129 -4.29 -11.62 58.01
CA ARG A 129 -4.14 -11.28 59.42
C ARG A 129 -3.14 -12.23 60.07
N LEU A 130 -2.28 -12.82 59.24
CA LEU A 130 -1.08 -13.51 59.72
C LEU A 130 0.12 -12.74 59.19
N LEU A 131 0.12 -12.47 57.89
CA LEU A 131 1.08 -11.53 57.29
C LEU A 131 0.39 -10.18 57.11
N SER A 132 0.05 -9.58 58.24
CA SER A 132 -0.53 -8.25 58.27
C SER A 132 0.53 -7.25 58.71
N GLY A 133 0.41 -6.02 58.23
CA GLY A 133 1.40 -5.01 58.44
C GLY A 133 2.62 -5.14 57.55
N SER A 134 3.14 -6.37 57.40
CA SER A 134 4.30 -6.62 56.55
C SER A 134 3.87 -6.69 55.08
N GLU A 135 3.22 -5.60 54.64
CA GLU A 135 2.92 -5.45 53.22
C GLU A 135 4.06 -4.74 52.51
N ARG A 136 4.65 -3.74 53.16
CA ARG A 136 5.73 -2.99 52.52
C ARG A 136 7.00 -3.81 52.38
N ILE A 137 7.01 -5.04 52.88
CA ILE A 137 8.08 -5.96 52.52
C ILE A 137 7.78 -6.58 51.16
N THR A 138 6.49 -6.66 50.80
CA THR A 138 6.05 -7.28 49.56
C THR A 138 5.50 -6.23 48.60
N ASP A 139 5.36 -4.99 49.05
CA ASP A 139 4.91 -3.89 48.20
C ASP A 139 6.04 -3.11 47.57
N ASN A 140 7.23 -3.13 48.17
CA ASN A 140 8.39 -2.49 47.55
C ASN A 140 9.11 -3.44 46.61
N LEU A 141 9.10 -4.74 46.90
CA LEU A 141 9.80 -5.70 46.06
C LEU A 141 9.50 -5.50 44.59
N LEU A 142 8.29 -5.06 44.27
CA LEU A 142 7.98 -4.71 42.88
C LEU A 142 8.74 -3.47 42.44
N GLN A 143 8.91 -2.49 43.32
CA GLN A 143 9.67 -1.30 42.97
C GLN A 143 11.13 -1.66 42.70
N LEU A 144 11.74 -2.45 43.58
CA LEU A 144 13.06 -2.99 43.28
C LEU A 144 13.04 -3.77 41.96
N MET A 145 11.93 -4.44 41.68
CA MET A 145 11.82 -5.18 40.43
C MET A 145 11.74 -4.25 39.24
N ALA A 146 11.41 -2.97 39.48
CA ALA A 146 11.17 -2.03 38.39
C ALA A 146 12.30 -1.02 38.24
N ARG A 147 13.23 -0.98 39.20
CA ARG A 147 14.36 -0.07 39.07
C ARG A 147 15.68 -0.82 39.07
N ASP A 148 15.87 -1.69 40.06
CA ASP A 148 17.13 -2.40 40.17
C ASP A 148 17.16 -3.53 39.14
N PRO A 149 18.25 -3.66 38.37
CA PRO A 149 18.31 -4.67 37.31
C PRO A 149 18.83 -6.03 37.75
N SER A 150 18.99 -6.30 39.04
CA SER A 150 19.50 -7.61 39.44
C SER A 150 18.46 -8.69 39.22
N PHE A 151 17.18 -8.36 39.40
CA PHE A 151 16.11 -9.34 39.22
C PHE A 151 16.07 -9.86 37.80
N LEU A 152 15.85 -8.97 36.83
CA LEU A 152 15.83 -9.38 35.42
C LEU A 152 17.07 -10.19 35.06
N MET A 153 18.20 -9.93 35.71
CA MET A 153 19.41 -10.67 35.40
C MET A 153 19.63 -11.89 36.29
N GLY A 154 18.90 -11.99 37.40
CA GLY A 154 19.05 -13.12 38.30
C GLY A 154 20.48 -13.30 38.76
N ALA A 155 21.06 -12.24 39.33
CA ALA A 155 22.42 -12.27 39.82
C ALA A 155 22.63 -11.05 40.69
N ALA A 156 23.56 -11.17 41.64
CA ALA A 156 23.82 -10.10 42.59
C ALA A 156 24.89 -9.15 42.05
N ARG A 157 24.64 -7.86 42.21
CA ARG A 157 25.52 -6.82 41.68
C ARG A 157 26.59 -6.49 42.71
N CYS A 158 27.81 -6.97 42.48
CA CYS A 158 28.88 -6.80 43.45
C CYS A 158 29.42 -5.38 43.46
N LEU A 159 29.89 -4.95 44.63
CA LEU A 159 30.38 -3.59 44.78
C LEU A 159 31.78 -3.46 44.18
N PRO A 160 32.05 -2.41 43.40
CA PRO A 160 33.39 -2.24 42.83
C PRO A 160 34.40 -1.77 43.86
N LEU A 161 34.97 -2.69 44.62
CA LEU A 161 35.89 -2.37 45.70
C LEU A 161 37.32 -2.50 45.20
N ALA A 162 38.26 -1.90 45.92
CA ALA A 162 39.68 -2.05 45.62
C ALA A 162 40.05 -3.53 45.51
N ALA A 163 41.02 -3.80 44.64
CA ALA A 163 41.38 -5.19 44.35
C ALA A 163 41.81 -5.93 45.61
N ALA A 164 42.65 -5.30 46.43
CA ALA A 164 43.21 -6.00 47.60
C ALA A 164 42.31 -5.82 48.82
N VAL A 165 41.73 -4.63 48.99
CA VAL A 165 40.90 -4.35 50.16
C VAL A 165 39.77 -5.36 50.28
N ARG A 166 39.25 -5.84 49.15
CA ARG A 166 38.21 -6.86 49.19
C ARG A 166 38.71 -8.13 49.84
N ASP A 167 39.96 -8.51 49.57
CA ASP A 167 40.49 -9.72 50.19
C ASP A 167 40.63 -9.54 51.70
N THR A 168 41.00 -8.35 52.14
CA THR A 168 41.14 -8.10 53.58
C THR A 168 39.78 -8.16 54.27
N VAL A 169 38.79 -7.45 53.73
CA VAL A 169 37.46 -7.45 54.36
C VAL A 169 36.86 -8.85 54.33
N SER A 170 37.03 -9.57 53.22
CA SER A 170 36.50 -10.92 53.13
C SER A 170 37.24 -11.86 54.07
N ALA A 171 38.52 -11.60 54.34
CA ALA A 171 39.23 -12.42 55.32
C ALA A 171 38.74 -12.16 56.73
N SER A 172 38.56 -10.88 57.07
CA SER A 172 37.96 -10.54 58.36
C SER A 172 36.62 -11.22 58.54
N LEU A 173 35.85 -11.34 57.46
CA LEU A 173 34.62 -12.13 57.50
C LEU A 173 34.93 -13.61 57.71
N GLN A 174 35.89 -14.13 56.94
CA GLN A 174 36.15 -15.56 56.90
C GLN A 174 36.58 -16.10 58.25
N GLN A 175 37.27 -15.27 59.04
CA GLN A 175 37.79 -15.77 60.31
C GLN A 175 36.68 -16.04 61.33
N ALA A 176 35.69 -15.17 61.41
CA ALA A 176 34.65 -15.31 62.43
C ALA A 176 33.64 -16.38 62.08
N ARG A 177 34.07 -17.63 61.96
CA ARG A 177 33.17 -18.73 61.61
C ARG A 177 32.63 -19.36 62.88
N ALA A 178 31.31 -19.26 63.06
CA ALA A 178 30.65 -19.96 64.14
C ALA A 178 29.99 -21.23 63.62
N ARG A 179 29.78 -22.18 64.52
CA ARG A 179 29.18 -23.45 64.13
C ARG A 179 27.74 -23.27 63.64
N SER A 180 26.93 -22.53 64.38
CA SER A 180 25.56 -22.22 63.99
C SER A 180 25.51 -21.10 62.98
N LEU A 181 26.21 -21.27 61.87
CA LEU A 181 26.25 -20.29 60.79
C LEU A 181 26.29 -21.03 59.47
N VAL A 182 25.69 -20.42 58.45
CA VAL A 182 25.70 -21.03 57.12
C VAL A 182 26.29 -20.08 56.09
N PHE A 183 25.78 -18.85 56.03
CA PHE A 183 26.30 -17.83 55.13
C PHE A 183 26.63 -16.57 55.91
N SER A 184 27.73 -15.92 55.55
CA SER A 184 28.08 -14.59 56.04
C SER A 184 28.12 -13.65 54.85
N ILE A 185 27.15 -12.75 54.78
CA ILE A 185 26.99 -11.86 53.63
C ILE A 185 27.20 -10.43 54.11
N LEU A 186 28.06 -9.68 53.42
CA LEU A 186 28.35 -8.29 53.76
C LEU A 186 27.94 -7.45 52.57
N LEU A 187 26.74 -6.90 52.61
CA LEU A 187 26.24 -6.11 51.50
C LEU A 187 26.20 -4.63 51.86
N ALA A 188 26.26 -3.78 50.83
CA ALA A 188 26.27 -2.34 51.00
C ALA A 188 25.28 -1.71 50.03
N ARG A 189 24.10 -1.39 50.53
CA ARG A 189 23.06 -0.69 49.78
C ARG A 189 22.80 -1.34 48.41
N ASN A 190 22.27 -2.56 48.48
CA ASN A 190 21.86 -3.38 47.34
C ASN A 190 23.04 -3.86 46.53
N GLN A 191 24.25 -3.85 47.07
CA GLN A 191 25.42 -4.36 46.37
C GLN A 191 26.20 -5.26 47.31
N LEU A 192 26.85 -6.26 46.71
CA LEU A 192 27.45 -7.37 47.45
C LEU A 192 28.94 -7.11 47.60
N VAL A 193 29.35 -6.69 48.80
CA VAL A 193 30.77 -6.46 49.06
C VAL A 193 31.51 -7.79 49.11
N ALA A 194 31.10 -8.70 49.99
CA ALA A 194 31.74 -9.99 50.09
C ALA A 194 30.76 -11.01 50.66
N LEU A 195 31.10 -12.29 50.48
CA LEU A 195 30.26 -13.37 50.96
C LEU A 195 31.14 -14.57 51.25
N VAL A 196 30.87 -15.25 52.36
CA VAL A 196 31.55 -16.49 52.73
C VAL A 196 30.49 -17.51 53.13
N ARG A 197 30.36 -18.57 52.35
CA ARG A 197 29.39 -19.61 52.62
C ARG A 197 30.07 -20.77 53.34
N ARG A 198 29.27 -21.52 54.10
CA ARG A 198 29.73 -22.80 54.62
C ARG A 198 30.29 -23.63 53.48
N LYS A 199 31.32 -24.41 53.79
CA LYS A 199 32.05 -25.13 52.75
C LYS A 199 31.11 -26.03 51.96
N ASP A 200 31.34 -26.08 50.64
CA ASP A 200 30.59 -26.96 49.74
C ASP A 200 29.09 -26.71 49.81
N GLN A 201 28.71 -25.43 49.97
CA GLN A 201 27.32 -25.03 49.94
C GLN A 201 27.11 -23.98 48.85
N PHE A 202 25.85 -23.77 48.48
CA PHE A 202 25.53 -22.91 47.36
C PHE A 202 24.29 -22.08 47.66
N LEU A 203 24.39 -20.78 47.41
CA LEU A 203 23.27 -19.88 47.57
C LEU A 203 22.55 -19.67 46.24
N HIS A 204 21.28 -19.27 46.33
CA HIS A 204 20.46 -18.99 45.16
C HIS A 204 20.18 -17.50 45.09
N PRO A 205 20.34 -16.87 43.93
CA PRO A 205 20.16 -15.41 43.84
C PRO A 205 18.79 -14.93 44.26
N ILE A 206 17.74 -15.75 44.10
CA ILE A 206 16.42 -15.34 44.55
C ILE A 206 16.43 -15.08 46.05
N ASP A 207 17.15 -15.91 46.81
CA ASP A 207 17.22 -15.71 48.25
C ASP A 207 17.97 -14.42 48.57
N LEU A 208 19.08 -14.19 47.87
CA LEU A 208 19.85 -12.97 48.09
C LEU A 208 19.00 -11.74 47.83
N HIS A 209 18.17 -11.78 46.79
CA HIS A 209 17.31 -10.63 46.51
C HIS A 209 16.22 -10.47 47.56
N LEU A 210 15.74 -11.58 48.13
CA LEU A 210 14.75 -11.47 49.20
C LEU A 210 15.38 -10.86 50.45
N LEU A 211 16.64 -11.18 50.72
CA LEU A 211 17.32 -10.54 51.85
C LEU A 211 17.58 -9.06 51.57
N PHE A 212 17.99 -8.74 50.34
CA PHE A 212 18.12 -7.36 49.93
C PHE A 212 16.83 -6.59 50.21
N ASN A 213 15.70 -7.16 49.81
CA ASN A 213 14.42 -6.51 50.06
C ASN A 213 14.09 -6.43 51.53
N LEU A 214 14.35 -7.51 52.28
CA LEU A 214 14.15 -7.50 53.73
C LEU A 214 14.83 -6.30 54.35
N ILE A 215 16.10 -6.09 54.01
CA ILE A 215 16.87 -5.02 54.66
C ILE A 215 16.44 -3.65 54.15
N SER A 216 16.32 -3.50 52.83
CA SER A 216 16.02 -2.18 52.28
C SER A 216 14.60 -1.75 52.60
N SER A 217 13.74 -2.69 53.00
CA SER A 217 12.34 -2.37 53.24
C SER A 217 12.17 -1.55 54.51
N SER A 218 12.51 -2.13 55.66
CA SER A 218 12.26 -1.49 56.95
C SER A 218 13.47 -0.69 57.38
N SER A 219 13.23 0.33 58.22
CA SER A 219 14.28 1.19 58.74
C SER A 219 14.81 0.72 60.10
N SER A 220 14.09 -0.18 60.78
CA SER A 220 14.54 -0.65 62.08
C SER A 220 15.95 -1.21 62.03
N PHE A 221 16.31 -1.83 60.91
CA PHE A 221 17.59 -2.52 60.75
C PHE A 221 18.78 -1.60 60.96
N ARG A 222 18.54 -0.28 61.06
CA ARG A 222 19.65 0.66 61.10
C ARG A 222 20.06 1.02 62.52
N GLU A 223 19.17 0.88 63.50
CA GLU A 223 19.48 1.33 64.84
C GLU A 223 20.47 0.40 65.54
N GLY A 224 20.11 -0.87 65.70
CA GLY A 224 20.95 -1.79 66.41
C GLY A 224 20.73 -3.20 65.91
N GLU A 225 21.48 -4.14 66.48
CA GLU A 225 21.38 -5.54 66.10
C GLU A 225 20.01 -6.06 66.50
N ALA A 226 19.15 -6.28 65.52
CA ALA A 226 17.83 -6.85 65.70
C ALA A 226 17.85 -8.26 65.11
N TRP A 227 17.76 -9.26 65.97
CA TRP A 227 17.91 -10.64 65.56
C TRP A 227 16.56 -11.20 65.14
N THR A 228 16.42 -11.45 63.84
CA THR A 228 15.14 -11.75 63.22
C THR A 228 15.18 -13.12 62.56
N PRO A 229 14.02 -13.75 62.38
CA PRO A 229 13.96 -14.98 61.59
C PRO A 229 13.62 -14.70 60.14
N VAL A 230 14.15 -15.53 59.24
CA VAL A 230 13.84 -15.46 57.82
C VAL A 230 14.04 -16.84 57.21
N CYS A 231 13.07 -17.30 56.42
CA CYS A 231 13.29 -18.50 55.64
C CYS A 231 13.68 -18.10 54.23
N LEU A 232 14.74 -18.73 53.72
CA LEU A 232 15.16 -18.53 52.34
C LEU A 232 14.51 -19.65 51.52
N PRO A 233 13.46 -19.35 50.77
CA PRO A 233 12.65 -20.42 50.19
C PRO A 233 13.38 -21.27 49.18
N LYS A 234 14.28 -20.69 48.39
CA LYS A 234 14.93 -21.47 47.35
C LYS A 234 15.98 -22.43 47.91
N PHE A 235 16.52 -22.13 49.09
CA PHE A 235 17.55 -23.00 49.66
C PHE A 235 16.94 -24.14 50.44
N ASN A 236 16.16 -23.84 51.47
CA ASN A 236 15.51 -24.86 52.29
C ASN A 236 14.12 -24.35 52.62
N ALA A 237 13.12 -24.82 51.88
CA ALA A 237 11.77 -24.31 52.04
C ALA A 237 11.13 -24.80 53.33
N ALA A 238 11.75 -25.78 53.99
CA ALA A 238 11.11 -26.44 55.12
C ALA A 238 11.10 -25.56 56.35
N GLY A 239 12.28 -25.18 56.85
CA GLY A 239 12.38 -24.55 58.15
C GLY A 239 12.98 -23.16 58.06
N PHE A 240 12.91 -22.47 59.20
CA PHE A 240 13.40 -21.10 59.30
C PHE A 240 14.92 -21.06 59.41
N PHE A 241 15.48 -19.92 59.03
CA PHE A 241 16.83 -19.52 59.38
C PHE A 241 16.74 -18.26 60.22
N HIS A 242 17.87 -17.82 60.74
CA HIS A 242 17.91 -16.63 61.59
C HIS A 242 19.11 -15.77 61.24
N ALA A 243 18.92 -14.45 61.30
CA ALA A 243 19.99 -13.53 60.98
C ALA A 243 19.72 -12.20 61.64
N HIS A 244 20.78 -11.42 61.82
CA HIS A 244 20.67 -10.11 62.45
C HIS A 244 21.54 -9.11 61.71
N ILE A 245 21.27 -7.83 61.96
CA ILE A 245 21.62 -6.77 61.01
C ILE A 245 22.40 -5.62 61.64
N SER A 246 23.71 -5.70 61.57
CA SER A 246 24.54 -4.59 62.05
C SER A 246 24.83 -3.63 60.91
N TYR A 247 24.13 -2.50 60.88
CA TYR A 247 24.49 -1.39 60.03
C TYR A 247 25.73 -0.74 60.64
N LEU A 248 26.90 -1.10 60.12
CA LEU A 248 28.15 -0.88 60.83
C LEU A 248 28.38 0.60 61.16
N GLU A 249 28.49 1.44 60.16
CA GLU A 249 28.75 2.84 60.42
C GLU A 249 27.42 3.61 60.52
N PRO A 250 27.22 4.38 61.58
CA PRO A 250 25.91 5.03 61.78
C PRO A 250 25.54 6.02 60.67
N ASP A 251 26.54 6.55 59.96
CA ASP A 251 26.23 7.49 58.89
C ASP A 251 26.00 6.77 57.56
N THR A 252 26.88 5.86 57.20
CA THR A 252 26.76 5.15 55.94
C THR A 252 25.86 3.92 56.11
N ASP A 253 25.87 3.06 55.08
CA ASP A 253 25.04 1.87 55.03
C ASP A 253 25.89 0.70 54.55
N LEU A 254 26.37 -0.11 55.49
CA LEU A 254 27.12 -1.31 55.21
C LEU A 254 26.73 -2.39 56.21
N CYS A 255 25.77 -3.24 55.82
CA CYS A 255 25.27 -4.28 56.70
C CYS A 255 25.91 -5.62 56.36
N LEU A 256 26.20 -6.39 57.39
CA LEU A 256 26.65 -7.76 57.25
C LEU A 256 25.52 -8.68 57.68
N LEU A 257 25.40 -9.82 57.00
CA LEU A 257 24.36 -10.79 57.30
C LEU A 257 24.99 -12.06 57.84
N LEU A 258 24.48 -12.50 58.99
CA LEU A 258 24.89 -13.76 59.56
C LEU A 258 23.65 -14.64 59.69
N VAL A 259 23.38 -15.43 58.66
CA VAL A 259 22.25 -16.34 58.66
C VAL A 259 22.65 -17.61 59.39
N SER A 260 21.80 -18.05 60.31
CA SER A 260 22.16 -19.06 61.30
C SER A 260 21.17 -20.22 61.25
N THR A 261 21.50 -21.30 61.96
CA THR A 261 20.70 -22.52 61.93
C THR A 261 19.84 -22.73 63.16
N ASP A 262 20.03 -21.95 64.23
CA ASP A 262 19.22 -22.11 65.42
C ASP A 262 18.77 -20.74 65.93
N ARG A 263 17.71 -20.74 66.73
CA ARG A 263 16.98 -19.50 67.01
C ARG A 263 17.52 -18.73 68.19
N GLU A 264 18.12 -19.40 69.18
CA GLU A 264 18.53 -18.70 70.41
C GLU A 264 20.04 -18.60 70.51
N ASP A 265 20.74 -18.61 69.37
CA ASP A 265 22.18 -18.42 69.33
C ASP A 265 22.57 -16.95 69.22
N PHE A 266 21.70 -16.06 69.69
CA PHE A 266 21.91 -14.61 69.54
C PHE A 266 23.32 -14.21 69.91
N PHE A 267 23.85 -14.74 71.02
CA PHE A 267 25.13 -14.25 71.52
C PHE A 267 26.30 -14.95 70.84
N ALA A 268 26.18 -16.27 70.62
CA ALA A 268 27.28 -17.01 70.01
C ALA A 268 27.63 -16.47 68.62
N VAL A 269 26.63 -15.96 67.91
CA VAL A 269 26.89 -15.40 66.59
C VAL A 269 27.01 -13.87 66.65
N SER A 270 26.34 -13.24 67.62
CA SER A 270 26.46 -11.79 67.76
C SER A 270 27.84 -11.39 68.23
N ASP A 271 28.58 -12.30 68.86
CA ASP A 271 29.99 -12.05 69.14
C ASP A 271 30.77 -11.91 67.84
N CYS A 272 30.36 -12.66 66.80
CA CYS A 272 31.05 -12.59 65.52
C CYS A 272 30.97 -11.21 64.91
N ARG A 273 29.95 -10.42 65.27
CA ARG A 273 29.88 -9.05 64.79
C ARG A 273 31.12 -8.27 65.15
N ARG A 274 31.46 -8.22 66.44
CA ARG A 274 32.66 -7.50 66.85
C ARG A 274 33.93 -8.27 66.55
N ARG A 275 33.92 -9.61 66.65
CA ARG A 275 35.11 -10.37 66.32
C ARG A 275 35.49 -10.20 64.85
N PHE A 276 34.53 -9.84 64.01
CA PHE A 276 34.83 -9.48 62.63
C PHE A 276 35.21 -8.01 62.52
N GLN A 277 34.38 -7.12 63.07
CA GLN A 277 34.59 -5.69 62.91
C GLN A 277 35.94 -5.24 63.45
N GLU A 278 36.43 -5.86 64.53
CA GLU A 278 37.62 -5.34 65.21
C GLU A 278 38.87 -5.52 64.38
N ARG A 279 39.09 -6.70 63.83
CA ARG A 279 40.30 -6.94 63.06
C ARG A 279 40.30 -6.10 61.79
N LEU A 280 39.14 -5.98 61.15
CA LEU A 280 39.01 -5.10 60.00
C LEU A 280 39.35 -3.66 60.38
N ARG A 281 38.80 -3.18 61.50
CA ARG A 281 39.00 -1.78 61.86
C ARG A 281 40.44 -1.50 62.25
N LYS A 282 41.11 -2.45 62.89
CA LYS A 282 42.52 -2.26 63.23
C LYS A 282 43.44 -2.44 62.03
N ARG A 283 43.00 -3.18 61.00
CA ARG A 283 43.82 -3.31 59.80
C ARG A 283 43.96 -1.99 59.06
N GLY A 284 43.17 -0.99 59.44
CA GLY A 284 43.04 0.22 58.64
C GLY A 284 42.24 0.03 57.38
N ALA A 285 42.03 -1.21 56.95
CA ALA A 285 41.22 -1.49 55.77
C ALA A 285 39.80 -0.98 55.94
N HIS A 286 39.37 -0.73 57.19
CA HIS A 286 38.06 -0.13 57.40
C HIS A 286 37.99 1.26 56.80
N LEU A 287 39.10 1.99 56.82
CA LEU A 287 39.12 3.32 56.23
C LEU A 287 39.01 3.25 54.71
N ALA A 288 39.71 2.30 54.09
CA ALA A 288 39.60 2.13 52.64
C ALA A 288 38.21 1.66 52.25
N LEU A 289 37.61 0.80 53.07
CA LEU A 289 36.22 0.39 52.83
C LEU A 289 35.28 1.58 52.89
N ARG A 290 35.39 2.39 53.95
CA ARG A 290 34.58 3.61 54.06
C ARG A 290 34.80 4.52 52.86
N GLU A 291 36.04 4.62 52.38
CA GLU A 291 36.32 5.53 51.27
C GLU A 291 35.72 5.02 49.97
N ALA A 292 35.85 3.72 49.70
CA ALA A 292 35.19 3.14 48.54
C ALA A 292 33.68 3.29 48.65
N LEU A 293 33.16 3.29 49.88
CA LEU A 293 31.73 3.42 50.11
C LEU A 293 31.30 4.86 49.85
N ARG A 294 32.22 5.82 50.03
CA ARG A 294 31.89 7.22 49.75
C ARG A 294 31.30 7.38 48.36
N THR A 295 31.86 6.68 47.38
CA THR A 295 31.30 6.68 46.03
C THR A 295 31.28 5.24 45.49
N PRO A 296 30.19 4.52 45.72
CA PRO A 296 30.09 3.12 45.28
C PRO A 296 29.62 2.95 43.83
N TYR A 297 29.13 3.99 43.19
CA TYR A 297 28.62 3.90 41.83
C TYR A 297 29.60 4.59 40.88
N TYR A 298 30.01 3.87 39.85
CA TYR A 298 30.93 4.37 38.84
C TYR A 298 30.16 4.71 37.59
N SER A 299 30.24 5.96 37.15
CA SER A 299 29.53 6.38 35.95
C SER A 299 30.10 5.70 34.71
N VAL A 300 29.49 5.98 33.57
CA VAL A 300 29.87 5.33 32.32
C VAL A 300 30.92 6.10 31.54
N ALA A 301 31.05 7.41 31.79
CA ALA A 301 32.06 8.20 31.10
C ALA A 301 33.46 7.64 31.33
N GLN A 302 33.68 7.01 32.49
CA GLN A 302 34.97 6.39 32.78
C GLN A 302 35.39 5.43 31.70
N VAL A 303 34.42 4.83 30.99
CA VAL A 303 34.76 3.91 29.92
C VAL A 303 35.42 4.63 28.75
N GLY A 304 35.07 5.89 28.51
CA GLY A 304 35.62 6.61 27.39
C GLY A 304 35.04 6.12 26.08
N ILE A 305 33.72 6.17 25.97
CA ILE A 305 33.02 5.73 24.76
C ILE A 305 31.94 6.76 24.42
N PRO A 306 32.03 7.44 23.29
CA PRO A 306 30.91 8.28 22.86
C PRO A 306 29.77 7.41 22.35
N ASP A 307 28.55 7.94 22.47
CA ASP A 307 27.34 7.22 22.11
C ASP A 307 27.20 5.95 22.96
N LEU A 308 27.08 6.13 24.27
CA LEU A 308 26.87 5.01 25.18
C LEU A 308 26.23 5.51 26.46
N ARG A 309 25.00 5.07 26.71
CA ARG A 309 24.24 5.56 27.85
C ARG A 309 24.18 4.60 29.02
N HIS A 310 24.27 3.30 28.81
CA HIS A 310 24.26 2.39 29.95
C HIS A 310 24.65 1.00 29.47
N PHE A 311 25.05 0.14 30.41
CA PHE A 311 25.27 -1.25 30.06
C PHE A 311 25.19 -2.13 31.30
N LEU A 312 25.00 -3.42 31.07
CA LEU A 312 25.05 -4.46 32.08
C LEU A 312 26.00 -5.53 31.58
N TYR A 313 26.74 -6.14 32.48
CA TYR A 313 27.69 -7.18 32.13
C TYR A 313 27.64 -8.25 33.21
N LYS A 314 27.42 -9.49 32.82
CA LYS A 314 27.30 -10.58 33.77
C LYS A 314 28.21 -11.71 33.35
N SER A 315 28.93 -12.29 34.31
CA SER A 315 29.90 -13.33 34.03
C SER A 315 29.32 -14.69 34.40
N LYS A 316 29.00 -15.49 33.39
CA LYS A 316 28.44 -16.82 33.63
C LYS A 316 29.40 -17.69 34.46
N SER A 317 30.70 -17.42 34.38
CA SER A 317 31.67 -18.20 35.14
C SER A 317 31.40 -18.06 36.64
N SER A 318 31.28 -16.83 37.13
CA SER A 318 31.12 -16.59 38.56
C SER A 318 29.67 -16.40 38.98
N GLY A 319 28.89 -15.63 38.24
CA GLY A 319 27.49 -15.45 38.56
C GLY A 319 27.11 -14.10 39.12
N LEU A 320 27.97 -13.10 39.00
CA LEU A 320 27.65 -11.74 39.43
C LEU A 320 27.62 -10.85 38.20
N PHE A 321 27.18 -9.61 38.39
CA PHE A 321 27.12 -8.68 37.27
C PHE A 321 27.46 -7.28 37.74
N THR A 322 27.75 -6.40 36.78
CA THR A 322 28.09 -5.01 37.04
C THR A 322 27.30 -4.10 36.12
N SER A 323 27.15 -2.85 36.52
CA SER A 323 26.45 -1.86 35.72
C SER A 323 26.72 -0.48 36.28
N PRO A 324 26.97 0.51 35.43
CA PRO A 324 27.15 1.87 35.92
C PRO A 324 25.88 2.41 36.53
N GLU A 325 25.99 3.61 37.10
CA GLU A 325 24.81 4.34 37.52
C GLU A 325 24.05 4.81 36.29
N ILE A 326 22.75 4.56 36.24
CA ILE A 326 21.91 5.01 35.13
C ILE A 326 21.54 6.46 35.40
N GLU A 327 22.14 7.38 34.64
CA GLU A 327 22.11 8.78 35.02
C GLU A 327 21.68 9.76 33.94
N ALA A 328 22.14 9.62 32.69
CA ALA A 328 22.11 10.80 31.83
C ALA A 328 20.69 11.19 31.41
N PRO A 329 19.97 10.43 30.55
CA PRO A 329 18.55 10.79 30.37
C PRO A 329 17.63 10.05 31.32
N TYR A 330 18.00 8.82 31.69
CA TYR A 330 17.16 7.99 32.54
C TYR A 330 17.37 8.38 34.00
N THR A 331 16.74 9.47 34.42
CA THR A 331 16.81 9.88 35.81
C THR A 331 15.41 9.85 36.43
N SER A 332 14.43 10.29 35.65
CA SER A 332 13.04 10.18 36.07
C SER A 332 12.69 8.73 36.37
N GLU A 333 12.07 8.51 37.52
CA GLU A 333 11.76 7.15 37.95
C GLU A 333 10.88 6.40 36.96
N GLU A 334 10.31 7.06 35.96
CA GLU A 334 9.60 6.34 34.91
C GLU A 334 10.56 5.84 33.84
N GLU A 335 11.40 6.74 33.31
CA GLU A 335 12.35 6.32 32.29
C GLU A 335 13.26 5.21 32.79
N GLN A 336 13.44 5.12 34.11
CA GLN A 336 14.25 4.05 34.67
C GLN A 336 13.62 2.69 34.41
N GLU A 337 12.31 2.57 34.63
CA GLU A 337 11.63 1.31 34.30
C GLU A 337 11.60 1.06 32.80
N ARG A 338 11.38 2.11 32.01
CA ARG A 338 11.37 1.96 30.56
C ARG A 338 12.67 1.37 30.07
N LEU A 339 13.80 1.95 30.47
CA LEU A 339 15.09 1.36 30.14
C LEU A 339 15.20 -0.05 30.68
N LEU A 340 14.76 -0.27 31.93
CA LEU A 340 14.88 -1.59 32.53
C LEU A 340 14.13 -2.63 31.74
N GLY A 341 12.95 -2.27 31.23
CA GLY A 341 12.17 -3.16 30.40
C GLY A 341 12.85 -3.54 29.10
N LEU A 342 13.83 -2.76 28.64
CA LEU A 342 14.52 -3.09 27.41
C LEU A 342 15.50 -4.22 27.62
N TYR A 343 16.29 -4.17 28.68
CA TYR A 343 17.13 -5.32 29.01
C TYR A 343 16.32 -6.55 29.35
N GLN A 344 15.13 -6.37 29.93
CA GLN A 344 14.24 -7.51 30.10
C GLN A 344 13.90 -8.15 28.76
N TYR A 345 13.57 -7.31 27.78
CA TYR A 345 13.27 -7.80 26.44
C TYR A 345 14.45 -8.61 25.89
N LEU A 346 15.65 -8.02 25.89
CA LEU A 346 16.80 -8.71 25.31
C LEU A 346 17.18 -9.96 26.10
N HIS A 347 17.03 -9.92 27.42
CA HIS A 347 17.40 -11.08 28.22
C HIS A 347 16.45 -12.24 27.97
N SER A 348 15.16 -11.96 27.87
CA SER A 348 14.21 -13.02 27.54
C SER A 348 14.41 -13.50 26.12
N ARG A 349 14.74 -12.59 25.21
CA ARG A 349 14.82 -12.95 23.79
C ARG A 349 16.09 -13.73 23.49
N ALA A 350 17.13 -13.57 24.30
CA ALA A 350 18.37 -14.31 24.09
C ALA A 350 18.50 -15.52 25.00
N HIS A 351 17.45 -15.87 25.74
CA HIS A 351 17.45 -17.03 26.62
C HIS A 351 16.20 -17.87 26.43
N ASN A 352 15.55 -17.76 25.28
CA ASN A 352 14.44 -18.65 24.96
C ASN A 352 14.97 -20.04 24.70
N ALA A 353 14.80 -20.93 25.68
CA ALA A 353 15.47 -22.23 25.65
C ALA A 353 15.24 -22.96 24.34
N SER A 354 14.10 -22.72 23.70
CA SER A 354 13.85 -23.33 22.40
C SER A 354 14.71 -22.69 21.32
N ARG A 355 14.56 -21.38 21.13
CA ARG A 355 15.30 -20.63 20.13
C ARG A 355 16.27 -19.67 20.82
N PRO A 356 17.54 -20.04 20.96
CA PRO A 356 18.49 -19.12 21.58
C PRO A 356 19.21 -18.27 20.54
N LEU A 357 19.50 -17.02 20.88
CA LEU A 357 20.26 -16.12 20.02
C LEU A 357 21.61 -15.87 20.66
N LYS A 358 22.53 -15.28 19.90
CA LYS A 358 23.81 -14.91 20.50
C LYS A 358 24.30 -13.54 20.03
N THR A 359 23.43 -12.73 19.44
CA THR A 359 23.71 -11.34 19.14
C THR A 359 22.40 -10.67 18.74
N ILE A 360 22.05 -9.56 19.39
CA ILE A 360 20.85 -8.84 19.01
C ILE A 360 21.26 -7.43 18.63
N TYR A 361 20.32 -6.63 18.14
CA TYR A 361 20.51 -5.22 17.84
C TYR A 361 19.15 -4.63 17.56
N TYR A 362 18.91 -3.43 18.08
CA TYR A 362 17.60 -2.81 17.92
C TYR A 362 17.81 -1.32 17.69
N THR A 363 17.47 -0.84 16.51
CA THR A 363 17.67 0.56 16.14
C THR A 363 16.31 1.25 16.06
N GLY A 364 15.84 1.75 17.19
CA GLY A 364 14.50 2.28 17.27
C GLY A 364 14.40 3.79 17.16
N PRO A 365 13.22 4.32 17.49
CA PRO A 365 13.05 5.78 17.60
C PRO A 365 13.44 6.35 18.96
N ASN A 366 14.18 5.58 19.74
CA ASN A 366 14.59 5.94 21.09
C ASN A 366 15.98 5.34 21.25
N GLU A 367 16.44 5.14 22.48
CA GLU A 367 17.68 4.41 22.69
C GLU A 367 17.72 3.19 21.79
N ASN A 368 18.84 2.99 21.11
CA ASN A 368 19.03 1.82 20.26
C ASN A 368 20.13 0.98 20.87
N LEU A 369 19.86 -0.30 21.06
CA LEU A 369 20.66 -1.13 21.96
C LEU A 369 21.18 -2.36 21.26
N LEU A 370 22.28 -2.88 21.79
CA LEU A 370 22.88 -4.12 21.36
C LEU A 370 22.93 -5.05 22.55
N ALA A 371 22.97 -6.35 22.28
CA ALA A 371 22.98 -7.34 23.34
C ALA A 371 23.83 -8.53 22.91
N TRP A 372 25.10 -8.51 23.30
CA TRP A 372 25.98 -9.62 23.00
C TRP A 372 25.85 -10.70 24.06
N VAL A 373 26.05 -11.95 23.66
CA VAL A 373 25.95 -13.10 24.56
C VAL A 373 26.88 -14.18 24.04
N THR A 374 27.65 -14.79 24.94
CA THR A 374 28.51 -15.90 24.58
C THR A 374 28.60 -16.87 25.76
N GLY A 375 29.57 -17.77 25.69
CA GLY A 375 29.71 -18.77 26.74
C GLY A 375 30.11 -18.17 28.07
N ALA A 376 30.98 -17.17 28.04
CA ALA A 376 31.56 -16.66 29.28
C ALA A 376 30.75 -15.52 29.89
N PHE A 377 30.14 -14.66 29.08
CA PHE A 377 29.60 -13.42 29.60
C PHE A 377 28.40 -12.97 28.77
N GLU A 378 27.45 -12.35 29.44
CA GLU A 378 26.31 -11.69 28.81
C GLU A 378 26.49 -10.19 28.92
N LEU A 379 26.59 -9.53 27.78
CA LEU A 379 26.85 -8.10 27.71
C LEU A 379 25.67 -7.40 27.03
N TYR A 380 24.99 -6.53 27.76
CA TYR A 380 23.87 -5.77 27.24
C TYR A 380 24.23 -4.30 27.28
N MET A 381 23.90 -3.56 26.22
CA MET A 381 24.26 -2.16 26.16
C MET A 381 23.04 -1.31 25.85
N CYS A 382 23.24 0.01 25.85
CA CYS A 382 22.18 0.93 25.49
C CYS A 382 22.81 2.26 25.09
N TYR A 383 22.57 2.66 23.84
CA TYR A 383 23.18 3.77 23.13
C TYR A 383 22.24 4.96 23.04
N SER A 384 22.64 5.95 22.25
CA SER A 384 21.80 7.02 21.76
C SER A 384 21.44 6.73 20.31
N PRO A 385 20.19 6.95 19.91
CA PRO A 385 19.70 6.45 18.62
C PRO A 385 20.55 6.84 17.42
N LEU A 386 21.34 7.91 17.50
CA LEU A 386 22.17 8.33 16.37
C LEU A 386 23.52 7.61 16.45
N GLY A 387 23.43 6.29 16.47
CA GLY A 387 24.64 5.48 16.49
C GLY A 387 24.68 4.50 15.34
N THR A 388 25.60 4.72 14.41
CA THR A 388 25.80 3.79 13.32
C THR A 388 26.18 2.42 13.86
N LYS A 389 25.86 1.38 13.09
CA LYS A 389 26.20 0.03 13.52
C LYS A 389 27.70 -0.14 13.67
N ALA A 390 28.49 0.55 12.84
CA ALA A 390 29.93 0.51 13.00
C ALA A 390 30.34 1.07 14.36
N SER A 391 29.76 2.20 14.75
CA SER A 391 30.08 2.79 16.05
C SER A 391 29.71 1.86 17.19
N ALA A 392 28.60 1.13 17.05
CA ALA A 392 28.18 0.22 18.11
C ALA A 392 29.09 -0.99 18.18
N VAL A 393 29.49 -1.53 17.04
CA VAL A 393 30.39 -2.69 17.04
C VAL A 393 31.80 -2.28 17.46
N SER A 394 32.10 -0.99 17.40
CA SER A 394 33.38 -0.52 17.95
C SER A 394 33.29 -0.33 19.46
N ALA A 395 32.23 0.31 19.93
CA ALA A 395 31.99 0.45 21.35
C ALA A 395 31.87 -0.90 22.07
N ILE A 396 31.37 -1.93 21.39
CA ILE A 396 31.23 -3.25 22.02
C ILE A 396 32.56 -3.96 22.20
N HIS A 397 33.62 -3.51 21.54
CA HIS A 397 34.94 -4.03 21.83
C HIS A 397 35.72 -3.11 22.76
N LYS A 398 35.53 -1.80 22.62
CA LYS A 398 36.17 -0.87 23.54
C LYS A 398 35.71 -1.13 24.98
N LEU A 399 34.38 -1.16 25.20
CA LEU A 399 33.87 -1.42 26.53
C LEU A 399 34.34 -2.77 27.07
N MET A 400 34.34 -3.80 26.22
CA MET A 400 34.81 -5.10 26.66
C MET A 400 36.26 -5.04 27.10
N ARG A 401 37.08 -4.23 26.40
CA ARG A 401 38.46 -4.07 26.83
C ARG A 401 38.55 -3.36 28.17
N TRP A 402 37.77 -2.29 28.36
CA TRP A 402 37.76 -1.59 29.63
C TRP A 402 37.31 -2.50 30.76
N ILE A 403 36.46 -3.48 30.45
CA ILE A 403 36.01 -4.41 31.47
C ILE A 403 37.11 -5.40 31.81
N ARG A 404 37.61 -6.13 30.79
CA ARG A 404 38.65 -7.12 31.04
C ARG A 404 39.88 -6.50 31.68
N LYS A 405 40.10 -5.21 31.46
CA LYS A 405 41.25 -4.55 32.09
C LYS A 405 40.95 -4.18 33.54
N GLU A 406 39.75 -3.69 33.82
CA GLU A 406 39.38 -3.23 35.16
C GLU A 406 38.55 -4.26 35.90
N GLU A 407 38.57 -5.51 35.45
CA GLU A 407 37.68 -6.54 35.97
C GLU A 407 37.87 -6.76 37.47
N ASP A 408 39.08 -7.15 37.87
CA ASP A 408 39.32 -7.54 39.26
C ASP A 408 38.92 -6.47 40.26
N ARG A 409 38.71 -5.23 39.82
CA ARG A 409 38.26 -4.21 40.74
C ARG A 409 36.75 -4.25 40.93
N LEU A 410 35.99 -4.52 39.87
CA LEU A 410 34.54 -4.41 39.95
C LEU A 410 33.84 -5.73 40.22
N PHE A 411 34.58 -6.81 40.49
CA PHE A 411 33.98 -8.11 40.67
C PHE A 411 34.44 -8.74 41.99
N ILE A 412 34.10 -10.02 42.17
CA ILE A 412 34.56 -10.82 43.30
C ILE A 412 35.14 -12.08 42.68
N LEU A 413 36.47 -12.18 42.63
CA LEU A 413 37.11 -13.17 41.77
C LEU A 413 37.28 -14.51 42.47
N THR A 414 37.45 -14.52 43.78
CA THR A 414 37.70 -15.76 44.50
C THR A 414 36.54 -16.06 45.43
N PRO A 415 35.88 -17.21 45.30
CA PRO A 415 34.81 -17.56 46.23
C PRO A 415 35.40 -17.97 47.57
N LEU A 416 34.91 -17.33 48.63
CA LEU A 416 35.40 -17.57 49.98
C LEU A 416 34.51 -18.60 50.66
N THR A 417 35.15 -19.62 51.23
CA THR A 417 34.45 -20.68 51.93
C THR A 417 34.87 -20.70 53.39
N TYR A 418 33.92 -20.99 54.26
CA TYR A 418 34.19 -21.08 55.70
C TYR A 418 35.16 -22.21 56.03
N GLU B 17 9.02 -40.42 18.32
CA GLU B 17 8.76 -39.03 18.69
C GLU B 17 7.57 -38.49 17.93
N LYS B 18 6.76 -37.66 18.57
CA LYS B 18 5.58 -37.07 17.93
C LYS B 18 5.54 -35.58 18.19
N GLN B 19 5.35 -34.81 17.13
CA GLN B 19 5.17 -33.36 17.22
C GLN B 19 3.77 -33.03 16.69
N PHE B 20 2.79 -33.02 17.58
CA PHE B 20 1.43 -32.69 17.22
C PHE B 20 1.36 -31.21 16.89
N PRO B 21 1.16 -30.83 15.62
CA PRO B 21 1.10 -29.41 15.30
C PRO B 21 -0.21 -28.83 15.78
N PRO B 22 -0.34 -27.51 15.79
CA PRO B 22 -1.62 -26.90 16.16
C PRO B 22 -2.71 -27.29 15.18
N ALA B 23 -3.95 -27.23 15.65
CA ALA B 23 -5.08 -27.65 14.85
C ALA B 23 -6.33 -27.02 15.44
N LEU B 24 -7.29 -26.73 14.57
CA LEU B 24 -8.49 -26.02 14.97
C LEU B 24 -9.29 -26.89 15.94
N LEU B 25 -9.23 -26.54 17.23
CA LEU B 25 -9.98 -27.29 18.22
C LEU B 25 -11.45 -26.96 18.16
N SER B 26 -11.80 -25.68 18.05
CA SER B 26 -13.20 -25.28 17.95
C SER B 26 -13.30 -23.90 17.35
N PHE B 27 -14.53 -23.52 17.00
CA PHE B 27 -14.81 -22.21 16.41
C PHE B 27 -16.26 -21.90 16.71
N PHE B 28 -16.56 -20.72 17.22
CA PHE B 28 -17.97 -20.44 17.40
C PHE B 28 -18.24 -18.95 17.28
N ILE B 29 -19.53 -18.63 17.20
CA ILE B 29 -20.02 -17.27 17.01
C ILE B 29 -21.24 -17.10 17.89
N TYR B 30 -21.22 -16.09 18.75
CA TYR B 30 -22.32 -15.85 19.65
C TYR B 30 -22.65 -14.36 19.66
N ASN B 31 -23.70 -14.03 20.40
CA ASN B 31 -24.19 -12.67 20.56
C ASN B 31 -24.79 -12.56 21.93
N PRO B 32 -24.14 -11.87 22.87
CA PRO B 32 -24.60 -11.87 24.27
C PRO B 32 -25.86 -11.07 24.52
N ARG B 33 -26.57 -10.59 23.51
CA ARG B 33 -27.89 -10.02 23.75
C ARG B 33 -29.00 -11.03 23.53
N PHE B 34 -28.88 -11.89 22.52
CA PHE B 34 -29.88 -12.91 22.24
C PHE B 34 -29.98 -13.82 23.45
N GLY B 35 -31.21 -14.26 23.75
CA GLY B 35 -31.46 -15.02 24.95
C GLY B 35 -30.93 -14.32 26.18
N PRO B 36 -31.42 -13.11 26.45
CA PRO B 36 -30.93 -12.35 27.60
C PRO B 36 -31.31 -12.96 28.94
N ARG B 37 -32.36 -13.76 28.99
CA ARG B 37 -32.84 -14.34 30.23
C ARG B 37 -32.52 -15.84 30.29
N GLU B 38 -32.32 -16.33 31.51
CA GLU B 38 -31.97 -17.73 31.69
C GLU B 38 -33.08 -18.63 31.17
N GLY B 39 -32.73 -19.88 30.88
CA GLY B 39 -33.59 -20.72 30.08
C GLY B 39 -33.50 -20.44 28.60
N GLN B 40 -32.92 -19.32 28.20
CA GLN B 40 -32.68 -19.01 26.80
C GLN B 40 -31.20 -18.85 26.48
N GLU B 41 -30.32 -19.40 27.31
CA GLU B 41 -28.89 -19.26 27.07
C GLU B 41 -28.47 -19.88 25.75
N GLU B 42 -29.11 -20.98 25.36
CA GLU B 42 -28.78 -21.62 24.10
C GLU B 42 -29.02 -20.69 22.91
N ASN B 43 -29.79 -19.62 23.11
CA ASN B 43 -30.04 -18.69 22.03
C ASN B 43 -28.87 -17.73 21.80
N LYS B 44 -27.86 -17.75 22.67
CA LYS B 44 -26.68 -16.93 22.43
C LYS B 44 -25.83 -17.47 21.29
N ILE B 45 -25.82 -18.78 21.07
CA ILE B 45 -24.91 -19.40 20.13
C ILE B 45 -25.54 -19.36 18.75
N LEU B 46 -24.94 -18.59 17.83
CA LEU B 46 -25.34 -18.62 16.44
C LEU B 46 -24.56 -19.62 15.61
N PHE B 47 -23.39 -20.06 16.06
CA PHE B 47 -22.70 -21.12 15.33
C PHE B 47 -21.67 -21.75 16.25
N TYR B 48 -21.48 -23.07 16.09
CA TYR B 48 -20.51 -23.81 16.89
C TYR B 48 -20.00 -25.00 16.10
N HIS B 49 -18.70 -25.05 15.86
CA HIS B 49 -18.02 -26.14 15.19
C HIS B 49 -16.97 -26.73 16.11
N PRO B 50 -16.97 -28.05 16.35
CA PRO B 50 -17.90 -29.02 15.75
C PRO B 50 -19.25 -28.99 16.43
N ASN B 51 -20.30 -29.42 15.73
CA ASN B 51 -21.65 -29.31 16.24
C ASN B 51 -22.06 -30.49 17.11
N GLU B 52 -21.25 -31.55 17.15
CA GLU B 52 -21.59 -32.76 17.90
C GLU B 52 -21.31 -32.64 19.40
N VAL B 53 -20.86 -31.47 19.87
CA VAL B 53 -20.52 -31.33 21.28
C VAL B 53 -21.78 -31.23 22.11
N GLU B 54 -21.73 -31.80 23.32
CA GLU B 54 -22.86 -31.76 24.22
C GLU B 54 -23.27 -30.31 24.48
N LYS B 55 -24.58 -30.06 24.45
CA LYS B 55 -25.09 -28.69 24.52
C LYS B 55 -24.56 -27.94 25.73
N ASN B 56 -24.49 -28.61 26.89
CA ASN B 56 -23.95 -27.96 28.08
C ASN B 56 -22.51 -27.53 27.87
N GLU B 57 -21.74 -28.33 27.13
CA GLU B 57 -20.36 -27.95 26.84
C GLU B 57 -20.30 -26.74 25.92
N LYS B 58 -21.18 -26.68 24.92
CA LYS B 58 -21.32 -25.46 24.12
C LYS B 58 -21.50 -24.25 25.01
N ILE B 59 -22.51 -24.30 25.88
CA ILE B 59 -22.80 -23.12 26.67
C ILE B 59 -21.71 -22.84 27.69
N ARG B 60 -20.96 -23.86 28.09
CA ARG B 60 -19.86 -23.60 29.00
C ARG B 60 -18.73 -22.85 28.30
N ASN B 61 -18.36 -23.27 27.08
CA ASN B 61 -17.32 -22.54 26.36
C ASN B 61 -17.77 -21.12 26.03
N VAL B 62 -19.03 -20.95 25.64
CA VAL B 62 -19.52 -19.60 25.34
C VAL B 62 -19.54 -18.75 26.61
N GLY B 63 -19.94 -19.36 27.73
CA GLY B 63 -19.93 -18.63 28.98
C GLY B 63 -18.53 -18.23 29.39
N LEU B 64 -17.54 -19.08 29.13
CA LEU B 64 -16.17 -18.75 29.50
C LEU B 64 -15.64 -17.59 28.67
N CYS B 65 -15.90 -17.62 27.37
CA CYS B 65 -15.44 -16.51 26.53
C CYS B 65 -16.13 -15.21 26.92
N GLU B 66 -17.44 -15.28 27.19
CA GLU B 66 -18.15 -14.07 27.57
C GLU B 66 -17.70 -13.57 28.94
N ALA B 67 -17.33 -14.50 29.82
CA ALA B 67 -16.83 -14.10 31.13
C ALA B 67 -15.47 -13.42 31.02
N ILE B 68 -14.62 -13.92 30.13
CA ILE B 68 -13.30 -13.31 29.96
C ILE B 68 -13.44 -11.91 29.38
N VAL B 69 -14.34 -11.74 28.41
CA VAL B 69 -14.58 -10.40 27.89
C VAL B 69 -15.11 -9.48 28.99
N GLN B 70 -16.14 -9.91 29.72
CA GLN B 70 -16.68 -9.11 30.79
C GLN B 70 -15.64 -8.82 31.86
N PHE B 71 -14.63 -9.69 31.98
CA PHE B 71 -13.57 -9.50 32.97
C PHE B 71 -12.58 -8.43 32.51
N THR B 72 -11.97 -8.62 31.34
CA THR B 72 -11.01 -7.63 30.88
C THR B 72 -11.68 -6.35 30.40
N ARG B 73 -13.00 -6.24 30.56
CA ARG B 73 -13.61 -4.92 30.47
C ARG B 73 -13.68 -4.21 31.81
N THR B 74 -13.26 -4.86 32.89
CA THR B 74 -13.13 -4.18 34.17
C THR B 74 -11.92 -3.28 34.22
N PHE B 75 -10.87 -3.58 33.44
CA PHE B 75 -9.62 -2.84 33.49
C PHE B 75 -9.43 -1.87 32.35
N SER B 76 -10.14 -2.03 31.24
CA SER B 76 -10.05 -1.10 30.11
C SER B 76 -11.35 -1.19 29.33
N PRO B 77 -12.38 -0.44 29.74
CA PRO B 77 -13.71 -0.64 29.18
C PRO B 77 -13.81 -0.46 27.68
N SER B 78 -12.75 0.01 27.02
CA SER B 78 -12.77 0.20 25.58
C SER B 78 -12.06 -0.93 24.83
N LYS B 79 -11.06 -1.56 25.44
CA LYS B 79 -10.25 -2.59 24.80
C LYS B 79 -10.51 -3.94 25.48
N PRO B 80 -11.55 -4.66 25.05
CA PRO B 80 -11.80 -5.98 25.62
C PRO B 80 -10.74 -6.98 25.20
N ALA B 81 -10.85 -8.18 25.75
CA ALA B 81 -9.86 -9.23 25.53
C ALA B 81 -9.65 -9.50 24.05
N LYS B 82 -8.49 -10.06 23.72
CA LYS B 82 -8.16 -10.39 22.34
C LYS B 82 -7.70 -11.82 22.17
N SER B 83 -7.16 -12.45 23.21
CA SER B 83 -6.86 -13.89 23.20
C SER B 83 -6.64 -14.33 24.63
N LEU B 84 -7.00 -15.57 24.92
CA LEU B 84 -6.74 -16.19 26.22
C LEU B 84 -5.85 -17.40 25.98
N HIS B 85 -4.81 -17.54 26.76
CA HIS B 85 -3.96 -18.70 26.61
C HIS B 85 -4.18 -19.66 27.77
N THR B 86 -4.02 -20.95 27.49
CA THR B 86 -4.24 -22.00 28.46
C THR B 86 -3.18 -23.07 28.25
N GLN B 87 -3.40 -24.24 28.84
CA GLN B 87 -2.45 -25.32 28.69
C GLN B 87 -2.70 -26.11 27.42
N LYS B 88 -3.97 -26.32 27.05
CA LYS B 88 -4.29 -27.12 25.88
C LYS B 88 -4.96 -26.34 24.75
N ASN B 89 -5.01 -25.00 24.83
CA ASN B 89 -5.65 -24.23 23.77
C ASN B 89 -5.36 -22.75 23.97
N ARG B 90 -5.31 -22.03 22.86
CA ARG B 90 -5.36 -20.58 22.83
C ARG B 90 -6.64 -20.16 22.13
N GLN B 91 -7.36 -19.23 22.73
CA GLN B 91 -8.67 -18.86 22.21
C GLN B 91 -8.68 -17.38 21.86
N PHE B 92 -8.79 -17.10 20.57
CA PHE B 92 -8.72 -15.74 20.05
C PHE B 92 -10.11 -15.23 19.75
N PHE B 93 -10.42 -14.04 20.26
CA PHE B 93 -11.74 -13.46 20.10
C PHE B 93 -11.71 -12.48 18.94
N ASN B 94 -12.88 -11.96 18.58
CA ASN B 94 -13.01 -10.91 17.59
C ASN B 94 -14.42 -10.37 17.63
N GLU B 95 -14.58 -9.05 17.56
CA GLU B 95 -15.90 -8.42 17.51
C GLU B 95 -15.97 -7.66 16.20
N PRO B 96 -16.39 -8.32 15.11
CA PRO B 96 -16.45 -7.62 13.83
C PRO B 96 -17.58 -6.64 13.75
N GLU B 97 -18.76 -7.01 14.23
CA GLU B 97 -19.92 -6.13 14.27
C GLU B 97 -20.44 -6.10 15.69
N GLU B 98 -21.02 -4.97 16.07
CA GLU B 98 -21.40 -4.70 17.45
C GLU B 98 -22.14 -5.88 18.06
N ASN B 99 -21.54 -6.48 19.09
CA ASN B 99 -22.10 -7.58 19.88
C ASN B 99 -22.19 -8.89 19.11
N PHE B 100 -21.40 -9.10 18.06
CA PHE B 100 -21.42 -10.39 17.38
C PHE B 100 -20.02 -10.98 17.48
N TRP B 101 -19.76 -11.67 18.57
CA TRP B 101 -18.41 -12.12 18.89
C TRP B 101 -18.11 -13.43 18.18
N MET B 102 -16.93 -13.52 17.59
CA MET B 102 -16.40 -14.76 17.05
C MET B 102 -15.24 -15.21 17.93
N VAL B 103 -15.04 -16.52 18.02
CA VAL B 103 -13.98 -17.10 18.84
C VAL B 103 -13.41 -18.29 18.09
N MET B 104 -12.09 -18.38 18.06
CA MET B 104 -11.40 -19.53 17.48
C MET B 104 -10.51 -20.13 18.53
N VAL B 105 -10.69 -21.41 18.82
CA VAL B 105 -9.93 -22.12 19.84
C VAL B 105 -8.97 -23.03 19.12
N VAL B 106 -7.68 -22.69 19.17
CA VAL B 106 -6.62 -23.46 18.58
C VAL B 106 -5.97 -24.31 19.66
N ARG B 107 -5.36 -25.42 19.27
CA ARG B 107 -4.66 -26.28 20.19
C ARG B 107 -3.16 -26.03 20.11
N ASN B 108 -2.51 -25.97 21.26
CA ASN B 108 -1.06 -25.76 21.27
C ASN B 108 -0.36 -26.99 20.71
N PRO B 109 0.87 -26.82 20.22
CA PRO B 109 1.65 -27.99 19.83
C PRO B 109 1.83 -28.94 20.99
N ILE B 110 2.13 -30.19 20.67
CA ILE B 110 2.39 -31.21 21.66
C ILE B 110 3.68 -31.92 21.30
N ILE B 111 4.56 -32.11 22.29
CA ILE B 111 5.70 -32.99 22.12
C ILE B 111 5.41 -34.26 22.89
N GLU B 112 5.15 -35.33 22.15
CA GLU B 112 4.89 -36.64 22.73
C GLU B 112 6.18 -37.43 22.64
N LYS B 113 6.76 -37.75 23.80
CA LYS B 113 8.08 -38.33 23.88
C LYS B 113 8.04 -39.62 24.69
N GLN B 114 8.67 -40.66 24.17
CA GLN B 114 8.70 -41.96 24.83
C GLN B 114 9.60 -41.86 26.06
N SER B 115 9.09 -42.30 27.20
CA SER B 115 9.91 -42.36 28.40
C SER B 115 10.53 -43.75 28.54
N LYS B 116 11.64 -43.79 29.29
CA LYS B 116 12.37 -45.05 29.46
C LYS B 116 11.55 -46.10 30.21
N ASP B 117 10.56 -45.67 31.01
CA ASP B 117 9.71 -46.63 31.72
C ASP B 117 8.70 -47.30 30.81
N GLY B 118 8.65 -46.92 29.53
CA GLY B 118 7.71 -47.50 28.60
C GLY B 118 6.44 -46.72 28.38
N LYS B 119 6.26 -45.59 29.06
CA LYS B 119 5.06 -44.79 28.90
C LYS B 119 5.42 -43.47 28.22
N PRO B 120 5.18 -43.32 26.92
CA PRO B 120 5.35 -42.01 26.26
C PRO B 120 4.37 -40.99 26.85
N VAL B 121 4.85 -39.77 27.06
CA VAL B 121 4.11 -38.73 27.76
C VAL B 121 4.01 -37.49 26.88
N ILE B 122 2.96 -36.71 27.11
CA ILE B 122 2.64 -35.51 26.33
C ILE B 122 3.08 -34.28 27.11
N GLU B 123 3.82 -33.40 26.45
CA GLU B 123 4.16 -32.09 27.00
C GLU B 123 3.60 -31.01 26.09
N TYR B 124 2.71 -30.19 26.63
CA TYR B 124 2.06 -29.13 25.88
C TYR B 124 3.05 -27.98 25.73
N GLN B 125 3.55 -27.77 24.51
CA GLN B 125 4.50 -26.70 24.30
C GLN B 125 3.76 -25.36 24.33
N GLU B 126 3.67 -24.78 25.53
CA GLU B 126 2.74 -23.68 25.80
C GLU B 126 3.04 -22.43 24.99
N GLU B 127 4.30 -22.18 24.64
CA GLU B 127 4.70 -20.89 24.09
C GLU B 127 5.22 -20.99 22.65
N GLU B 128 4.51 -21.70 21.78
CA GLU B 128 4.94 -21.87 20.41
C GLU B 128 4.06 -21.17 19.39
N LEU B 129 2.91 -20.64 19.80
CA LEU B 129 1.99 -20.04 18.84
C LEU B 129 2.11 -18.52 18.85
N LEU B 130 1.80 -17.92 17.71
CA LEU B 130 1.82 -16.47 17.52
C LEU B 130 0.40 -15.94 17.54
N ASP B 131 0.13 -14.98 18.40
CA ASP B 131 -1.21 -14.40 18.47
C ASP B 131 -1.62 -13.78 17.14
N LYS B 132 -0.66 -13.19 16.44
CA LYS B 132 -1.00 -12.39 15.26
C LYS B 132 -1.47 -13.26 14.12
N VAL B 133 -0.83 -14.41 13.89
CA VAL B 133 -1.22 -15.27 12.79
C VAL B 133 -2.68 -15.66 12.92
N TYR B 134 -3.10 -16.13 14.09
CA TYR B 134 -4.45 -16.65 14.23
C TYR B 134 -5.49 -15.56 14.45
N SER B 135 -5.13 -14.41 15.01
CA SER B 135 -6.08 -13.31 15.01
C SER B 135 -6.34 -12.83 13.59
N SER B 136 -5.29 -12.76 12.77
CA SER B 136 -5.48 -12.46 11.36
C SER B 136 -6.36 -13.49 10.68
N VAL B 137 -6.11 -14.79 10.90
CA VAL B 137 -6.96 -15.82 10.31
C VAL B 137 -8.41 -15.66 10.72
N LEU B 138 -8.66 -15.27 11.97
CA LEU B 138 -10.04 -15.11 12.42
C LEU B 138 -10.71 -13.93 11.73
N ARG B 139 -10.00 -12.81 11.62
CA ARG B 139 -10.57 -11.67 10.91
C ARG B 139 -10.74 -11.98 9.43
N GLN B 140 -9.91 -12.87 8.90
CA GLN B 140 -10.04 -13.29 7.52
C GLN B 140 -11.29 -14.13 7.32
N CYS B 141 -11.58 -15.00 8.27
CA CYS B 141 -12.85 -15.73 8.25
C CYS B 141 -14.02 -14.76 8.18
N TYR B 142 -14.02 -13.77 9.08
CA TYR B 142 -15.15 -12.84 9.05
C TYR B 142 -15.24 -12.10 7.73
N SER B 143 -14.11 -11.61 7.21
CA SER B 143 -14.17 -10.79 6.01
C SER B 143 -14.55 -11.60 4.79
N MET B 144 -14.14 -12.87 4.73
CA MET B 144 -14.59 -13.71 3.63
C MET B 144 -16.09 -13.95 3.70
N TYR B 145 -16.61 -14.20 4.90
CA TYR B 145 -18.06 -14.32 5.02
C TYR B 145 -18.75 -13.03 4.63
N LYS B 146 -18.19 -11.89 5.03
CA LYS B 146 -18.79 -10.61 4.68
C LYS B 146 -18.85 -10.44 3.18
N LEU B 147 -17.78 -10.81 2.49
CA LEU B 147 -17.79 -10.71 1.03
C LEU B 147 -18.86 -11.58 0.42
N PHE B 148 -18.93 -12.85 0.84
CA PHE B 148 -19.76 -13.79 0.12
C PHE B 148 -21.22 -13.84 0.57
N ASN B 149 -21.56 -13.28 1.73
CA ASN B 149 -22.91 -13.45 2.25
C ASN B 149 -23.52 -12.22 2.91
N GLY B 150 -22.96 -11.04 2.76
CA GLY B 150 -23.55 -9.87 3.38
C GLY B 150 -22.82 -9.48 4.66
N THR B 151 -23.57 -8.91 5.59
CA THR B 151 -23.04 -8.66 6.93
C THR B 151 -23.84 -9.47 7.94
N PHE B 152 -23.54 -9.28 9.23
CA PHE B 152 -24.29 -9.99 10.27
C PHE B 152 -25.63 -9.32 10.53
N LEU B 153 -25.64 -7.99 10.65
CA LEU B 153 -26.84 -7.28 11.08
C LEU B 153 -27.78 -7.01 9.92
N LYS B 154 -27.25 -6.76 8.72
CA LYS B 154 -28.10 -6.63 7.55
C LYS B 154 -28.91 -7.91 7.34
N ALA B 155 -28.27 -9.06 7.45
CA ALA B 155 -28.99 -10.33 7.40
C ALA B 155 -30.06 -10.41 8.48
N MET B 156 -29.80 -9.79 9.64
CA MET B 156 -30.82 -9.76 10.68
C MET B 156 -32.04 -8.97 10.24
N GLU B 157 -31.85 -7.68 9.94
CA GLU B 157 -32.94 -6.85 9.45
C GLU B 157 -33.64 -7.45 8.25
N ASP B 158 -32.96 -8.30 7.48
CA ASP B 158 -33.58 -8.97 6.35
C ASP B 158 -34.51 -10.07 6.81
N GLY B 159 -33.98 -11.05 7.55
CA GLY B 159 -34.75 -12.25 7.79
C GLY B 159 -34.69 -12.89 9.16
N GLY B 160 -34.33 -12.15 10.21
CA GLY B 160 -34.35 -12.67 11.55
C GLY B 160 -33.24 -13.66 11.85
N VAL B 161 -33.19 -14.04 13.14
CA VAL B 161 -32.16 -14.93 13.65
C VAL B 161 -32.16 -16.25 12.91
N LYS B 162 -33.32 -16.69 12.42
CA LYS B 162 -33.37 -17.97 11.70
C LYS B 162 -32.56 -17.88 10.41
N LEU B 163 -32.77 -16.83 9.63
CA LEU B 163 -31.98 -16.64 8.41
C LEU B 163 -30.52 -16.43 8.73
N LEU B 164 -30.23 -15.68 9.80
CA LEU B 164 -28.84 -15.48 10.19
C LEU B 164 -28.16 -16.81 10.49
N LYS B 165 -28.77 -17.63 11.34
CA LYS B 165 -28.20 -18.93 11.67
C LYS B 165 -28.04 -19.79 10.43
N GLU B 166 -29.03 -19.77 9.53
CA GLU B 166 -28.94 -20.63 8.35
C GLU B 166 -27.79 -20.20 7.45
N ARG B 167 -27.64 -18.89 7.24
CA ARG B 167 -26.53 -18.40 6.43
C ARG B 167 -25.20 -18.74 7.08
N LEU B 168 -25.08 -18.49 8.39
CA LEU B 168 -23.83 -18.78 9.09
C LEU B 168 -23.46 -20.25 8.98
N GLU B 169 -24.41 -21.15 9.26
CA GLU B 169 -24.13 -22.56 9.12
C GLU B 169 -23.71 -22.91 7.71
N LYS B 170 -24.55 -22.57 6.72
CA LYS B 170 -24.23 -22.97 5.35
C LYS B 170 -22.89 -22.44 4.88
N PHE B 171 -22.44 -21.28 5.36
CA PHE B 171 -21.14 -20.83 4.90
C PHE B 171 -20.00 -21.47 5.70
N PHE B 172 -20.03 -21.34 7.02
CA PHE B 172 -18.87 -21.75 7.82
C PHE B 172 -18.71 -23.26 7.85
N HIS B 173 -19.81 -24.02 7.97
CA HIS B 173 -19.72 -25.47 7.98
C HIS B 173 -18.91 -26.01 6.82
N ARG B 174 -18.87 -25.29 5.69
CA ARG B 174 -18.02 -25.62 4.57
C ARG B 174 -16.68 -24.90 4.59
N TYR B 175 -16.66 -23.63 5.00
CA TYR B 175 -15.42 -22.86 4.97
C TYR B 175 -14.38 -23.45 5.92
N LEU B 176 -14.77 -23.74 7.15
CA LEU B 176 -13.81 -24.19 8.16
C LEU B 176 -13.16 -25.52 7.81
N GLN B 177 -13.57 -26.14 6.70
CA GLN B 177 -12.87 -27.32 6.23
C GLN B 177 -11.61 -26.96 5.46
N THR B 178 -11.41 -25.68 5.15
CA THR B 178 -10.20 -25.20 4.50
C THR B 178 -9.42 -24.23 5.35
N LEU B 179 -9.41 -24.39 6.67
CA LEU B 179 -8.48 -23.69 7.55
C LEU B 179 -7.43 -24.70 7.98
N HIS B 180 -6.25 -24.63 7.36
CA HIS B 180 -5.17 -25.56 7.66
C HIS B 180 -4.20 -24.86 8.60
N LEU B 181 -4.61 -24.74 9.87
CA LEU B 181 -3.81 -24.03 10.84
C LEU B 181 -2.46 -24.67 11.11
N GLN B 182 -2.26 -25.92 10.69
CA GLN B 182 -0.97 -26.56 10.86
C GLN B 182 0.12 -25.85 10.06
N SER B 183 -0.27 -25.07 9.05
CA SER B 183 0.69 -24.43 8.16
C SER B 183 0.50 -22.91 8.08
N CYS B 184 -0.14 -22.30 9.07
CA CYS B 184 -0.25 -20.85 9.10
C CYS B 184 1.06 -20.23 9.56
N ASP B 185 1.41 -19.10 8.98
CA ASP B 185 2.69 -18.46 9.27
C ASP B 185 2.54 -16.95 9.12
N LEU B 186 3.68 -16.26 9.00
CA LEU B 186 3.72 -14.80 8.92
C LEU B 186 2.88 -14.25 7.77
N LEU B 187 2.93 -14.91 6.61
CA LEU B 187 2.21 -14.44 5.44
C LEU B 187 0.70 -14.38 5.69
N ASP B 188 0.26 -14.90 6.82
CA ASP B 188 -1.12 -14.73 7.24
C ASP B 188 -1.31 -13.50 8.11
N ILE B 189 -0.30 -13.15 8.91
CA ILE B 189 -0.32 -11.83 9.55
C ILE B 189 -0.41 -10.76 8.48
N PHE B 190 0.20 -11.00 7.32
CA PHE B 190 0.20 -9.98 6.28
C PHE B 190 -1.14 -9.90 5.58
N GLY B 191 -1.54 -10.96 4.90
CA GLY B 191 -2.76 -10.94 4.13
C GLY B 191 -2.70 -9.89 3.03
N GLY B 192 -1.81 -10.10 2.07
CA GLY B 192 -1.52 -9.11 1.05
C GLY B 192 -1.78 -9.61 -0.36
N ILE B 193 -1.59 -8.72 -1.30
CA ILE B 193 -1.94 -8.92 -2.70
C ILE B 193 -0.64 -8.97 -3.50
N SER B 194 -0.14 -10.17 -3.75
CA SER B 194 1.08 -10.31 -4.54
C SER B 194 0.88 -9.76 -5.95
N PHE B 195 1.52 -8.64 -6.26
CA PHE B 195 1.32 -7.96 -7.53
C PHE B 195 2.23 -8.55 -8.60
N PHE B 196 1.96 -8.19 -9.85
CA PHE B 196 2.74 -8.62 -11.01
C PHE B 196 3.58 -7.46 -11.52
N PRO B 197 4.87 -7.64 -11.76
CA PRO B 197 5.72 -6.53 -12.16
C PRO B 197 5.58 -6.22 -13.64
N LEU B 198 5.11 -5.01 -13.95
CA LEU B 198 4.85 -4.60 -15.32
C LEU B 198 5.41 -3.21 -15.56
N ASP B 199 5.86 -2.97 -16.79
CA ASP B 199 6.38 -1.68 -17.18
C ASP B 199 5.25 -0.78 -17.67
N LYS B 200 5.63 0.46 -18.02
CA LYS B 200 4.64 1.44 -18.45
C LYS B 200 3.80 0.95 -19.62
N MET B 201 4.45 0.38 -20.62
CA MET B 201 3.76 0.12 -21.88
C MET B 201 2.68 -0.94 -21.72
N THR B 202 3.04 -2.09 -21.17
CA THR B 202 2.05 -3.17 -21.04
C THR B 202 0.93 -2.78 -20.09
N TYR B 203 1.25 -2.04 -19.04
CA TYR B 203 0.21 -1.64 -18.10
C TYR B 203 -0.76 -0.66 -18.74
N LEU B 204 -0.25 0.26 -19.55
CA LEU B 204 -1.15 1.18 -20.23
C LEU B 204 -1.96 0.45 -21.30
N LYS B 205 -1.38 -0.57 -21.93
CA LYS B 205 -2.16 -1.40 -22.84
C LYS B 205 -3.30 -2.09 -22.11
N ILE B 206 -3.03 -2.54 -20.89
CA ILE B 206 -4.06 -3.21 -20.10
C ILE B 206 -5.17 -2.24 -19.73
N GLN B 207 -4.80 -1.00 -19.39
CA GLN B 207 -5.82 0.01 -19.15
C GLN B 207 -6.66 0.28 -20.39
N SER B 208 -6.03 0.37 -21.55
CA SER B 208 -6.77 0.57 -22.78
C SER B 208 -7.76 -0.56 -23.03
N PHE B 209 -7.30 -1.81 -22.84
CA PHE B 209 -8.17 -2.95 -23.07
C PHE B 209 -9.32 -2.98 -22.09
N ILE B 210 -9.05 -2.69 -20.82
CA ILE B 210 -10.12 -2.74 -19.82
C ILE B 210 -11.16 -1.68 -20.12
N ASN B 211 -10.73 -0.49 -20.53
CA ASN B 211 -11.71 0.55 -20.86
C ASN B 211 -12.53 0.15 -22.08
N ARG B 212 -11.87 -0.35 -23.13
CA ARG B 212 -12.57 -0.93 -24.27
C ARG B 212 -13.67 -1.87 -23.83
N MET B 213 -13.30 -2.90 -23.07
CA MET B 213 -14.25 -3.92 -22.66
C MET B 213 -15.40 -3.32 -21.85
N GLU B 214 -15.08 -2.62 -20.77
CA GLU B 214 -16.13 -2.07 -19.92
C GLU B 214 -17.07 -1.16 -20.68
N GLU B 215 -16.62 -0.53 -21.76
CA GLU B 215 -17.51 0.33 -22.51
C GLU B 215 -18.32 -0.45 -23.55
N SER B 216 -17.76 -1.55 -24.07
CA SER B 216 -18.49 -2.37 -25.01
C SER B 216 -19.37 -3.41 -24.32
N LEU B 217 -19.46 -3.38 -23.01
CA LEU B 217 -20.23 -4.31 -22.19
C LEU B 217 -20.98 -3.54 -21.11
N ASN B 218 -21.78 -2.57 -21.53
CA ASN B 218 -22.14 -1.43 -20.70
C ASN B 218 -22.75 -1.78 -19.34
N ILE B 219 -23.07 -3.06 -19.12
CA ILE B 219 -23.57 -3.47 -17.80
C ILE B 219 -22.45 -3.83 -16.84
N VAL B 220 -21.25 -4.16 -17.34
CA VAL B 220 -20.13 -4.43 -16.46
C VAL B 220 -19.84 -3.20 -15.62
N LYS B 221 -19.83 -3.38 -14.29
CA LYS B 221 -19.74 -2.26 -13.38
C LYS B 221 -18.38 -2.14 -12.70
N TYR B 222 -17.78 -3.25 -12.28
CA TYR B 222 -16.43 -3.20 -11.76
C TYR B 222 -15.57 -4.21 -12.50
N THR B 223 -14.26 -4.08 -12.33
CA THR B 223 -13.34 -4.98 -13.01
C THR B 223 -12.08 -5.18 -12.18
N ALA B 224 -11.53 -6.39 -12.28
CA ALA B 224 -10.20 -6.69 -11.81
C ALA B 224 -9.46 -7.39 -12.92
N PHE B 225 -8.14 -7.33 -12.90
CA PHE B 225 -7.32 -7.95 -13.95
C PHE B 225 -6.14 -8.59 -13.24
N LEU B 226 -6.17 -9.93 -13.17
CA LEU B 226 -5.10 -10.74 -12.62
C LEU B 226 -4.29 -11.34 -13.75
N TYR B 227 -3.03 -11.59 -13.48
CA TYR B 227 -2.19 -12.35 -14.40
C TYR B 227 -1.38 -13.33 -13.59
N ASN B 228 -1.32 -14.58 -14.05
CA ASN B 228 -0.53 -15.63 -13.41
C ASN B 228 -0.83 -15.73 -11.92
N ASP B 229 -2.06 -15.42 -11.54
CA ASP B 229 -2.55 -15.38 -10.16
C ASP B 229 -1.98 -14.20 -9.38
N GLN B 230 -1.24 -13.31 -10.03
CA GLN B 230 -0.69 -12.13 -9.41
C GLN B 230 -1.45 -10.92 -9.91
N LEU B 231 -2.07 -10.17 -9.00
CA LEU B 231 -2.92 -9.05 -9.38
C LEU B 231 -2.17 -8.07 -10.25
N ILE B 232 -2.90 -7.40 -11.15
CA ILE B 232 -2.38 -6.27 -11.91
C ILE B 232 -3.23 -5.02 -11.69
N TRP B 233 -4.51 -5.09 -12.03
CA TRP B 233 -5.39 -3.94 -11.87
C TRP B 233 -6.58 -4.34 -11.03
N SER B 234 -7.20 -3.36 -10.36
CA SER B 234 -8.33 -3.62 -9.48
C SER B 234 -9.25 -2.41 -9.47
N GLY B 235 -10.43 -2.57 -10.06
CA GLY B 235 -11.40 -1.48 -10.06
C GLY B 235 -12.07 -1.27 -8.72
N LEU B 236 -12.18 -2.32 -7.91
CA LEU B 236 -12.82 -2.27 -6.60
C LEU B 236 -12.01 -1.39 -5.67
N GLU B 237 -12.48 -1.23 -4.44
CA GLU B 237 -11.73 -0.50 -3.44
C GLU B 237 -10.60 -1.37 -2.92
N GLN B 238 -9.96 -0.91 -1.85
CA GLN B 238 -8.80 -1.61 -1.34
C GLN B 238 -9.19 -2.71 -0.35
N ASP B 239 -10.14 -2.43 0.53
CA ASP B 239 -10.51 -3.40 1.55
C ASP B 239 -11.26 -4.58 0.93
N ASP B 240 -11.92 -4.37 -0.20
CA ASP B 240 -12.71 -5.39 -0.85
C ASP B 240 -11.95 -6.12 -1.94
N MET B 241 -10.71 -5.76 -2.20
CA MET B 241 -9.92 -6.45 -3.20
C MET B 241 -8.99 -7.50 -2.61
N ARG B 242 -8.50 -7.33 -1.40
CA ARG B 242 -7.67 -8.35 -0.79
C ARG B 242 -8.45 -9.62 -0.48
N ILE B 243 -9.68 -9.49 0.00
CA ILE B 243 -10.51 -10.67 0.24
C ILE B 243 -10.81 -11.37 -1.07
N LEU B 244 -11.22 -10.60 -2.08
CA LEU B 244 -11.57 -11.21 -3.36
C LEU B 244 -10.35 -11.83 -4.01
N TYR B 245 -9.16 -11.25 -3.79
CA TYR B 245 -7.95 -11.85 -4.34
C TYR B 245 -7.64 -13.16 -3.63
N LYS B 246 -7.76 -13.18 -2.30
CA LYS B 246 -7.51 -14.42 -1.57
C LYS B 246 -8.49 -15.50 -2.03
N TYR B 247 -9.73 -15.11 -2.31
CA TYR B 247 -10.71 -16.08 -2.78
C TYR B 247 -10.37 -16.56 -4.19
N LEU B 248 -9.97 -15.65 -5.06
CA LEU B 248 -9.65 -16.03 -6.43
C LEU B 248 -8.44 -16.95 -6.51
N THR B 249 -7.43 -16.71 -5.67
CA THR B 249 -6.22 -17.50 -5.77
C THR B 249 -6.17 -18.68 -4.82
N THR B 250 -7.15 -18.82 -3.93
CA THR B 250 -7.23 -20.02 -3.10
C THR B 250 -8.27 -21.02 -3.56
N SER B 251 -9.49 -20.58 -3.83
CA SER B 251 -10.61 -21.48 -4.03
C SER B 251 -11.19 -21.46 -5.44
N LEU B 252 -10.67 -20.61 -6.32
CA LEU B 252 -11.24 -20.53 -7.66
C LEU B 252 -10.25 -20.98 -8.72
N PHE B 253 -9.05 -20.41 -8.71
CA PHE B 253 -8.06 -20.72 -9.74
C PHE B 253 -7.45 -22.12 -9.58
N PRO B 254 -7.18 -22.62 -8.37
CA PRO B 254 -6.56 -23.96 -8.29
C PRO B 254 -7.48 -25.07 -8.77
N ARG B 255 -8.75 -25.06 -8.38
CA ARG B 255 -9.66 -26.12 -8.80
C ARG B 255 -9.87 -26.12 -10.30
N HIS B 256 -9.95 -24.94 -10.91
CA HIS B 256 -10.13 -24.83 -12.35
C HIS B 256 -8.83 -24.88 -13.13
N ILE B 257 -7.65 -24.92 -12.53
CA ILE B 257 -6.42 -25.17 -13.25
C ILE B 257 -5.93 -26.61 -13.08
N GLU B 258 -6.42 -27.29 -12.04
CA GLU B 258 -6.02 -28.68 -11.82
C GLU B 258 -6.35 -29.62 -12.99
N PRO B 259 -7.48 -29.52 -13.68
CA PRO B 259 -7.72 -30.45 -14.81
C PRO B 259 -6.61 -30.49 -15.84
N GLU B 260 -5.97 -29.34 -16.11
CA GLU B 260 -4.83 -29.30 -17.02
C GLU B 260 -3.63 -30.06 -16.47
N LEU B 261 -3.67 -30.47 -15.21
CA LEU B 261 -2.63 -31.31 -14.61
C LEU B 261 -3.11 -32.71 -14.31
N ALA B 262 -4.43 -32.93 -14.32
CA ALA B 262 -4.99 -34.25 -14.06
C ALA B 262 -5.27 -35.02 -15.33
N GLY B 263 -5.38 -34.33 -16.47
CA GLY B 263 -5.45 -35.03 -17.74
C GLY B 263 -6.80 -35.04 -18.42
N ARG B 264 -6.87 -35.71 -19.57
CA ARG B 264 -8.09 -35.73 -20.37
C ARG B 264 -9.22 -36.44 -19.64
N ASP B 265 -8.92 -37.35 -18.72
CA ASP B 265 -9.91 -38.18 -18.06
C ASP B 265 -10.64 -37.46 -16.93
N SER B 266 -10.59 -36.14 -16.88
CA SER B 266 -11.21 -35.41 -15.78
C SER B 266 -12.71 -35.25 -16.03
N PRO B 267 -13.53 -35.32 -14.97
CA PRO B 267 -15.00 -35.21 -15.16
C PRO B 267 -15.48 -33.80 -15.44
N ILE B 268 -14.59 -32.81 -15.48
CA ILE B 268 -15.01 -31.44 -15.78
C ILE B 268 -14.42 -30.97 -17.10
N ARG B 269 -13.16 -31.32 -17.40
CA ARG B 269 -12.55 -30.90 -18.66
C ARG B 269 -13.23 -31.57 -19.86
N ALA B 270 -13.75 -32.78 -19.68
CA ALA B 270 -14.43 -33.47 -20.77
C ALA B 270 -15.65 -32.70 -21.26
N GLU B 271 -16.36 -32.02 -20.37
CA GLU B 271 -17.48 -31.17 -20.74
C GLU B 271 -17.06 -29.73 -21.01
N MET B 272 -15.79 -29.50 -21.39
CA MET B 272 -15.28 -28.16 -21.64
C MET B 272 -14.98 -28.01 -23.12
N PRO B 273 -15.97 -27.79 -23.98
CA PRO B 273 -15.70 -27.63 -25.41
C PRO B 273 -15.03 -26.29 -25.67
N GLY B 274 -13.74 -26.33 -25.99
CA GLY B 274 -12.97 -25.11 -26.14
C GLY B 274 -13.21 -24.45 -27.48
N ASN B 275 -12.68 -23.24 -27.65
CA ASN B 275 -12.74 -22.55 -28.92
C ASN B 275 -11.37 -22.57 -29.59
N LEU B 276 -11.38 -22.63 -30.92
CA LEU B 276 -10.12 -22.81 -31.65
C LEU B 276 -9.49 -21.49 -32.06
N GLN B 277 -10.31 -20.49 -32.40
CA GLN B 277 -9.77 -19.20 -32.82
C GLN B 277 -9.30 -18.35 -31.65
N HIS B 278 -9.58 -18.74 -30.42
CA HIS B 278 -9.15 -18.00 -29.24
C HIS B 278 -9.24 -18.89 -28.02
N TYR B 279 -8.22 -18.79 -27.16
CA TYR B 279 -8.11 -19.63 -25.97
C TYR B 279 -9.07 -19.24 -24.86
N GLY B 280 -9.94 -18.25 -25.07
CA GLY B 280 -10.83 -17.83 -24.02
C GLY B 280 -11.72 -18.95 -23.53
N ARG B 281 -11.96 -18.94 -22.22
CA ARG B 281 -12.76 -19.97 -21.57
C ARG B 281 -13.13 -19.49 -20.16
N PHE B 282 -14.41 -19.64 -19.83
CA PHE B 282 -14.91 -19.14 -18.57
C PHE B 282 -14.29 -19.88 -17.39
N LEU B 283 -14.57 -19.38 -16.19
CA LEU B 283 -14.25 -20.09 -14.96
C LEU B 283 -15.38 -20.09 -13.96
N THR B 284 -16.41 -19.27 -14.12
CA THR B 284 -17.57 -19.26 -13.27
C THR B 284 -18.80 -19.02 -14.13
N GLY B 285 -19.95 -19.51 -13.67
CA GLY B 285 -21.17 -19.41 -14.43
C GLY B 285 -21.26 -20.53 -15.44
N PRO B 286 -21.83 -20.26 -16.60
CA PRO B 286 -21.82 -21.26 -17.67
C PRO B 286 -20.39 -21.54 -18.11
N LEU B 287 -19.92 -22.75 -17.82
CA LEU B 287 -18.56 -23.15 -18.15
C LEU B 287 -18.46 -23.82 -19.52
N ASN B 288 -19.58 -24.24 -20.10
CA ASN B 288 -19.64 -24.84 -21.43
C ASN B 288 -20.73 -24.13 -22.22
N LEU B 289 -20.32 -23.26 -23.15
CA LEU B 289 -21.24 -22.36 -23.83
C LEU B 289 -22.13 -23.06 -24.85
N ASN B 290 -21.88 -24.33 -25.16
CA ASN B 290 -22.59 -25.00 -26.24
C ASN B 290 -23.92 -25.61 -25.80
N ASP B 291 -24.03 -26.02 -24.55
CA ASP B 291 -25.30 -26.53 -24.05
C ASP B 291 -26.29 -25.37 -23.98
N PRO B 292 -27.31 -25.35 -24.84
CA PRO B 292 -28.13 -24.13 -24.98
C PRO B 292 -28.95 -23.78 -23.76
N ASP B 293 -29.08 -24.68 -22.78
CA ASP B 293 -29.76 -24.38 -21.53
C ASP B 293 -28.78 -24.31 -20.36
N ALA B 294 -27.52 -23.98 -20.62
CA ALA B 294 -26.56 -23.78 -19.55
C ALA B 294 -27.04 -22.67 -18.64
N LYS B 295 -26.85 -22.85 -17.34
CA LYS B 295 -27.36 -21.91 -16.36
C LYS B 295 -26.32 -20.84 -16.06
N CYS B 296 -26.78 -19.64 -15.73
CA CYS B 296 -25.88 -18.55 -15.35
C CYS B 296 -25.80 -18.47 -13.83
N ARG B 297 -25.06 -19.42 -13.27
CA ARG B 297 -24.81 -19.49 -11.83
C ARG B 297 -23.51 -18.76 -11.54
N PHE B 298 -23.58 -17.48 -11.46
CA PHE B 298 -22.40 -16.73 -11.11
C PHE B 298 -22.33 -16.53 -9.61
N PRO B 299 -21.16 -16.73 -8.99
CA PRO B 299 -21.00 -16.35 -7.59
C PRO B 299 -21.40 -14.91 -7.41
N LYS B 300 -21.90 -14.58 -6.23
CA LYS B 300 -22.52 -13.30 -6.00
C LYS B 300 -21.92 -12.66 -4.75
N ILE B 301 -21.13 -11.61 -4.95
CA ILE B 301 -20.33 -11.03 -3.90
C ILE B 301 -20.97 -9.73 -3.46
N PHE B 302 -20.56 -9.24 -2.30
CA PHE B 302 -21.04 -7.98 -1.73
C PHE B 302 -19.83 -7.08 -1.54
N VAL B 303 -19.85 -5.92 -2.18
CA VAL B 303 -18.74 -4.99 -2.07
C VAL B 303 -19.24 -3.65 -1.54
N ASN B 304 -18.31 -2.85 -1.02
CA ASN B 304 -18.60 -1.57 -0.39
C ASN B 304 -19.71 -1.70 0.65
N THR B 305 -19.60 -2.74 1.48
CA THR B 305 -20.64 -3.06 2.45
C THR B 305 -20.82 -1.99 3.53
N ASP B 306 -20.04 -0.92 3.48
CA ASP B 306 -20.15 0.12 4.49
C ASP B 306 -21.06 1.26 4.05
N ASP B 307 -20.89 1.76 2.82
CA ASP B 307 -21.55 2.98 2.38
C ASP B 307 -22.65 2.70 1.36
N THR B 308 -22.34 2.01 0.26
CA THR B 308 -23.31 1.79 -0.79
C THR B 308 -23.88 0.38 -0.81
N TYR B 309 -23.16 -0.60 -0.29
CA TYR B 309 -23.67 -1.96 -0.10
C TYR B 309 -24.16 -2.57 -1.41
N GLU B 310 -23.22 -2.79 -2.32
CA GLU B 310 -23.57 -3.30 -3.63
C GLU B 310 -23.44 -4.82 -3.67
N GLU B 311 -24.33 -5.44 -4.45
CA GLU B 311 -24.30 -6.88 -4.69
C GLU B 311 -24.02 -7.10 -6.16
N LEU B 312 -22.94 -7.81 -6.47
CA LEU B 312 -22.51 -7.95 -7.86
C LEU B 312 -22.26 -9.41 -8.19
N HIS B 313 -22.72 -9.81 -9.37
CA HIS B 313 -22.33 -11.09 -9.93
C HIS B 313 -20.88 -11.02 -10.39
N LEU B 314 -20.12 -12.06 -10.10
CA LEU B 314 -18.70 -12.13 -10.39
C LEU B 314 -18.48 -13.06 -11.58
N ILE B 315 -17.90 -12.53 -12.65
CA ILE B 315 -17.67 -13.26 -13.88
C ILE B 315 -16.18 -13.32 -14.13
N VAL B 316 -15.57 -14.46 -13.82
CA VAL B 316 -14.14 -14.66 -14.02
C VAL B 316 -13.95 -15.26 -15.39
N TYR B 317 -13.36 -14.51 -16.31
CA TYR B 317 -13.04 -14.98 -17.65
C TYR B 317 -11.53 -15.12 -17.73
N LYS B 318 -11.05 -16.31 -18.06
CA LYS B 318 -9.62 -16.60 -18.05
C LYS B 318 -9.14 -16.97 -19.44
N ALA B 319 -8.26 -16.15 -19.99
CA ALA B 319 -7.56 -16.42 -21.23
C ALA B 319 -6.40 -17.37 -20.93
N MET B 320 -5.37 -17.46 -21.78
CA MET B 320 -4.24 -18.36 -21.53
C MET B 320 -3.82 -18.33 -20.07
N SER B 321 -3.39 -17.17 -19.57
CA SER B 321 -2.99 -17.06 -18.17
C SER B 321 -3.67 -15.89 -17.48
N ALA B 322 -3.91 -14.81 -18.22
CA ALA B 322 -4.58 -13.65 -17.65
C ALA B 322 -6.01 -14.03 -17.25
N ALA B 323 -6.63 -13.15 -16.47
CA ALA B 323 -7.95 -13.45 -15.94
C ALA B 323 -8.63 -12.14 -15.56
N VAL B 324 -9.70 -11.79 -16.27
CA VAL B 324 -10.48 -10.61 -15.96
C VAL B 324 -11.61 -11.04 -15.03
N CYS B 325 -11.93 -10.19 -14.07
CA CYS B 325 -13.06 -10.42 -13.17
C CYS B 325 -14.02 -9.27 -13.39
N PHE B 326 -15.08 -9.51 -14.15
CA PHE B 326 -16.12 -8.52 -14.38
C PHE B 326 -17.11 -8.61 -13.22
N MET B 327 -17.65 -7.48 -12.81
CA MET B 327 -18.62 -7.45 -11.73
C MET B 327 -19.84 -6.71 -12.21
N ILE B 328 -20.90 -7.47 -12.48
CA ILE B 328 -22.16 -6.96 -13.00
C ILE B 328 -23.09 -6.68 -11.82
N ASP B 329 -23.91 -5.65 -11.94
CA ASP B 329 -24.79 -5.33 -10.83
C ASP B 329 -25.79 -6.47 -10.59
N ALA B 330 -26.47 -6.39 -9.45
CA ALA B 330 -27.27 -7.51 -8.95
C ALA B 330 -28.40 -7.86 -9.89
N SER B 331 -29.35 -6.93 -10.07
CA SER B 331 -30.57 -7.22 -10.80
C SER B 331 -30.34 -7.59 -12.26
N VAL B 332 -29.22 -7.20 -12.85
CA VAL B 332 -29.03 -7.35 -14.30
C VAL B 332 -28.58 -8.79 -14.51
N HIS B 333 -29.57 -9.66 -14.72
CA HIS B 333 -29.29 -11.08 -14.90
C HIS B 333 -28.66 -11.35 -16.24
N PRO B 334 -27.43 -11.85 -16.29
CA PRO B 334 -26.82 -12.19 -17.58
C PRO B 334 -27.49 -13.41 -18.20
N THR B 335 -27.96 -13.25 -19.42
CA THR B 335 -28.52 -14.35 -20.18
C THR B 335 -27.37 -15.13 -20.82
N LEU B 336 -27.64 -16.35 -21.25
CA LEU B 336 -26.59 -17.11 -21.93
C LEU B 336 -26.19 -16.47 -23.25
N ASP B 337 -27.11 -15.73 -23.87
CA ASP B 337 -26.73 -14.88 -24.99
C ASP B 337 -25.65 -13.88 -24.58
N PHE B 338 -25.80 -13.28 -23.40
CA PHE B 338 -24.79 -12.34 -22.92
C PHE B 338 -23.44 -13.03 -22.76
N CYS B 339 -23.43 -14.25 -22.22
CA CYS B 339 -22.17 -14.95 -22.04
C CYS B 339 -21.53 -15.31 -23.38
N ARG B 340 -22.32 -15.76 -24.34
CA ARG B 340 -21.76 -16.05 -25.66
C ARG B 340 -21.18 -14.80 -26.30
N ARG B 341 -21.90 -13.68 -26.20
CA ARG B 341 -21.40 -12.43 -26.76
C ARG B 341 -20.13 -11.98 -26.06
N LEU B 342 -20.11 -12.10 -24.72
CA LEU B 342 -18.94 -11.70 -23.95
C LEU B 342 -17.73 -12.52 -24.34
N ASP B 343 -17.90 -13.83 -24.51
CA ASP B 343 -16.80 -14.66 -24.96
C ASP B 343 -16.33 -14.22 -26.34
N SER B 344 -17.27 -14.07 -27.28
CA SER B 344 -16.90 -13.68 -28.64
C SER B 344 -16.11 -12.39 -28.65
N ILE B 345 -16.50 -11.43 -27.81
CA ILE B 345 -15.81 -10.14 -27.77
C ILE B 345 -14.43 -10.29 -27.13
N VAL B 346 -14.40 -10.81 -25.89
CA VAL B 346 -13.20 -10.74 -25.07
C VAL B 346 -12.13 -11.75 -25.46
N GLY B 347 -12.50 -12.93 -25.97
CA GLY B 347 -11.56 -13.99 -26.25
C GLY B 347 -10.35 -13.60 -27.06
N PRO B 348 -10.56 -13.01 -28.25
CA PRO B 348 -9.39 -12.64 -29.07
C PRO B 348 -8.57 -11.52 -28.45
N GLN B 349 -9.24 -10.49 -27.94
CA GLN B 349 -8.53 -9.38 -27.30
C GLN B 349 -7.72 -9.86 -26.11
N LEU B 350 -8.34 -10.67 -25.25
CA LEU B 350 -7.64 -11.16 -24.07
C LEU B 350 -6.54 -12.13 -24.43
N THR B 351 -6.71 -12.89 -25.51
CA THR B 351 -5.63 -13.78 -25.94
C THR B 351 -4.44 -12.98 -26.44
N VAL B 352 -4.69 -11.95 -27.24
CA VAL B 352 -3.63 -11.04 -27.66
C VAL B 352 -2.91 -10.45 -26.45
N LEU B 353 -3.67 -9.94 -25.48
CA LEU B 353 -3.04 -9.29 -24.32
C LEU B 353 -2.25 -10.29 -23.49
N ALA B 354 -2.81 -11.48 -23.26
CA ALA B 354 -2.09 -12.48 -22.49
C ALA B 354 -0.81 -12.90 -23.19
N SER B 355 -0.84 -13.04 -24.51
CA SER B 355 0.38 -13.36 -25.24
C SER B 355 1.39 -12.22 -25.11
N ASP B 356 0.91 -10.98 -25.15
CA ASP B 356 1.79 -9.83 -25.00
C ASP B 356 2.49 -9.84 -23.66
N ILE B 357 1.73 -9.98 -22.58
CA ILE B 357 2.32 -9.95 -21.25
C ILE B 357 3.22 -11.15 -21.03
N CYS B 358 2.85 -12.32 -21.56
CA CYS B 358 3.68 -13.50 -21.41
C CYS B 358 5.02 -13.32 -22.11
N GLU B 359 4.99 -12.82 -23.35
CA GLU B 359 6.24 -12.54 -24.06
C GLU B 359 7.08 -11.54 -23.28
N GLN B 360 6.46 -10.47 -22.80
CA GLN B 360 7.22 -9.43 -22.09
C GLN B 360 7.84 -9.98 -20.81
N PHE B 361 7.08 -10.77 -20.05
CA PHE B 361 7.61 -11.32 -18.81
C PHE B 361 8.73 -12.31 -19.10
N ASN B 362 8.58 -13.13 -20.14
CA ASN B 362 9.65 -14.05 -20.52
C ASN B 362 10.91 -13.28 -20.89
N ILE B 363 10.78 -12.22 -21.68
CA ILE B 363 11.96 -11.48 -22.13
C ILE B 363 12.60 -10.75 -20.96
N ASN B 364 11.80 -10.25 -20.02
CA ASN B 364 12.38 -9.59 -18.85
C ASN B 364 13.06 -10.60 -17.94
N LYS B 365 12.53 -11.81 -17.84
CA LYS B 365 13.19 -12.85 -17.06
C LYS B 365 14.51 -13.26 -17.70
N ARG B 366 14.56 -13.32 -19.03
CA ARG B 366 15.81 -13.67 -19.71
C ARG B 366 16.82 -12.54 -19.60
N MET B 367 16.37 -11.29 -19.65
CA MET B 367 17.28 -10.15 -19.53
C MET B 367 18.00 -10.17 -18.19
N SER B 368 17.30 -10.55 -17.12
CA SER B 368 17.95 -10.77 -15.84
C SER B 368 18.58 -12.17 -15.85
N GLY B 369 19.87 -12.24 -16.20
CA GLY B 369 20.56 -13.50 -16.34
C GLY B 369 20.48 -14.38 -15.10
N SER B 370 20.79 -15.67 -15.25
CA SER B 370 20.65 -16.60 -14.14
C SER B 370 21.72 -16.38 -13.09
N GLU B 371 21.70 -15.23 -12.43
CA GLU B 371 22.56 -15.01 -11.28
C GLU B 371 22.25 -16.04 -10.21
N LYS B 372 23.27 -16.43 -9.46
CA LYS B 372 23.08 -17.43 -8.42
C LYS B 372 21.97 -17.00 -7.46
N GLU B 373 21.29 -18.00 -6.88
CA GLU B 373 20.18 -17.78 -5.96
C GLU B 373 20.53 -16.68 -4.97
N PRO B 374 19.73 -15.61 -4.91
CA PRO B 374 20.11 -14.47 -4.07
C PRO B 374 20.18 -14.88 -2.61
N GLN B 375 21.39 -14.82 -2.05
CA GLN B 375 21.70 -15.43 -0.76
C GLN B 375 20.90 -14.84 0.38
N PHE B 376 20.14 -13.78 0.12
CA PHE B 376 19.21 -13.23 1.10
C PHE B 376 17.80 -13.70 0.75
N LYS B 377 17.23 -14.52 1.64
CA LYS B 377 15.85 -14.95 1.50
C LYS B 377 14.99 -13.99 2.29
N PHE B 378 14.18 -13.19 1.59
CA PHE B 378 13.52 -12.11 2.27
C PHE B 378 12.01 -12.29 2.24
N ILE B 379 11.34 -11.26 2.73
CA ILE B 379 9.89 -11.16 2.82
C ILE B 379 9.59 -9.67 2.90
N TYR B 380 8.66 -9.19 2.08
CA TYR B 380 8.38 -7.78 1.99
C TYR B 380 6.88 -7.54 1.98
N PHE B 381 6.45 -6.50 2.69
CA PHE B 381 5.04 -6.14 2.74
C PHE B 381 4.89 -4.65 2.86
N ASN B 382 3.99 -4.06 2.09
CA ASN B 382 3.81 -2.61 2.00
C ASN B 382 2.42 -2.28 2.52
N HIS B 383 2.35 -1.66 3.70
CA HIS B 383 1.09 -1.53 4.42
C HIS B 383 0.05 -0.70 3.68
N MET B 384 0.37 -0.11 2.53
CA MET B 384 -0.56 0.80 1.87
C MET B 384 -1.12 0.26 0.56
N ASN B 385 -0.30 -0.30 -0.31
CA ASN B 385 -0.83 -0.92 -1.52
C ASN B 385 -0.88 -2.43 -1.35
N LEU B 386 -0.61 -2.89 -0.13
CA LEU B 386 -0.61 -4.31 0.23
C LEU B 386 0.13 -5.15 -0.79
N ALA B 387 1.17 -4.61 -1.39
CA ALA B 387 2.09 -5.45 -2.14
C ALA B 387 2.73 -6.42 -1.18
N GLU B 388 3.31 -7.49 -1.72
CA GLU B 388 3.89 -8.51 -0.86
C GLU B 388 4.74 -9.42 -1.72
N LYS B 389 5.93 -9.74 -1.21
CA LYS B 389 6.89 -10.52 -1.97
C LYS B 389 7.61 -11.45 -1.02
N SER B 390 8.00 -12.62 -1.52
CA SER B 390 8.73 -13.56 -0.69
C SER B 390 9.52 -14.54 -1.54
N THR B 391 10.73 -14.88 -1.11
CA THR B 391 11.46 -15.98 -1.70
C THR B 391 11.81 -17.04 -0.66
N VAL B 392 11.14 -17.00 0.49
CA VAL B 392 11.23 -18.08 1.47
C VAL B 392 10.08 -19.06 1.33
N HIS B 393 9.00 -18.67 0.67
CA HIS B 393 7.84 -19.53 0.47
C HIS B 393 7.85 -20.05 -0.96
N MET B 394 7.91 -21.37 -1.11
CA MET B 394 7.88 -22.01 -2.41
C MET B 394 6.48 -22.52 -2.71
N ARG B 395 6.00 -22.26 -3.91
CA ARG B 395 4.69 -22.75 -4.34
C ARG B 395 4.84 -24.25 -4.65
N LYS B 396 4.73 -25.06 -3.60
CA LYS B 396 4.59 -26.50 -3.82
C LYS B 396 3.22 -26.83 -4.37
N THR B 397 2.18 -26.22 -3.80
CA THR B 397 0.82 -26.27 -4.31
C THR B 397 0.29 -24.84 -4.41
N PRO B 398 -0.45 -24.52 -5.46
CA PRO B 398 -0.88 -23.13 -5.66
C PRO B 398 -1.93 -22.66 -4.66
N SER B 399 -2.58 -23.57 -3.93
CA SER B 399 -3.61 -23.15 -2.98
C SER B 399 -3.00 -22.47 -1.77
N VAL B 400 -2.00 -23.08 -1.17
CA VAL B 400 -1.21 -22.48 -0.10
C VAL B 400 0.25 -22.87 -0.34
N SER B 401 1.16 -21.92 -0.17
CA SER B 401 2.58 -22.16 -0.41
C SER B 401 3.26 -22.67 0.85
N LEU B 402 4.37 -23.38 0.67
CA LEU B 402 5.12 -23.96 1.77
C LEU B 402 6.53 -23.41 1.77
N THR B 403 7.03 -23.11 2.97
CA THR B 403 8.28 -22.39 3.12
C THR B 403 9.46 -23.23 2.63
N SER B 404 10.66 -22.62 2.69
CA SER B 404 11.87 -23.23 2.16
C SER B 404 13.04 -23.10 3.12
N VAL B 405 12.78 -22.76 4.38
CA VAL B 405 13.83 -22.54 5.37
C VAL B 405 13.40 -23.19 6.67
N HIS B 406 14.32 -23.20 7.64
CA HIS B 406 14.09 -23.89 8.90
C HIS B 406 12.86 -23.32 9.60
N PRO B 407 12.06 -24.14 10.28
CA PRO B 407 10.94 -23.60 11.06
C PRO B 407 11.39 -22.73 12.22
N ASP B 408 12.57 -23.01 12.79
CA ASP B 408 13.11 -22.16 13.84
C ASP B 408 13.22 -20.71 13.37
N LEU B 409 13.79 -20.49 12.19
CA LEU B 409 13.91 -19.14 11.68
C LEU B 409 12.56 -18.52 11.42
N MET B 410 11.57 -19.32 11.07
CA MET B 410 10.23 -18.78 10.87
C MET B 410 9.63 -18.30 12.18
N LYS B 411 9.81 -19.06 13.26
CA LYS B 411 9.32 -18.58 14.55
C LYS B 411 10.13 -17.39 15.03
N ILE B 412 11.40 -17.30 14.64
CA ILE B 412 12.20 -16.13 14.98
C ILE B 412 11.65 -14.89 14.28
N LEU B 413 11.33 -15.03 12.99
CA LEU B 413 10.68 -13.94 12.26
C LEU B 413 9.35 -13.57 12.90
N GLY B 414 8.59 -14.57 13.36
CA GLY B 414 7.36 -14.29 14.07
C GLY B 414 7.60 -13.44 15.31
N ASP B 415 8.61 -13.81 16.11
CA ASP B 415 8.91 -13.05 17.31
C ASP B 415 9.33 -11.63 16.97
N ILE B 416 10.09 -11.48 15.90
CA ILE B 416 10.53 -10.14 15.48
C ILE B 416 9.33 -9.29 15.10
N ASN B 417 8.45 -9.84 14.26
CA ASN B 417 7.23 -9.12 13.88
C ASN B 417 6.42 -8.76 15.11
N SER B 418 6.36 -9.64 16.10
CA SER B 418 5.61 -9.34 17.31
C SER B 418 6.30 -8.27 18.14
N ASP B 419 7.61 -8.13 18.02
CA ASP B 419 8.33 -7.08 18.73
C ASP B 419 8.24 -5.74 18.02
N PHE B 420 7.93 -5.74 16.74
CA PHE B 420 7.94 -4.49 15.96
C PHE B 420 6.80 -3.57 16.38
N THR B 421 5.56 -4.03 16.20
CA THR B 421 4.39 -3.16 16.11
C THR B 421 4.22 -2.20 17.27
N ARG B 422 4.92 -2.40 18.38
CA ARG B 422 4.63 -1.66 19.60
C ARG B 422 4.72 -0.15 19.42
N VAL B 423 5.53 0.33 18.48
CA VAL B 423 5.52 1.73 18.08
C VAL B 423 5.68 1.78 16.57
N ASP B 424 4.93 2.68 15.93
CA ASP B 424 4.85 2.75 14.47
C ASP B 424 5.83 3.79 13.95
N GLU B 425 7.12 3.44 13.96
CA GLU B 425 8.19 4.34 13.57
C GLU B 425 9.20 3.55 12.74
N ASP B 426 10.38 4.13 12.54
CA ASP B 426 11.45 3.50 11.80
C ASP B 426 12.28 2.63 12.74
N GLU B 427 12.05 1.32 12.72
CA GLU B 427 12.73 0.40 13.59
C GLU B 427 13.48 -0.64 12.77
N GLU B 428 14.43 -1.30 13.42
CA GLU B 428 15.18 -2.38 12.78
C GLU B 428 15.74 -3.28 13.86
N ILE B 429 15.60 -4.59 13.67
CA ILE B 429 16.03 -5.59 14.65
C ILE B 429 16.87 -6.62 13.92
N ILE B 430 18.14 -6.72 14.28
CA ILE B 430 19.05 -7.72 13.75
C ILE B 430 19.27 -8.77 14.83
N VAL B 431 19.44 -10.02 14.43
CA VAL B 431 19.50 -11.13 15.36
C VAL B 431 20.42 -12.20 14.77
N LYS B 432 21.10 -12.93 15.64
CA LYS B 432 21.89 -14.08 15.22
C LYS B 432 21.51 -15.28 16.06
N ALA B 433 20.93 -16.28 15.42
CA ALA B 433 20.51 -17.48 16.12
C ALA B 433 21.70 -18.40 16.33
N MET B 434 21.56 -19.34 17.27
CA MET B 434 22.66 -20.22 17.62
C MET B 434 23.10 -21.11 16.47
N SER B 435 22.28 -21.25 15.43
CA SER B 435 22.74 -21.89 14.21
C SER B 435 23.61 -20.98 13.37
N ASP B 436 23.89 -19.78 13.87
CA ASP B 436 24.69 -18.75 13.20
C ASP B 436 23.97 -18.17 11.97
N TYR B 437 22.68 -18.44 11.82
CA TYR B 437 21.86 -17.79 10.80
C TYR B 437 21.57 -16.36 11.22
N TRP B 438 21.82 -15.44 10.30
CA TRP B 438 21.55 -14.03 10.57
C TRP B 438 20.16 -13.68 10.10
N VAL B 439 19.40 -12.98 10.94
CA VAL B 439 18.01 -12.64 10.65
C VAL B 439 17.84 -11.15 10.87
N VAL B 440 17.48 -10.42 9.82
CA VAL B 440 17.36 -8.98 9.86
C VAL B 440 15.89 -8.65 9.70
N GLY B 441 15.44 -7.55 10.28
CA GLY B 441 14.10 -7.08 9.98
C GLY B 441 13.95 -5.59 10.13
N LYS B 442 13.47 -4.91 9.09
CA LYS B 442 13.25 -3.47 9.14
C LYS B 442 11.76 -3.16 9.04
N LYS B 443 11.36 -2.05 9.65
CA LYS B 443 10.00 -1.56 9.57
C LYS B 443 10.07 -0.05 9.45
N SER B 444 9.73 0.47 8.28
CA SER B 444 9.92 1.88 7.99
C SER B 444 9.13 2.25 6.76
N ASP B 445 8.63 3.49 6.72
CA ASP B 445 7.88 4.00 5.58
C ASP B 445 6.70 3.09 5.26
N ARG B 446 5.99 2.66 6.29
CA ARG B 446 4.85 1.78 6.20
C ARG B 446 5.19 0.49 5.46
N ARG B 447 6.44 0.03 5.52
CA ARG B 447 6.84 -1.22 4.89
C ARG B 447 7.59 -2.07 5.89
N GLU B 448 7.52 -3.38 5.72
CA GLU B 448 8.24 -4.32 6.54
C GLU B 448 9.04 -5.25 5.65
N LEU B 449 10.33 -5.39 5.95
CA LEU B 449 11.22 -6.25 5.18
C LEU B 449 12.00 -7.14 6.13
N TYR B 450 11.74 -8.44 6.09
CA TYR B 450 12.48 -9.40 6.88
C TYR B 450 13.44 -10.13 5.95
N VAL B 451 14.65 -10.41 6.42
CA VAL B 451 15.67 -11.03 5.60
C VAL B 451 16.33 -12.14 6.41
N ILE B 452 16.74 -13.19 5.72
CA ILE B 452 17.52 -14.27 6.31
C ILE B 452 18.78 -14.44 5.48
N LEU B 453 19.92 -14.50 6.16
CA LEU B 453 21.23 -14.64 5.56
C LEU B 453 21.93 -15.84 6.18
N ASN B 454 22.28 -16.84 5.36
CA ASN B 454 22.91 -18.06 5.84
C ASN B 454 24.42 -17.88 5.79
N GLN B 455 24.88 -16.75 6.31
CA GLN B 455 26.30 -16.38 6.28
C GLN B 455 26.93 -16.76 7.62
N LYS B 456 27.65 -17.88 7.63
CA LYS B 456 28.36 -18.29 8.83
C LYS B 456 29.61 -17.43 8.99
N ASN B 457 29.98 -17.19 10.26
CA ASN B 457 31.17 -16.41 10.60
C ASN B 457 31.08 -14.98 10.07
N ALA B 458 29.94 -14.35 10.26
CA ALA B 458 29.76 -12.95 9.90
C ALA B 458 29.73 -12.07 11.13
N ASN B 459 29.76 -10.76 10.90
CA ASN B 459 29.63 -9.78 11.97
C ASN B 459 28.59 -8.74 11.57
N LEU B 460 28.20 -7.92 12.53
CA LEU B 460 27.06 -7.02 12.35
C LEU B 460 27.23 -6.11 11.15
N ILE B 461 28.46 -5.68 10.87
CA ILE B 461 28.66 -4.69 9.83
C ILE B 461 28.51 -5.30 8.44
N GLU B 462 29.09 -6.48 8.22
CA GLU B 462 28.90 -7.17 6.95
C GLU B 462 27.43 -7.48 6.71
N VAL B 463 26.70 -7.79 7.77
CA VAL B 463 25.28 -8.12 7.62
C VAL B 463 24.48 -6.88 7.24
N ASN B 464 24.76 -5.75 7.89
CA ASN B 464 24.12 -4.50 7.48
C ASN B 464 24.46 -4.18 6.03
N GLU B 465 25.71 -4.40 5.64
CA GLU B 465 26.11 -4.20 4.25
C GLU B 465 25.28 -5.06 3.31
N GLU B 466 25.08 -6.33 3.66
CA GLU B 466 24.32 -7.24 2.82
C GLU B 466 22.86 -6.80 2.69
N VAL B 467 22.25 -6.37 3.79
CA VAL B 467 20.88 -5.86 3.70
C VAL B 467 20.84 -4.61 2.83
N LYS B 468 21.85 -3.75 2.95
CA LYS B 468 21.94 -2.58 2.08
C LYS B 468 21.98 -2.99 0.63
N LYS B 469 22.75 -4.03 0.32
CA LYS B 469 22.93 -4.47 -1.06
C LYS B 469 21.65 -5.03 -1.64
N LEU B 470 20.94 -5.86 -0.87
CA LEU B 470 19.64 -6.35 -1.33
C LEU B 470 18.64 -5.21 -1.51
N CYS B 471 18.58 -4.29 -0.55
CA CYS B 471 17.67 -3.15 -0.66
C CYS B 471 17.97 -2.33 -1.91
N ALA B 472 19.26 -2.19 -2.26
CA ALA B 472 19.61 -1.45 -3.45
C ALA B 472 19.31 -2.23 -4.73
N THR B 473 19.42 -3.55 -4.69
CA THR B 473 19.12 -4.36 -5.86
C THR B 473 17.63 -4.34 -6.18
N GLN B 474 16.78 -4.52 -5.17
CA GLN B 474 15.35 -4.66 -5.42
C GLN B 474 14.51 -3.47 -5.01
N PHE B 475 14.80 -2.87 -3.85
CA PHE B 475 13.95 -1.80 -3.31
C PHE B 475 14.64 -0.45 -3.38
N ASN B 476 15.56 -0.27 -4.34
CA ASN B 476 16.27 1.00 -4.47
C ASN B 476 15.30 2.16 -4.58
N ASN B 477 14.22 1.97 -5.34
CA ASN B 477 13.16 2.96 -5.48
C ASN B 477 12.13 2.86 -4.36
N ILE B 478 12.53 2.29 -3.22
CA ILE B 478 11.64 2.02 -2.10
C ILE B 478 12.36 2.49 -0.84
N PHE B 479 11.82 3.53 -0.21
CA PHE B 479 12.49 4.20 0.91
C PHE B 479 12.97 3.21 1.96
N PHE B 480 14.22 3.34 2.39
CA PHE B 480 14.80 2.47 3.41
C PHE B 480 16.03 3.15 4.01
N LEU B 481 16.56 2.56 5.07
CA LEU B 481 17.64 3.18 5.83
C LEU B 481 18.95 2.44 5.63
N ASP B 482 20.05 3.17 5.78
CA ASP B 482 21.40 2.62 5.67
C ASP B 482 22.09 2.66 7.03
N MET C 1 -29.39 23.14 -50.70
CA MET C 1 -28.28 22.55 -49.97
C MET C 1 -27.46 23.65 -49.29
N GLY C 2 -27.28 23.52 -47.98
CA GLY C 2 -26.52 24.49 -47.22
C GLY C 2 -25.04 24.47 -47.52
N GLU C 3 -24.27 25.31 -46.83
CA GLU C 3 -22.83 25.33 -47.02
C GLU C 3 -22.18 24.02 -46.57
N GLU C 4 -22.82 23.30 -45.66
CA GLU C 4 -22.31 22.04 -45.14
C GLU C 4 -22.41 20.89 -46.15
N ASP C 5 -22.76 21.19 -47.40
CA ASP C 5 -22.91 20.17 -48.43
C ASP C 5 -21.84 20.20 -49.50
N TYR C 6 -21.21 21.35 -49.75
CA TYR C 6 -20.17 21.47 -50.75
C TYR C 6 -18.83 21.70 -50.07
N TYR C 7 -17.76 21.26 -50.73
CA TYR C 7 -16.42 21.41 -50.17
C TYR C 7 -15.47 22.21 -51.06
N LEU C 8 -15.69 22.25 -52.38
CA LEU C 8 -14.85 23.02 -53.30
C LEU C 8 -15.44 24.41 -53.42
N GLU C 9 -14.70 25.42 -52.96
CA GLU C 9 -15.10 26.81 -53.05
C GLU C 9 -14.21 27.54 -54.05
N LEU C 10 -14.57 28.79 -54.33
CA LEU C 10 -13.76 29.65 -55.17
C LEU C 10 -13.10 30.73 -54.34
N CYS C 11 -12.29 31.56 -54.99
CA CYS C 11 -11.54 32.59 -54.28
C CYS C 11 -12.48 33.69 -53.78
N GLU C 12 -12.29 34.10 -52.52
CA GLU C 12 -13.08 35.19 -51.97
C GLU C 12 -12.80 36.49 -52.70
N ARG C 13 -11.55 36.69 -53.13
CA ARG C 13 -11.15 37.88 -53.89
C ARG C 13 -10.69 37.43 -55.27
N PRO C 14 -11.61 37.18 -56.21
CA PRO C 14 -11.19 36.75 -57.54
C PRO C 14 -10.57 37.89 -58.33
N VAL C 15 -10.14 37.56 -59.53
CA VAL C 15 -9.52 38.54 -60.42
C VAL C 15 -10.52 38.86 -61.51
N GLN C 16 -11.12 40.05 -61.43
CA GLN C 16 -12.01 40.57 -62.46
C GLN C 16 -11.22 41.44 -63.41
N PHE C 17 -11.42 41.22 -64.71
CA PHE C 17 -10.68 41.93 -65.75
C PHE C 17 -11.61 42.16 -66.93
N GLU C 18 -11.12 42.91 -67.91
CA GLU C 18 -11.93 43.24 -69.08
C GLU C 18 -12.25 41.97 -69.86
N LYS C 19 -13.54 41.74 -70.11
CA LYS C 19 -14.01 40.50 -70.70
C LYS C 19 -13.51 40.35 -72.13
N ALA C 20 -13.69 39.15 -72.68
CA ALA C 20 -13.21 38.84 -74.02
C ALA C 20 -14.20 39.34 -75.07
N ASN C 21 -13.73 40.26 -75.90
CA ASN C 21 -14.51 40.75 -77.03
C ASN C 21 -13.59 40.82 -78.24
N PRO C 22 -14.13 40.77 -79.47
CA PRO C 22 -13.28 40.69 -80.67
C PRO C 22 -12.25 41.81 -80.78
N VAL C 23 -12.37 42.89 -80.01
CA VAL C 23 -11.37 43.96 -80.03
C VAL C 23 -10.24 43.71 -79.04
N ASN C 24 -10.55 43.26 -77.83
CA ASN C 24 -9.54 43.00 -76.81
C ASN C 24 -9.26 41.51 -76.74
N CYS C 25 -8.06 41.13 -77.19
CA CYS C 25 -7.63 39.74 -77.12
C CYS C 25 -7.19 39.42 -75.70
N VAL C 26 -7.57 38.24 -75.22
CA VAL C 26 -7.25 37.81 -73.88
C VAL C 26 -6.43 36.53 -73.96
N PHE C 27 -5.35 36.48 -73.19
CA PHE C 27 -4.53 35.28 -73.08
C PHE C 27 -4.11 35.10 -71.63
N PHE C 28 -3.56 33.93 -71.33
CA PHE C 28 -3.18 33.63 -69.95
C PHE C 28 -1.79 32.99 -69.92
N ASP C 29 -1.00 33.37 -68.93
CA ASP C 29 0.33 32.83 -68.70
C ASP C 29 0.26 32.01 -67.40
N GLU C 30 0.25 30.69 -67.54
CA GLU C 30 0.21 29.83 -66.37
C GLU C 30 1.54 29.84 -65.61
N ALA C 31 2.65 30.04 -66.31
CA ALA C 31 3.96 30.07 -65.65
C ALA C 31 4.01 31.16 -64.60
N ASN C 32 3.57 32.36 -64.95
CA ASN C 32 3.45 33.45 -63.99
C ASN C 32 2.02 33.65 -63.51
N LYS C 33 1.06 32.97 -64.14
CA LYS C 33 -0.36 33.08 -63.79
C LYS C 33 -0.86 34.50 -63.96
N GLN C 34 -0.57 35.10 -65.09
CA GLN C 34 -0.97 36.47 -65.37
C GLN C 34 -1.83 36.50 -66.63
N VAL C 35 -2.97 37.15 -66.55
CA VAL C 35 -3.84 37.31 -67.71
C VAL C 35 -3.49 38.60 -68.43
N PHE C 36 -3.40 38.52 -69.75
CA PHE C 36 -3.15 39.65 -70.63
C PHE C 36 -4.47 39.99 -71.31
N ALA C 37 -4.86 41.25 -71.24
CA ALA C 37 -5.96 41.79 -72.03
C ALA C 37 -5.40 42.92 -72.88
N VAL C 38 -5.27 42.68 -74.18
CA VAL C 38 -4.65 43.63 -75.10
C VAL C 38 -5.75 44.18 -76.00
N ARG C 39 -6.00 45.48 -75.89
CA ARG C 39 -6.89 46.20 -76.79
C ARG C 39 -6.08 46.57 -78.02
N SER C 40 -6.34 45.87 -79.13
CA SER C 40 -5.63 46.11 -80.38
C SER C 40 -6.22 47.33 -81.08
N GLY C 41 -5.77 47.60 -82.29
CA GLY C 41 -6.19 48.78 -83.02
C GLY C 41 -5.05 49.74 -83.27
N GLY C 42 -3.86 49.20 -83.49
CA GLY C 42 -2.66 50.01 -83.61
C GLY C 42 -1.94 50.17 -82.29
N ALA C 43 -2.55 50.91 -81.36
CA ALA C 43 -2.00 51.07 -80.02
C ALA C 43 -2.56 49.94 -79.16
N THR C 44 -1.84 48.83 -79.13
CA THR C 44 -2.25 47.68 -78.33
C THR C 44 -2.06 47.99 -76.85
N GLY C 45 -3.13 48.43 -76.19
CA GLY C 45 -3.09 48.67 -74.76
C GLY C 45 -3.25 47.39 -73.96
N VAL C 46 -2.19 46.95 -73.30
CA VAL C 46 -2.16 45.66 -72.64
C VAL C 46 -2.22 45.87 -71.13
N VAL C 47 -3.20 45.24 -70.49
CA VAL C 47 -3.30 45.19 -69.03
C VAL C 47 -3.01 43.77 -68.59
N VAL C 48 -2.29 43.63 -67.47
CA VAL C 48 -1.83 42.35 -66.97
C VAL C 48 -2.29 42.21 -65.53
N LYS C 49 -3.04 41.15 -65.25
CA LYS C 49 -3.56 40.93 -63.91
C LYS C 49 -3.10 39.57 -63.39
N GLY C 50 -2.51 39.55 -62.20
CA GLY C 50 -2.07 38.33 -61.57
C GLY C 50 -2.76 38.11 -60.24
N PRO C 51 -2.59 36.92 -59.66
CA PRO C 51 -3.22 36.67 -58.35
C PRO C 51 -2.56 37.46 -57.23
N ASP C 52 -1.24 37.46 -57.15
CA ASP C 52 -0.51 38.22 -56.15
C ASP C 52 -0.38 39.69 -56.50
N ASP C 53 -0.49 40.04 -57.77
CA ASP C 53 -0.16 41.37 -58.25
C ASP C 53 -1.17 42.39 -57.74
N ARG C 54 -0.69 43.34 -56.94
CA ARG C 54 -1.57 44.35 -56.35
C ARG C 54 -2.02 45.36 -57.39
N ASN C 55 -1.09 45.92 -58.16
CA ASN C 55 -1.40 46.87 -59.21
C ASN C 55 -1.20 46.21 -60.57
N PRO C 56 -2.25 46.10 -61.39
CA PRO C 56 -2.11 45.45 -62.69
C PRO C 56 -1.11 46.16 -63.57
N ILE C 57 -0.27 45.37 -64.23
CA ILE C 57 0.80 45.89 -65.08
C ILE C 57 0.13 46.37 -66.36
N SER C 58 -0.08 47.68 -66.46
CA SER C 58 -0.72 48.30 -67.62
C SER C 58 0.35 49.00 -68.44
N PHE C 59 0.29 48.83 -69.76
CA PHE C 59 1.28 49.45 -70.64
C PHE C 59 0.72 49.46 -72.05
N ARG C 60 1.50 50.01 -72.97
CA ARG C 60 1.13 50.12 -74.38
C ARG C 60 2.21 49.50 -75.25
N MET C 61 1.79 48.87 -76.33
CA MET C 61 2.70 48.37 -77.36
C MET C 61 2.10 48.71 -78.72
N ASP C 62 2.86 48.42 -79.77
CA ASP C 62 2.33 48.67 -81.09
C ASP C 62 1.72 47.41 -81.68
N ASP C 63 0.78 47.61 -82.60
CA ASP C 63 0.18 46.50 -83.34
C ASP C 63 1.03 46.26 -84.58
N LYS C 64 1.95 45.30 -84.46
CA LYS C 64 2.81 44.90 -85.57
C LYS C 64 2.20 43.75 -86.35
N GLY C 65 0.88 43.66 -86.35
CA GLY C 65 0.14 42.56 -86.91
C GLY C 65 -0.74 41.89 -85.86
N GLU C 66 -1.31 40.77 -86.26
CA GLU C 66 -2.15 40.01 -85.34
C GLU C 66 -1.28 39.37 -84.27
N VAL C 67 -1.64 39.59 -83.00
CA VAL C 67 -0.90 39.00 -81.90
C VAL C 67 -1.29 37.53 -81.76
N LYS C 68 -0.29 36.65 -81.76
CA LYS C 68 -0.56 35.22 -81.61
C LYS C 68 -0.33 34.73 -80.19
N CYS C 69 0.79 35.08 -79.57
CA CYS C 69 1.03 34.66 -78.19
C CYS C 69 1.91 35.69 -77.51
N ILE C 70 1.80 35.76 -76.18
CA ILE C 70 2.53 36.76 -75.40
C ILE C 70 2.85 36.20 -74.02
N LYS C 71 4.13 36.26 -73.64
CA LYS C 71 4.54 35.77 -72.33
C LYS C 71 5.69 36.60 -71.76
N PHE C 72 5.71 36.73 -70.44
CA PHE C 72 6.80 37.40 -69.73
C PHE C 72 7.80 36.38 -69.20
N SER C 73 9.06 36.78 -69.13
CA SER C 73 10.08 35.97 -68.48
C SER C 73 9.86 35.98 -66.97
N LEU C 74 10.64 35.15 -66.28
CA LEU C 74 10.60 35.13 -64.82
C LEU C 74 10.98 36.50 -64.28
N GLU C 75 10.39 36.85 -63.13
CA GLU C 75 10.43 38.17 -62.53
C GLU C 75 9.77 39.23 -63.41
N ASN C 76 9.14 38.83 -64.52
CA ASN C 76 8.41 39.74 -65.41
C ASN C 76 9.32 40.82 -65.99
N LYS C 77 10.56 40.48 -66.28
CA LYS C 77 11.52 41.46 -66.80
C LYS C 77 11.49 41.59 -68.32
N ILE C 78 11.33 40.48 -69.03
CA ILE C 78 11.41 40.48 -70.49
C ILE C 78 10.08 40.01 -71.06
N LEU C 79 9.58 40.76 -72.05
CA LEU C 79 8.35 40.42 -72.74
C LEU C 79 8.69 39.78 -74.08
N ALA C 80 7.91 38.77 -74.47
CA ALA C 80 8.07 38.12 -75.76
C ALA C 80 6.70 37.95 -76.40
N VAL C 81 6.59 38.31 -77.67
CA VAL C 81 5.34 38.25 -78.42
C VAL C 81 5.60 37.56 -79.75
N GLN C 82 4.83 36.51 -80.02
CA GLN C 82 4.75 35.93 -81.34
C GLN C 82 3.58 36.56 -82.07
N ARG C 83 3.88 37.31 -83.14
CA ARG C 83 2.88 37.91 -84.01
C ARG C 83 2.88 37.34 -85.41
N THR C 84 3.98 36.71 -85.82
CA THR C 84 4.10 36.13 -87.15
C THR C 84 4.29 34.63 -87.04
N SER C 85 4.45 33.97 -88.18
CA SER C 85 4.61 32.53 -88.25
C SER C 85 6.05 32.07 -88.01
N LYS C 86 7.04 32.93 -88.21
CA LYS C 86 8.44 32.56 -88.05
C LYS C 86 9.24 33.49 -87.17
N THR C 87 8.79 34.72 -86.95
CA THR C 87 9.56 35.72 -86.24
C THR C 87 8.86 36.12 -84.94
N VAL C 88 9.56 35.99 -83.82
CA VAL C 88 9.05 36.39 -82.52
C VAL C 88 9.83 37.61 -82.07
N ASP C 89 9.11 38.63 -81.59
CA ASP C 89 9.71 39.85 -81.11
C ASP C 89 9.84 39.80 -79.58
N PHE C 90 10.77 40.59 -79.06
CA PHE C 90 10.99 40.67 -77.62
C PHE C 90 11.31 42.09 -77.24
N CYS C 91 11.01 42.43 -75.99
CA CYS C 91 11.25 43.75 -75.44
C CYS C 91 11.78 43.61 -74.02
N ASN C 92 12.93 44.22 -73.75
CA ASN C 92 13.40 44.32 -72.37
C ASN C 92 12.45 45.25 -71.64
N PHE C 93 11.58 44.69 -70.81
CA PHE C 93 10.45 45.43 -70.27
C PHE C 93 10.86 46.19 -69.02
N ILE C 94 11.02 47.49 -69.14
CA ILE C 94 11.13 48.39 -67.99
C ILE C 94 9.87 49.25 -67.98
N PRO C 95 9.08 49.23 -66.92
CA PRO C 95 7.87 50.07 -66.88
C PRO C 95 8.20 51.53 -67.07
N ASP C 96 7.28 52.25 -67.73
CA ASP C 96 7.41 53.66 -68.08
C ASP C 96 8.61 53.93 -68.97
N ASN C 97 9.10 52.93 -69.70
CA ASN C 97 10.27 53.08 -70.56
C ASN C 97 9.96 52.55 -71.95
N SER C 98 10.37 53.31 -72.96
CA SER C 98 10.22 52.88 -74.34
C SER C 98 11.26 51.81 -74.65
N GLN C 99 10.83 50.71 -75.27
CA GLN C 99 11.67 49.55 -75.51
C GLN C 99 11.66 49.20 -76.99
N LEU C 100 12.83 48.85 -77.52
CA LEU C 100 12.94 48.50 -78.93
C LEU C 100 12.69 47.01 -79.11
N GLU C 101 11.68 46.68 -79.92
CA GLU C 101 11.41 45.29 -80.27
C GLU C 101 12.58 44.72 -81.05
N TYR C 102 13.16 43.63 -80.54
CA TYR C 102 14.18 42.90 -81.27
C TYR C 102 13.60 41.57 -81.71
N THR C 103 13.83 41.23 -82.98
CA THR C 103 13.17 40.10 -83.63
C THR C 103 14.13 38.93 -83.78
N GLN C 104 13.63 37.73 -83.57
CA GLN C 104 14.39 36.51 -83.80
C GLN C 104 13.54 35.53 -84.59
N GLU C 105 14.13 34.95 -85.63
CA GLU C 105 13.49 33.92 -86.43
C GLU C 105 14.14 32.57 -86.15
N CYS C 106 13.34 31.52 -86.26
CA CYS C 106 13.82 30.17 -86.00
C CYS C 106 14.95 29.79 -86.94
N LYS C 107 15.78 28.83 -86.51
CA LYS C 107 16.90 28.40 -87.33
C LYS C 107 16.43 27.64 -88.57
N THR C 108 15.58 26.63 -88.39
CA THR C 108 15.00 25.89 -89.50
C THR C 108 14.00 26.79 -90.22
N LYS C 109 14.22 27.02 -91.52
CA LYS C 109 13.42 28.01 -92.24
C LYS C 109 11.97 27.57 -92.36
N ASN C 110 11.74 26.30 -92.68
CA ASN C 110 10.40 25.78 -92.89
C ASN C 110 9.75 25.31 -91.59
N ALA C 111 10.20 25.81 -90.45
CA ALA C 111 9.63 25.46 -89.15
C ALA C 111 8.68 26.55 -88.67
N ASN C 112 7.54 26.12 -88.13
CA ASN C 112 6.46 27.02 -87.76
C ASN C 112 6.30 27.02 -86.24
N ILE C 113 6.43 28.21 -85.64
CA ILE C 113 6.39 28.37 -84.20
C ILE C 113 4.98 28.10 -83.69
N LEU C 114 4.83 27.06 -82.86
CA LEU C 114 3.59 26.90 -82.10
C LEU C 114 3.52 27.83 -80.91
N GLY C 115 4.66 28.26 -80.38
CA GLY C 115 4.66 29.15 -79.24
C GLY C 115 6.06 29.22 -78.65
N PHE C 116 6.10 29.49 -77.34
CA PHE C 116 7.36 29.62 -76.64
C PHE C 116 7.12 29.45 -75.15
N CYS C 117 8.21 29.18 -74.42
CA CYS C 117 8.14 28.94 -72.98
C CYS C 117 9.30 29.66 -72.32
N TRP C 118 8.98 30.60 -71.43
CA TRP C 118 9.99 31.34 -70.68
C TRP C 118 10.55 30.44 -69.58
N THR C 119 11.53 29.62 -69.93
CA THR C 119 12.04 28.59 -69.02
C THR C 119 12.67 29.18 -67.76
N SER C 120 13.20 30.40 -67.83
CA SER C 120 13.86 31.02 -66.68
C SER C 120 13.83 32.53 -66.89
N SER C 121 14.59 33.25 -66.08
CA SER C 121 14.59 34.71 -66.16
C SER C 121 15.38 35.22 -67.36
N THR C 122 16.27 34.41 -67.92
CA THR C 122 17.13 34.86 -69.02
C THR C 122 17.28 33.82 -70.13
N GLU C 123 16.50 32.74 -70.11
CA GLU C 123 16.60 31.71 -71.14
C GLU C 123 15.20 31.35 -71.60
N ILE C 124 15.06 30.97 -72.88
CA ILE C 124 13.75 30.71 -73.46
C ILE C 124 13.88 29.68 -74.58
N VAL C 125 12.84 28.85 -74.73
CA VAL C 125 12.77 27.82 -75.74
C VAL C 125 11.70 28.18 -76.77
N PHE C 126 11.93 27.82 -78.02
CA PHE C 126 10.98 28.02 -79.10
C PHE C 126 10.60 26.67 -79.68
N ILE C 127 9.31 26.36 -79.62
CA ILE C 127 8.78 25.10 -80.13
C ILE C 127 8.25 25.35 -81.55
N THR C 128 8.82 24.64 -82.52
CA THR C 128 8.36 24.70 -83.89
C THR C 128 7.88 23.33 -84.32
N ASP C 129 7.03 23.31 -85.36
CA ASP C 129 6.49 22.04 -85.85
C ASP C 129 7.57 21.03 -86.19
N GLN C 130 8.79 21.49 -86.44
CA GLN C 130 9.89 20.60 -86.77
C GLN C 130 10.99 20.57 -85.72
N GLY C 131 10.72 20.93 -84.48
CA GLY C 131 11.70 20.72 -83.44
C GLY C 131 11.62 21.79 -82.36
N ILE C 132 12.74 21.97 -81.68
CA ILE C 132 12.85 22.86 -80.52
C ILE C 132 14.19 23.57 -80.60
N GLU C 133 14.20 24.86 -80.25
CA GLU C 133 15.41 25.67 -80.26
C GLU C 133 15.50 26.46 -78.96
N PHE C 134 16.48 26.13 -78.12
CA PHE C 134 16.68 26.74 -76.82
C PHE C 134 17.75 27.82 -76.93
N TYR C 135 17.37 29.07 -76.66
CA TYR C 135 18.27 30.22 -76.66
C TYR C 135 18.31 30.83 -75.25
N GLN C 136 19.19 31.81 -75.09
CA GLN C 136 19.21 32.68 -73.93
C GLN C 136 19.13 34.13 -74.42
N VAL C 137 18.38 34.96 -73.71
CA VAL C 137 18.14 36.33 -74.14
C VAL C 137 19.26 37.23 -73.63
N LEU C 138 19.78 38.07 -74.54
CA LEU C 138 20.74 39.12 -74.20
C LEU C 138 20.02 40.45 -74.38
N PRO C 139 19.27 40.92 -73.38
CA PRO C 139 18.39 42.08 -73.60
C PRO C 139 19.14 43.37 -73.88
N GLU C 140 20.20 43.66 -73.12
CA GLU C 140 20.99 44.85 -73.39
C GLU C 140 21.60 44.79 -74.78
N LYS C 141 21.94 43.59 -75.24
CA LYS C 141 22.43 43.40 -76.60
C LYS C 141 21.30 43.17 -77.60
N ARG C 142 20.11 42.80 -77.12
CA ARG C 142 18.93 42.58 -77.96
C ARG C 142 19.18 41.48 -78.99
N SER C 143 19.70 40.36 -78.51
CA SER C 143 19.99 39.22 -79.36
C SER C 143 19.71 37.94 -78.58
N LEU C 144 19.50 36.85 -79.32
CA LEU C 144 19.23 35.54 -78.74
C LEU C 144 20.33 34.58 -79.16
N LYS C 145 21.13 34.13 -78.20
CA LYS C 145 22.19 33.16 -78.46
C LYS C 145 21.61 31.76 -78.36
N LEU C 146 21.62 31.04 -79.48
CA LEU C 146 21.05 29.69 -79.53
C LEU C 146 21.92 28.73 -78.73
N LEU C 147 21.39 28.27 -77.59
CA LEU C 147 22.16 27.36 -76.75
C LEU C 147 22.14 25.95 -77.31
N LYS C 148 20.95 25.41 -77.55
CA LYS C 148 20.82 24.03 -78.00
C LYS C 148 19.60 23.93 -78.89
N SER C 149 19.35 22.73 -79.41
CA SER C 149 18.20 22.49 -80.27
C SER C 149 18.07 21.00 -80.53
N HIS C 150 16.96 20.63 -81.17
CA HIS C 150 16.73 19.28 -81.64
C HIS C 150 15.56 19.29 -82.60
N ASN C 151 15.76 18.74 -83.80
CA ASN C 151 14.73 18.74 -84.83
C ASN C 151 13.93 17.44 -84.76
N LEU C 152 12.62 17.57 -84.55
CA LEU C 152 11.74 16.42 -84.44
C LEU C 152 10.34 16.81 -84.89
N ASN C 153 9.66 15.86 -85.52
CA ASN C 153 8.26 16.05 -85.90
C ASN C 153 7.40 16.19 -84.65
N VAL C 154 6.41 17.08 -84.71
CA VAL C 154 5.60 17.43 -83.54
C VAL C 154 4.16 17.66 -83.97
N ASN C 155 3.22 17.10 -83.20
CA ASN C 155 1.82 17.47 -83.29
C ASN C 155 1.51 18.68 -82.42
N TRP C 156 1.92 18.65 -81.15
CA TRP C 156 1.72 19.79 -80.26
C TRP C 156 2.62 19.62 -79.03
N TYR C 157 2.58 20.65 -78.17
CA TYR C 157 3.49 20.75 -77.04
C TYR C 157 2.71 21.02 -75.76
N MET C 158 3.40 20.88 -74.63
CA MET C 158 2.84 21.25 -73.33
C MET C 158 3.96 21.51 -72.33
N TYR C 159 3.77 22.54 -71.50
CA TYR C 159 4.83 23.04 -70.63
C TYR C 159 4.37 23.07 -69.18
N CYS C 160 5.24 22.57 -68.29
CA CYS C 160 5.01 22.64 -66.85
C CYS C 160 6.11 23.48 -66.21
N PRO C 161 5.78 24.66 -65.68
CA PRO C 161 6.83 25.55 -65.15
C PRO C 161 7.47 25.07 -63.86
N GLU C 162 6.67 24.66 -62.88
CA GLU C 162 7.21 24.35 -61.55
C GLU C 162 8.17 23.17 -61.62
N SER C 163 7.91 22.21 -62.51
CA SER C 163 8.86 21.16 -62.79
C SER C 163 9.70 21.45 -64.03
N ALA C 164 9.33 22.48 -64.80
CA ALA C 164 10.11 22.97 -65.93
C ALA C 164 10.37 21.86 -66.95
N VAL C 165 9.29 21.33 -67.50
CA VAL C 165 9.35 20.22 -68.43
C VAL C 165 8.48 20.53 -69.63
N ILE C 166 9.00 20.25 -70.82
CA ILE C 166 8.25 20.34 -72.07
C ILE C 166 7.96 18.94 -72.55
N LEU C 167 6.78 18.73 -73.11
CA LEU C 167 6.37 17.44 -73.63
C LEU C 167 5.83 17.64 -75.04
N LEU C 168 6.23 16.77 -75.96
CA LEU C 168 5.90 16.90 -77.37
C LEU C 168 5.21 15.63 -77.86
N SER C 169 4.07 15.80 -78.52
CA SER C 169 3.39 14.71 -79.20
C SER C 169 3.91 14.65 -80.63
N THR C 170 4.52 13.53 -81.00
CA THR C 170 5.23 13.42 -82.28
C THR C 170 4.51 12.55 -83.31
N THR C 171 4.01 11.39 -82.91
CA THR C 171 3.42 10.44 -83.85
C THR C 171 2.08 10.98 -84.37
N VAL C 172 1.73 10.59 -85.60
CA VAL C 172 0.47 11.02 -86.19
C VAL C 172 -0.71 10.60 -85.33
N LEU C 173 -0.60 9.45 -84.66
CA LEU C 173 -1.62 9.03 -83.72
C LEU C 173 -1.49 9.74 -82.37
N GLU C 174 -0.45 10.55 -82.20
CA GLU C 174 -0.24 11.38 -81.02
C GLU C 174 -0.15 10.56 -79.73
N ASN C 175 0.18 9.27 -79.85
CA ASN C 175 0.33 8.40 -78.69
C ASN C 175 1.78 8.13 -78.33
N VAL C 176 2.71 8.92 -78.85
CA VAL C 176 4.13 8.83 -78.49
C VAL C 176 4.54 10.20 -77.97
N LEU C 177 5.27 10.22 -76.86
CA LEU C 177 5.48 11.41 -76.07
C LEU C 177 6.97 11.61 -75.79
N GLN C 178 7.55 12.66 -76.37
CA GLN C 178 8.95 12.99 -76.15
C GLN C 178 9.05 14.10 -75.12
N PRO C 179 9.50 13.83 -73.91
CA PRO C 179 9.71 14.89 -72.93
C PRO C 179 11.15 15.40 -72.89
N PHE C 180 11.29 16.64 -72.44
CA PHE C 180 12.58 17.29 -72.26
C PHE C 180 12.53 18.16 -71.01
N HIS C 181 13.56 18.08 -70.19
CA HIS C 181 13.64 18.89 -68.99
C HIS C 181 14.66 20.02 -69.19
N PHE C 182 14.59 21.01 -68.32
CA PHE C 182 15.55 22.11 -68.31
C PHE C 182 15.92 22.45 -66.88
N ARG C 183 17.22 22.47 -66.60
CA ARG C 183 17.70 22.88 -65.27
C ARG C 183 18.98 23.66 -65.43
N ALA C 184 19.09 24.78 -64.72
CA ALA C 184 20.27 25.65 -64.75
C ALA C 184 20.55 26.16 -66.17
N GLY C 185 19.47 26.41 -66.91
CA GLY C 185 19.60 26.81 -68.30
C GLY C 185 20.10 25.74 -69.23
N THR C 186 20.15 24.48 -68.79
CA THR C 186 20.63 23.38 -69.61
C THR C 186 19.48 22.45 -69.95
N MET C 187 19.42 22.07 -71.23
CA MET C 187 18.42 21.14 -71.74
C MET C 187 18.86 19.71 -71.45
N SER C 188 17.89 18.85 -71.17
CA SER C 188 18.16 17.44 -70.86
C SER C 188 17.08 16.57 -71.47
N LYS C 189 17.49 15.41 -71.99
CA LYS C 189 16.58 14.49 -72.65
C LYS C 189 15.83 13.65 -71.62
N LEU C 190 14.53 13.52 -71.80
CA LEU C 190 13.74 12.60 -71.00
C LEU C 190 13.20 11.47 -71.87
N PRO C 191 13.19 10.24 -71.33
CA PRO C 191 12.86 9.07 -72.15
C PRO C 191 11.44 9.13 -72.70
N LYS C 192 11.26 8.52 -73.87
CA LYS C 192 9.98 8.48 -74.54
C LYS C 192 9.09 7.40 -73.92
N PHE C 193 7.78 7.57 -74.06
CA PHE C 193 6.82 6.59 -73.56
C PHE C 193 5.61 6.60 -74.48
N GLU C 194 4.67 5.70 -74.22
CA GLU C 194 3.54 5.46 -75.11
C GLU C 194 2.25 5.35 -74.32
N ILE C 195 1.15 5.74 -74.95
CA ILE C 195 -0.17 5.73 -74.34
C ILE C 195 -0.99 4.63 -75.00
N GLU C 196 -1.44 3.66 -74.20
CA GLU C 196 -2.38 2.66 -74.68
C GLU C 196 -3.68 3.34 -75.08
N LEU C 197 -4.27 2.89 -76.19
CA LEU C 197 -5.50 3.50 -76.67
C LEU C 197 -6.70 2.64 -76.31
N PRO C 198 -7.84 3.25 -75.99
CA PRO C 198 -9.06 2.48 -75.79
C PRO C 198 -9.67 2.05 -77.11
N ALA C 199 -10.70 1.20 -76.99
CA ALA C 199 -11.36 0.63 -78.16
C ALA C 199 -11.99 1.75 -78.98
N ALA C 200 -11.73 1.74 -80.31
CA ALA C 200 -12.21 2.75 -81.25
C ALA C 200 -13.21 2.15 -82.23
N PRO C 201 -14.21 2.93 -82.63
CA PRO C 201 -15.14 2.46 -83.67
C PRO C 201 -14.51 2.56 -85.05
N LYS C 202 -15.16 1.91 -86.02
CA LYS C 202 -14.68 1.88 -87.40
C LYS C 202 -15.20 3.05 -88.22
N SER C 203 -15.56 4.16 -87.59
CA SER C 203 -15.99 5.35 -88.30
C SER C 203 -14.88 6.37 -88.48
N THR C 204 -13.83 6.32 -87.67
CA THR C 204 -12.72 7.26 -87.76
C THR C 204 -11.53 6.71 -86.99
N LYS C 205 -10.40 7.41 -87.11
CA LYS C 205 -9.22 7.11 -86.31
C LYS C 205 -9.15 8.08 -85.14
N PRO C 206 -9.17 7.60 -83.89
CA PRO C 206 -9.18 8.53 -82.75
C PRO C 206 -7.89 9.31 -82.61
N SER C 207 -7.98 10.63 -82.74
CA SER C 207 -6.85 11.53 -82.58
C SER C 207 -6.80 12.04 -81.16
N LEU C 208 -5.64 11.94 -80.52
CA LEU C 208 -5.47 12.38 -79.14
C LEU C 208 -5.18 13.88 -79.14
N SER C 209 -6.23 14.68 -78.96
CA SER C 209 -6.11 16.14 -79.01
C SER C 209 -5.23 16.65 -77.88
N GLU C 210 -4.94 17.96 -77.95
CA GLU C 210 -4.22 18.63 -76.88
C GLU C 210 -4.98 18.56 -75.57
N ARG C 211 -6.31 18.49 -75.62
CA ARG C 211 -7.15 18.54 -74.43
C ARG C 211 -7.25 17.21 -73.69
N ASP C 212 -6.52 16.18 -74.13
CA ASP C 212 -6.59 14.87 -73.49
C ASP C 212 -5.40 14.58 -72.58
N ILE C 213 -4.46 15.50 -72.46
CA ILE C 213 -3.25 15.32 -71.67
C ILE C 213 -3.14 16.50 -70.72
N ALA C 214 -2.51 16.29 -69.57
CA ALA C 214 -2.23 17.36 -68.62
C ALA C 214 -1.02 16.96 -67.78
N MET C 215 -0.38 17.95 -67.18
CA MET C 215 0.79 17.74 -66.34
C MET C 215 0.56 18.35 -64.98
N ALA C 216 0.99 17.67 -63.92
CA ALA C 216 0.66 18.09 -62.57
C ALA C 216 1.81 17.83 -61.61
N THR C 217 1.84 18.62 -60.54
CA THR C 217 2.81 18.49 -59.47
C THR C 217 2.10 18.03 -58.22
N ILE C 218 2.07 16.72 -58.01
CA ILE C 218 1.31 16.10 -56.92
C ILE C 218 2.30 15.50 -55.93
N TYR C 219 2.22 15.94 -54.68
CA TYR C 219 3.17 15.56 -53.64
C TYR C 219 4.60 15.74 -54.13
N GLY C 220 4.87 16.89 -54.74
CA GLY C 220 6.19 17.20 -55.22
C GLY C 220 6.64 16.44 -56.45
N GLN C 221 5.85 15.46 -56.90
CA GLN C 221 6.25 14.60 -58.02
C GLN C 221 5.53 15.04 -59.28
N LEU C 222 6.11 14.72 -60.43
CA LEU C 222 5.55 15.11 -61.72
C LEU C 222 4.73 13.97 -62.28
N TYR C 223 3.45 14.23 -62.55
CA TYR C 223 2.57 13.22 -63.11
C TYR C 223 1.97 13.71 -64.42
N VAL C 224 1.73 12.76 -65.32
CA VAL C 224 1.08 13.01 -66.59
C VAL C 224 -0.30 12.39 -66.54
N LEU C 225 -1.32 13.24 -66.59
CA LEU C 225 -2.70 12.81 -66.57
C LEU C 225 -3.19 12.63 -68.00
N PHE C 226 -3.86 11.51 -68.25
CA PHE C 226 -4.52 11.26 -69.53
C PHE C 226 -5.97 10.91 -69.26
N LEU C 227 -6.88 11.60 -69.93
CA LEU C 227 -8.32 11.43 -69.73
C LEU C 227 -8.80 10.43 -70.76
N ARG C 228 -9.05 9.20 -70.31
CA ARG C 228 -9.42 8.10 -71.19
C ARG C 228 -10.92 7.84 -71.04
N HIS C 229 -11.68 8.14 -72.08
CA HIS C 229 -13.12 7.93 -72.07
C HIS C 229 -13.43 6.51 -72.53
N HIS C 230 -14.16 5.78 -71.70
CA HIS C 230 -14.60 4.44 -72.06
C HIS C 230 -15.78 4.55 -73.02
N SER C 231 -15.56 4.12 -74.26
CA SER C 231 -16.61 4.18 -75.27
C SER C 231 -17.80 3.33 -74.85
N ARG C 232 -19.00 3.81 -75.20
CA ARG C 232 -20.24 3.26 -74.66
C ARG C 232 -20.46 1.81 -75.09
N THR C 233 -20.22 0.89 -74.16
CA THR C 233 -20.53 -0.52 -74.38
C THR C 233 -21.31 -1.06 -73.19
N SER C 234 -21.76 -2.31 -73.27
CA SER C 234 -22.45 -2.92 -72.14
C SER C 234 -21.54 -3.07 -70.92
N ASN C 235 -20.22 -3.09 -71.13
CA ASN C 235 -19.25 -3.20 -70.05
C ASN C 235 -18.59 -1.86 -69.75
N SER C 236 -19.29 -0.77 -70.02
CA SER C 236 -18.74 0.57 -69.84
C SER C 236 -18.54 0.86 -68.36
N THR C 237 -17.28 0.83 -67.91
CA THR C 237 -16.92 1.13 -66.54
C THR C 237 -16.75 2.63 -66.30
N GLY C 238 -17.30 3.46 -67.18
CA GLY C 238 -17.14 4.89 -67.06
C GLY C 238 -15.75 5.34 -67.50
N ALA C 239 -15.62 6.65 -67.69
CA ALA C 239 -14.35 7.23 -68.05
C ALA C 239 -13.39 7.19 -66.87
N GLU C 240 -12.11 7.44 -67.16
CA GLU C 240 -11.09 7.38 -66.13
C GLU C 240 -9.97 8.37 -66.46
N VAL C 241 -9.12 8.60 -65.48
CA VAL C 241 -7.97 9.48 -65.59
C VAL C 241 -6.75 8.69 -65.13
N VAL C 242 -5.80 8.47 -66.01
CA VAL C 242 -4.62 7.68 -65.67
C VAL C 242 -3.46 8.63 -65.39
N LEU C 243 -2.77 8.38 -64.27
CA LEU C 243 -1.60 9.13 -63.83
C LEU C 243 -0.37 8.29 -64.14
N TYR C 244 0.33 8.64 -65.22
CA TYR C 244 1.64 8.10 -65.52
C TYR C 244 2.66 8.88 -64.71
N HIS C 245 3.37 8.18 -63.82
CA HIS C 245 4.45 8.83 -63.08
C HIS C 245 5.57 9.14 -64.05
N LEU C 246 5.87 10.43 -64.24
CA LEU C 246 7.01 10.82 -65.05
C LEU C 246 8.12 11.23 -64.09
N PRO C 247 9.11 10.38 -63.85
CA PRO C 247 10.22 10.78 -62.98
C PRO C 247 11.20 11.66 -63.71
N ARG C 248 11.93 12.45 -62.93
CA ARG C 248 13.01 13.23 -63.53
C ARG C 248 14.13 12.34 -64.02
N GLU C 249 14.31 11.18 -63.38
CA GLU C 249 15.26 10.16 -63.81
C GLU C 249 14.53 8.83 -63.91
N GLY C 250 14.63 8.19 -65.07
CA GLY C 250 14.01 6.90 -65.30
C GLY C 250 12.82 6.99 -66.24
N ALA C 251 12.25 5.82 -66.49
CA ALA C 251 11.16 5.69 -67.45
C ALA C 251 9.84 6.16 -66.86
N CYS C 252 9.04 6.83 -67.68
CA CYS C 252 7.70 7.24 -67.28
C CYS C 252 6.82 6.01 -67.10
N LYS C 253 6.34 5.80 -65.89
CA LYS C 253 5.63 4.59 -65.51
C LYS C 253 4.18 4.91 -65.19
N LYS C 254 3.25 4.15 -65.79
CA LYS C 254 1.86 4.24 -65.38
C LYS C 254 1.72 3.74 -63.95
N MET C 255 1.28 4.62 -63.05
CA MET C 255 1.20 4.23 -61.65
C MET C 255 -0.22 4.25 -61.10
N HIS C 256 -0.94 5.35 -61.32
CA HIS C 256 -2.22 5.51 -60.65
C HIS C 256 -3.35 5.57 -61.66
N ILE C 257 -4.52 5.11 -61.25
CA ILE C 257 -5.73 5.19 -62.07
C ILE C 257 -6.83 5.81 -61.23
N LEU C 258 -7.68 6.61 -61.86
CA LEU C 258 -8.78 7.30 -61.20
C LEU C 258 -10.07 6.97 -61.92
N LYS C 259 -11.00 6.35 -61.21
CA LYS C 259 -12.28 5.93 -61.77
C LYS C 259 -13.27 7.08 -61.60
N LEU C 260 -13.95 7.44 -62.69
CA LEU C 260 -14.95 8.50 -62.64
C LEU C 260 -16.37 7.97 -62.58
N ASN C 261 -16.60 6.77 -63.12
CA ASN C 261 -17.95 6.21 -63.23
C ASN C 261 -18.89 7.19 -63.94
N ARG C 262 -18.44 7.67 -65.10
CA ARG C 262 -19.21 8.62 -65.89
C ARG C 262 -18.68 8.61 -67.32
N THR C 263 -19.42 9.28 -68.19
CA THR C 263 -19.01 9.42 -69.60
C THR C 263 -19.37 10.81 -70.07
N GLY C 264 -18.46 11.44 -70.79
CA GLY C 264 -18.72 12.75 -71.35
C GLY C 264 -17.44 13.56 -71.41
N LYS C 265 -17.57 14.84 -71.03
CA LYS C 265 -16.45 15.77 -71.02
C LYS C 265 -16.03 16.02 -69.58
N PHE C 266 -14.76 16.33 -69.36
CA PHE C 266 -14.22 16.54 -68.03
C PHE C 266 -13.20 17.66 -68.04
N ALA C 267 -13.13 18.37 -66.91
CA ALA C 267 -12.17 19.43 -66.70
C ALA C 267 -11.38 19.16 -65.43
N LEU C 268 -10.06 19.07 -65.55
CA LEU C 268 -9.21 18.60 -64.47
C LEU C 268 -8.52 19.77 -63.78
N ASN C 269 -8.14 19.55 -62.53
CA ASN C 269 -7.45 20.54 -61.72
C ASN C 269 -6.72 19.80 -60.60
N VAL C 270 -5.85 20.52 -59.91
CA VAL C 270 -5.12 19.97 -58.77
C VAL C 270 -5.13 21.00 -57.65
N VAL C 271 -5.87 20.72 -56.59
CA VAL C 271 -6.05 21.66 -55.49
C VAL C 271 -5.57 20.99 -54.20
N ASP C 272 -4.59 21.61 -53.54
CA ASP C 272 -4.10 21.14 -52.25
C ASP C 272 -3.69 19.67 -52.29
N ASN C 273 -2.99 19.30 -53.37
CA ASN C 273 -2.49 17.94 -53.62
C ASN C 273 -3.59 16.94 -53.92
N LEU C 274 -4.79 17.40 -54.23
CA LEU C 274 -5.88 16.51 -54.63
C LEU C 274 -6.17 16.71 -56.11
N VAL C 275 -6.60 15.64 -56.78
CA VAL C 275 -6.94 15.72 -58.19
C VAL C 275 -8.45 15.94 -58.30
N VAL C 276 -8.85 17.11 -58.74
CA VAL C 276 -10.26 17.44 -58.88
C VAL C 276 -10.67 17.28 -60.33
N VAL C 277 -11.83 16.67 -60.55
CA VAL C 277 -12.37 16.48 -61.89
C VAL C 277 -13.81 16.98 -61.90
N HIS C 278 -14.11 17.85 -62.86
CA HIS C 278 -15.46 18.37 -63.07
C HIS C 278 -16.09 17.68 -64.27
N HIS C 279 -17.25 17.07 -64.03
CA HIS C 279 -18.10 16.48 -65.06
C HIS C 279 -19.12 17.56 -65.41
N GLN C 280 -18.95 18.14 -66.60
CA GLN C 280 -19.74 19.32 -66.97
C GLN C 280 -21.14 18.94 -67.43
N ASP C 281 -21.33 17.69 -67.85
CA ASP C 281 -22.65 17.25 -68.30
C ASP C 281 -23.68 17.38 -67.19
N THR C 282 -23.31 16.97 -65.97
CA THR C 282 -24.20 17.04 -64.82
C THR C 282 -23.68 17.97 -63.73
N GLU C 283 -22.65 18.77 -64.01
CA GLU C 283 -22.15 19.79 -63.10
C GLU C 283 -21.77 19.19 -61.75
N THR C 284 -20.94 18.16 -61.80
CA THR C 284 -20.49 17.48 -60.59
C THR C 284 -18.98 17.62 -60.48
N SER C 285 -18.47 17.62 -59.25
CA SER C 285 -17.05 17.65 -58.99
C SER C 285 -16.67 16.50 -58.08
N VAL C 286 -15.59 15.80 -58.43
CA VAL C 286 -15.09 14.69 -57.64
C VAL C 286 -13.62 14.92 -57.32
N ILE C 287 -13.25 14.68 -56.07
CA ILE C 287 -11.87 14.81 -55.62
C ILE C 287 -11.28 13.42 -55.47
N PHE C 288 -10.05 13.24 -55.92
CA PHE C 288 -9.30 12.03 -55.69
C PHE C 288 -8.08 12.36 -54.84
N ASP C 289 -7.77 11.48 -53.90
CA ASP C 289 -6.52 11.54 -53.14
C ASP C 289 -5.66 10.41 -53.68
N ILE C 290 -4.36 10.66 -53.81
CA ILE C 290 -3.45 9.70 -54.42
C ILE C 290 -2.73 8.93 -53.33
N LYS C 291 -2.71 9.48 -52.12
CA LYS C 291 -2.04 8.85 -50.99
C LYS C 291 -2.99 8.12 -50.07
N LEU C 292 -4.29 8.21 -50.30
CA LEU C 292 -5.25 7.37 -49.60
C LEU C 292 -5.14 5.94 -50.12
N ARG C 293 -5.33 4.98 -49.21
CA ARG C 293 -5.18 3.58 -49.58
C ARG C 293 -6.14 3.23 -50.69
N GLY C 294 -5.60 2.89 -51.86
CA GLY C 294 -6.40 2.60 -53.04
C GLY C 294 -6.24 1.14 -53.46
N GLU C 295 -7.16 0.70 -54.29
CA GLU C 295 -7.13 -0.67 -54.79
C GLU C 295 -5.86 -0.91 -55.58
N PHE C 296 -4.95 -1.71 -55.02
CA PHE C 296 -3.70 -2.06 -55.67
C PHE C 296 -3.86 -3.44 -56.29
N ASP C 297 -4.00 -3.48 -57.62
CA ASP C 297 -4.18 -4.73 -58.33
C ASP C 297 -2.87 -5.50 -58.52
N GLY C 298 -1.82 -5.14 -57.80
CA GLY C 298 -0.51 -5.72 -57.96
C GLY C 298 0.32 -5.06 -59.04
N SER C 299 -0.31 -4.28 -59.92
CA SER C 299 0.39 -3.54 -60.96
C SER C 299 0.23 -2.04 -60.79
N VAL C 300 -0.99 -1.56 -60.62
CA VAL C 300 -1.29 -0.14 -60.47
C VAL C 300 -2.35 0.02 -59.40
N THR C 301 -2.43 1.22 -58.83
CA THR C 301 -3.34 1.51 -57.73
C THR C 301 -4.54 2.28 -58.25
N PHE C 302 -5.73 1.73 -58.04
CA PHE C 302 -6.98 2.36 -58.46
C PHE C 302 -7.60 3.06 -57.27
N HIS C 303 -8.23 4.21 -57.50
CA HIS C 303 -8.81 5.02 -56.44
C HIS C 303 -10.21 5.46 -56.80
N HIS C 304 -11.16 5.12 -55.95
CA HIS C 304 -12.48 5.72 -56.00
C HIS C 304 -12.39 7.20 -55.66
N PRO C 305 -13.40 7.99 -56.01
CA PRO C 305 -13.48 9.34 -55.47
C PRO C 305 -13.53 9.31 -53.96
N VAL C 306 -12.94 10.31 -53.33
CA VAL C 306 -12.90 10.34 -51.87
C VAL C 306 -14.29 10.59 -51.29
N LEU C 307 -15.01 11.55 -51.86
CA LEU C 307 -16.30 11.98 -51.37
C LEU C 307 -17.36 11.79 -52.45
N PRO C 308 -18.64 11.83 -52.08
CA PRO C 308 -19.70 11.79 -53.09
C PRO C 308 -19.66 13.03 -53.96
N ALA C 309 -19.88 12.81 -55.26
CA ALA C 309 -19.84 13.91 -56.22
C ALA C 309 -20.77 15.03 -55.80
N ARG C 310 -20.31 16.26 -55.97
CA ARG C 310 -21.11 17.44 -55.70
C ARG C 310 -20.76 18.49 -56.74
N SER C 311 -21.50 19.59 -56.69
CA SER C 311 -21.18 20.76 -57.50
C SER C 311 -20.28 21.69 -56.70
N ILE C 312 -19.46 22.46 -57.42
CA ILE C 312 -18.71 23.53 -56.78
C ILE C 312 -19.70 24.45 -56.06
N GLN C 313 -19.28 25.01 -54.94
CA GLN C 313 -20.16 25.86 -54.17
C GLN C 313 -20.62 27.04 -55.01
N PRO C 314 -21.92 27.33 -55.07
CA PRO C 314 -22.39 28.50 -55.83
C PRO C 314 -21.73 29.77 -55.32
N TYR C 315 -21.14 30.52 -56.24
CA TYR C 315 -20.31 31.65 -55.87
C TYR C 315 -21.06 32.96 -56.02
N GLN C 316 -20.71 33.92 -55.15
CA GLN C 316 -21.31 35.25 -55.15
C GLN C 316 -20.23 36.26 -55.51
N ILE C 317 -20.27 36.73 -56.75
CA ILE C 317 -19.29 37.70 -57.24
C ILE C 317 -19.54 39.05 -56.58
N PRO C 318 -18.55 39.64 -55.91
CA PRO C 318 -18.75 40.95 -55.29
C PRO C 318 -18.94 42.03 -56.36
N ILE C 319 -19.87 42.95 -56.08
CA ILE C 319 -20.20 43.99 -57.04
C ILE C 319 -19.02 44.95 -57.18
N THR C 320 -18.68 45.28 -58.42
CA THR C 320 -17.62 46.23 -58.73
C THR C 320 -18.04 47.09 -59.90
N GLY C 321 -17.61 48.35 -59.88
CA GLY C 321 -17.95 49.29 -60.92
C GLY C 321 -18.52 50.58 -60.37
N PRO C 322 -18.69 51.58 -61.24
CA PRO C 322 -19.22 52.87 -60.78
C PRO C 322 -20.69 52.82 -60.40
N ALA C 323 -21.44 51.82 -60.88
CA ALA C 323 -22.85 51.68 -60.54
C ALA C 323 -23.07 50.98 -59.21
N ALA C 324 -22.04 50.83 -58.38
CA ALA C 324 -22.15 50.10 -57.12
C ALA C 324 -22.90 50.86 -56.04
N VAL C 325 -23.38 52.07 -56.31
CA VAL C 325 -24.08 52.83 -55.28
C VAL C 325 -25.47 52.25 -55.04
N THR C 326 -26.17 51.87 -56.10
CA THR C 326 -27.52 51.33 -55.96
C THR C 326 -27.48 49.92 -55.37
N SER C 327 -28.53 49.59 -54.62
CA SER C 327 -28.60 48.34 -53.86
C SER C 327 -28.90 47.17 -54.79
N GLN C 328 -27.90 46.81 -55.58
CA GLN C 328 -27.99 45.68 -56.50
C GLN C 328 -27.48 44.41 -55.84
N SER C 329 -28.12 43.29 -56.18
CA SER C 329 -27.75 42.01 -55.59
C SER C 329 -26.49 41.47 -56.26
N PRO C 330 -25.76 40.57 -55.60
CA PRO C 330 -24.55 40.00 -56.21
C PRO C 330 -24.92 39.07 -57.38
N VAL C 331 -24.02 38.98 -58.34
CA VAL C 331 -24.23 38.17 -59.53
C VAL C 331 -23.62 36.79 -59.32
N PRO C 332 -24.41 35.72 -59.28
CA PRO C 332 -23.83 34.38 -59.19
C PRO C 332 -23.29 33.93 -60.55
N CYS C 333 -21.98 33.70 -60.59
CA CYS C 333 -21.34 33.30 -61.83
C CYS C 333 -21.90 31.97 -62.31
N LYS C 334 -21.91 31.78 -63.63
CA LYS C 334 -22.49 30.58 -64.20
C LYS C 334 -21.59 29.39 -63.92
N LEU C 335 -21.89 28.66 -62.84
CA LEU C 335 -21.14 27.47 -62.49
C LEU C 335 -21.15 26.48 -63.65
N TYR C 336 -19.97 25.91 -63.93
CA TYR C 336 -19.81 24.89 -64.96
C TYR C 336 -20.21 25.42 -66.33
N SER C 337 -20.05 26.72 -66.56
CA SER C 337 -20.30 27.29 -67.87
C SER C 337 -19.38 26.67 -68.90
N SER C 338 -19.87 26.59 -70.15
CA SER C 338 -19.04 26.06 -71.22
C SER C 338 -17.86 26.97 -71.54
N SER C 339 -17.90 28.22 -71.07
CA SER C 339 -16.77 29.14 -71.22
C SER C 339 -15.68 28.89 -70.19
N TRP C 340 -15.86 27.93 -69.29
CA TRP C 340 -14.84 27.63 -68.28
C TRP C 340 -13.70 26.85 -68.92
N ILE C 341 -12.50 27.41 -68.87
CA ILE C 341 -11.29 26.73 -69.33
C ILE C 341 -10.40 26.49 -68.12
N VAL C 342 -9.59 25.44 -68.18
CA VAL C 342 -8.80 25.00 -67.03
C VAL C 342 -7.33 25.03 -67.40
N PHE C 343 -6.50 25.43 -66.43
CA PHE C 343 -5.05 25.39 -66.55
C PHE C 343 -4.46 24.87 -65.23
N GLN C 344 -3.49 24.00 -65.37
CA GLN C 344 -2.81 23.41 -64.23
C GLN C 344 -1.79 24.39 -63.66
N PRO C 345 -1.73 24.54 -62.34
CA PRO C 345 -2.70 23.85 -61.47
C PRO C 345 -3.83 24.75 -61.01
N ASP C 346 -4.95 24.13 -60.66
CA ASP C 346 -6.08 24.77 -59.99
C ASP C 346 -6.43 26.17 -60.50
N ILE C 347 -6.41 26.37 -61.82
CA ILE C 347 -6.77 27.67 -62.39
C ILE C 347 -7.93 27.49 -63.34
N ILE C 348 -9.02 28.22 -63.09
CA ILE C 348 -10.19 28.18 -63.96
C ILE C 348 -10.51 29.60 -64.42
N ILE C 349 -10.62 29.76 -65.73
CA ILE C 349 -10.82 31.06 -66.36
C ILE C 349 -12.19 31.07 -67.03
N SER C 350 -12.87 32.22 -66.96
CA SER C 350 -14.23 32.39 -67.49
C SER C 350 -14.22 33.61 -68.39
N ALA C 351 -14.05 33.39 -69.69
CA ALA C 351 -14.04 34.49 -70.65
C ALA C 351 -15.42 35.13 -70.79
N SER C 352 -16.48 34.33 -70.73
CA SER C 352 -17.84 34.87 -70.83
C SER C 352 -18.07 35.99 -69.83
N GLN C 353 -17.45 35.88 -68.65
CA GLN C 353 -17.54 36.91 -67.64
C GLN C 353 -16.22 37.57 -67.34
N GLY C 354 -15.11 37.01 -67.83
CA GLY C 354 -13.80 37.57 -67.62
C GLY C 354 -13.33 37.47 -66.19
N TYR C 355 -13.42 36.29 -65.59
CA TYR C 355 -13.00 36.09 -64.21
C TYR C 355 -11.95 34.99 -64.14
N LEU C 356 -11.15 35.03 -63.07
CA LEU C 356 -10.08 34.06 -62.84
C LEU C 356 -10.24 33.52 -61.43
N TRP C 357 -10.21 32.20 -61.27
CA TRP C 357 -10.42 31.58 -59.98
C TRP C 357 -9.37 30.51 -59.71
N ASN C 358 -9.00 30.41 -58.44
CA ASN C 358 -8.10 29.37 -57.91
C ASN C 358 -8.94 28.50 -56.99
N LEU C 359 -9.40 27.36 -57.51
CA LEU C 359 -10.30 26.48 -56.77
C LEU C 359 -9.66 26.06 -55.44
N GLN C 360 -10.43 26.11 -54.37
CA GLN C 360 -9.92 25.77 -53.04
C GLN C 360 -10.78 24.67 -52.43
N VAL C 361 -10.20 23.97 -51.46
CA VAL C 361 -10.87 22.90 -50.73
C VAL C 361 -11.22 23.40 -49.34
N LYS C 362 -12.51 23.44 -49.03
CA LYS C 362 -12.93 23.62 -47.65
C LYS C 362 -12.86 22.28 -46.92
N LEU C 363 -12.59 22.34 -45.63
CA LEU C 363 -12.37 21.13 -44.87
C LEU C 363 -13.41 20.88 -43.78
N GLU C 364 -14.04 21.93 -43.26
CA GLU C 364 -15.17 21.72 -42.35
C GLU C 364 -16.25 20.81 -42.92
N PRO C 365 -16.73 20.96 -44.16
CA PRO C 365 -17.83 20.10 -44.63
C PRO C 365 -17.48 18.62 -44.65
N ILE C 366 -16.20 18.27 -44.85
CA ILE C 366 -15.82 16.86 -44.86
C ILE C 366 -15.91 16.24 -43.47
N VAL C 367 -16.12 17.04 -42.43
CA VAL C 367 -16.38 16.47 -41.11
C VAL C 367 -17.68 15.67 -41.12
N ASN C 368 -18.58 15.97 -42.06
CA ASN C 368 -19.87 15.32 -42.14
C ASN C 368 -19.98 14.28 -43.24
N LEU C 369 -19.64 14.62 -44.47
CA LEU C 369 -19.77 13.70 -45.60
C LEU C 369 -18.84 12.51 -45.51
N LEU C 370 -18.01 12.42 -44.47
CA LEU C 370 -17.11 11.28 -44.32
C LEU C 370 -17.06 10.90 -42.85
N PRO C 371 -17.77 9.84 -42.46
CA PRO C 371 -17.88 9.53 -41.02
C PRO C 371 -16.76 8.64 -40.49
N ASP C 372 -16.09 7.90 -41.36
CA ASP C 372 -15.07 6.93 -40.95
C ASP C 372 -13.84 7.67 -40.47
N LYS C 373 -13.84 8.04 -39.18
CA LYS C 373 -12.80 8.90 -38.63
C LYS C 373 -11.39 8.38 -38.92
N GLY C 374 -11.24 7.06 -39.09
CA GLY C 374 -9.95 6.54 -39.53
C GLY C 374 -9.55 7.09 -40.89
N ARG C 375 -10.41 6.89 -41.89
CA ARG C 375 -10.13 7.44 -43.21
C ARG C 375 -10.13 8.96 -43.19
N LEU C 376 -11.04 9.56 -42.42
CA LEU C 376 -11.08 11.02 -42.32
C LEU C 376 -9.73 11.57 -41.88
N MET C 377 -9.12 10.96 -40.86
CA MET C 377 -7.81 11.42 -40.41
C MET C 377 -6.72 11.07 -41.43
N ASP C 378 -6.85 9.93 -42.11
CA ASP C 378 -5.90 9.60 -43.16
C ASP C 378 -5.96 10.64 -44.26
N PHE C 379 -7.08 11.35 -44.34
CA PHE C 379 -7.29 12.37 -45.36
C PHE C 379 -6.91 13.76 -44.92
N LEU C 380 -7.11 14.12 -43.65
CA LEU C 380 -6.80 15.46 -43.15
C LEU C 380 -5.35 15.59 -42.69
N LEU C 381 -4.58 14.50 -42.69
CA LEU C 381 -3.17 14.56 -42.32
C LEU C 381 -2.28 14.79 -43.52
N GLN C 382 -2.85 15.11 -44.67
CA GLN C 382 -2.08 15.46 -45.85
C GLN C 382 -2.31 16.88 -46.32
N ARG C 383 -3.55 17.36 -46.28
CA ARG C 383 -3.85 18.73 -46.67
C ARG C 383 -3.14 19.69 -45.74
N LYS C 384 -2.80 20.88 -46.25
CA LYS C 384 -2.30 21.93 -45.37
C LYS C 384 -3.44 22.51 -44.55
N GLU C 385 -3.09 23.47 -43.68
CA GLU C 385 -4.07 24.21 -42.88
C GLU C 385 -5.03 23.29 -42.14
N CYS C 386 -4.57 22.09 -41.80
CA CYS C 386 -5.45 21.08 -41.23
C CYS C 386 -5.38 21.01 -39.72
N LYS C 387 -5.10 22.11 -39.02
CA LYS C 387 -4.99 22.01 -37.57
C LYS C 387 -6.30 22.41 -36.90
N MET C 388 -6.93 23.46 -37.40
CA MET C 388 -8.22 23.87 -36.84
C MET C 388 -9.27 22.79 -37.03
N VAL C 389 -9.32 22.19 -38.23
CA VAL C 389 -10.37 21.21 -38.52
C VAL C 389 -10.06 19.88 -37.83
N ILE C 390 -8.78 19.52 -37.72
CA ILE C 390 -8.45 18.30 -36.99
C ILE C 390 -8.76 18.46 -35.52
N LEU C 391 -8.51 19.64 -34.94
CA LEU C 391 -8.88 19.85 -33.55
C LEU C 391 -10.39 19.87 -33.38
N SER C 392 -11.12 20.42 -34.36
CA SER C 392 -12.58 20.38 -34.29
C SER C 392 -13.09 18.95 -34.32
N VAL C 393 -12.49 18.09 -35.16
CA VAL C 393 -12.86 16.69 -35.18
C VAL C 393 -12.56 16.03 -33.83
N CYS C 394 -11.33 16.22 -33.33
CA CYS C 394 -10.93 15.57 -32.10
C CYS C 394 -11.81 16.00 -30.93
N SER C 395 -12.30 17.24 -30.95
CA SER C 395 -13.16 17.69 -29.87
C SER C 395 -14.62 17.33 -30.10
N GLN C 396 -15.02 17.13 -31.36
CA GLN C 396 -16.36 16.67 -31.66
C GLN C 396 -16.47 15.16 -31.49
N MET C 397 -15.35 14.45 -31.62
CA MET C 397 -15.29 13.03 -31.33
C MET C 397 -15.53 12.72 -29.87
N LEU C 398 -15.63 13.73 -29.01
CA LEU C 398 -15.83 13.52 -27.58
C LEU C 398 -17.05 14.22 -27.03
N SER C 399 -17.71 15.08 -27.80
CA SER C 399 -18.95 15.67 -27.35
C SER C 399 -20.01 14.59 -27.17
N GLU C 400 -20.89 14.80 -26.20
CA GLU C 400 -21.90 13.80 -25.88
C GLU C 400 -22.83 13.52 -27.04
N SER C 401 -22.99 14.47 -27.96
CA SER C 401 -23.82 14.21 -29.14
C SER C 401 -23.21 13.15 -30.04
N ASP C 402 -21.92 13.26 -30.33
CA ASP C 402 -21.25 12.36 -31.26
C ASP C 402 -20.16 11.55 -30.58
N ARG C 403 -20.29 11.28 -29.28
CA ARG C 403 -19.29 10.53 -28.54
C ARG C 403 -18.97 9.22 -29.25
N ALA C 404 -17.72 9.08 -29.68
CA ALA C 404 -17.30 7.98 -30.54
C ALA C 404 -16.80 6.80 -29.72
N SER C 405 -16.93 5.61 -30.29
CA SER C 405 -16.43 4.40 -29.67
C SER C 405 -14.94 4.53 -29.39
N LEU C 406 -14.44 3.70 -28.49
CA LEU C 406 -13.10 3.92 -27.98
C LEU C 406 -12.00 3.48 -28.94
N PRO C 407 -12.12 2.36 -29.67
CA PRO C 407 -11.08 2.07 -30.67
C PRO C 407 -10.94 3.15 -31.73
N VAL C 408 -12.02 3.88 -32.02
CA VAL C 408 -11.93 5.01 -32.93
C VAL C 408 -11.01 6.08 -32.36
N ILE C 409 -11.17 6.40 -31.07
CA ILE C 409 -10.31 7.39 -30.43
C ILE C 409 -8.87 6.89 -30.38
N ALA C 410 -8.69 5.60 -30.12
CA ALA C 410 -7.35 5.04 -30.09
C ALA C 410 -6.67 5.19 -31.44
N THR C 411 -7.39 4.91 -32.52
CA THR C 411 -6.80 5.02 -33.86
C THR C 411 -6.50 6.48 -34.20
N VAL C 412 -7.42 7.39 -33.87
CA VAL C 412 -7.18 8.80 -34.15
C VAL C 412 -5.92 9.29 -33.45
N PHE C 413 -5.82 9.01 -32.15
CA PHE C 413 -4.63 9.42 -31.42
C PHE C 413 -3.38 8.74 -31.96
N ASP C 414 -3.49 7.48 -32.40
CA ASP C 414 -2.32 6.82 -32.97
C ASP C 414 -1.84 7.54 -34.23
N LYS C 415 -2.77 8.05 -35.03
CA LYS C 415 -2.35 8.74 -36.25
C LYS C 415 -1.74 10.09 -35.93
N LEU C 416 -2.38 10.85 -35.04
CA LEU C 416 -1.83 12.14 -34.65
C LEU C 416 -0.42 11.98 -34.08
N ASN C 417 -0.23 10.96 -33.22
CA ASN C 417 1.08 10.74 -32.64
C ASN C 417 2.07 10.15 -33.63
N HIS C 418 1.60 9.48 -34.68
CA HIS C 418 2.54 9.09 -35.72
C HIS C 418 3.12 10.31 -36.42
N GLU C 419 2.26 11.26 -36.77
CA GLU C 419 2.75 12.51 -37.36
C GLU C 419 3.72 13.22 -36.40
N TYR C 420 3.27 13.41 -35.16
CA TYR C 420 4.11 14.06 -34.15
C TYR C 420 5.46 13.36 -34.00
N LYS C 421 5.47 12.03 -33.94
CA LYS C 421 6.70 11.29 -33.79
C LYS C 421 7.61 11.48 -35.00
N LYS C 422 7.03 11.51 -36.19
CA LYS C 422 7.83 11.77 -37.39
C LYS C 422 8.52 13.12 -37.27
N TYR C 423 7.78 14.13 -36.83
CA TYR C 423 8.39 15.46 -36.71
C TYR C 423 9.47 15.48 -35.64
N LEU C 424 9.25 14.79 -34.52
CA LEU C 424 10.26 14.78 -33.46
C LEU C 424 11.52 14.05 -33.90
N ASP C 425 11.36 12.94 -34.62
CA ASP C 425 12.52 12.22 -35.14
C ASP C 425 13.29 13.08 -36.13
N ALA C 426 12.59 13.76 -37.03
CA ALA C 426 13.27 14.63 -37.98
C ALA C 426 14.03 15.75 -37.27
N GLU C 427 13.39 16.37 -36.28
CA GLU C 427 14.04 17.45 -35.55
C GLU C 427 15.26 16.95 -34.79
N GLN C 428 15.16 15.79 -34.15
CA GLN C 428 16.29 15.25 -33.41
C GLN C 428 17.44 14.91 -34.35
N SER C 429 17.14 14.30 -35.50
CA SER C 429 18.19 13.99 -36.47
C SER C 429 18.85 15.26 -36.99
N TYR C 430 18.04 16.29 -37.27
CA TYR C 430 18.61 17.56 -37.71
C TYR C 430 19.55 18.15 -36.67
N ALA C 431 19.10 18.26 -35.43
CA ALA C 431 19.94 18.85 -34.39
C ALA C 431 21.19 18.03 -34.15
N MET C 432 21.08 16.70 -34.27
CA MET C 432 22.24 15.85 -34.05
C MET C 432 23.27 16.02 -35.17
N ALA C 433 22.80 16.08 -36.42
CA ALA C 433 23.72 16.34 -37.53
C ALA C 433 24.27 17.75 -37.49
N VAL C 434 23.55 18.67 -36.85
CA VAL C 434 24.06 20.03 -36.70
C VAL C 434 25.20 20.07 -35.68
N GLU C 435 25.01 19.39 -34.55
CA GLU C 435 26.10 19.31 -33.58
C GLU C 435 27.21 18.38 -34.08
N ALA C 436 26.91 17.55 -35.09
CA ALA C 436 27.91 16.66 -35.67
C ALA C 436 28.86 17.37 -36.60
N GLY C 437 28.63 18.65 -36.90
CA GLY C 437 29.56 19.42 -37.70
C GLY C 437 29.28 19.44 -39.19
N GLN C 438 28.01 19.40 -39.60
CA GLN C 438 27.69 19.54 -41.01
C GLN C 438 27.17 20.94 -41.30
N SER C 439 27.61 21.51 -42.42
CA SER C 439 27.33 22.91 -42.71
C SER C 439 25.96 23.09 -43.34
N ARG C 440 25.46 24.33 -43.32
CA ARG C 440 24.15 24.62 -43.89
C ARG C 440 24.17 24.52 -45.41
N SER C 441 25.32 24.74 -46.04
CA SER C 441 25.42 24.62 -47.48
C SER C 441 25.29 23.18 -47.95
N SER C 442 25.29 22.21 -47.05
CA SER C 442 25.05 20.83 -47.43
C SER C 442 23.60 20.65 -47.83
N PRO C 443 23.34 20.05 -49.00
CA PRO C 443 21.94 19.91 -49.47
C PRO C 443 21.09 19.01 -48.60
N LEU C 444 21.69 18.23 -47.69
CA LEU C 444 20.93 17.36 -46.81
C LEU C 444 20.52 18.04 -45.50
N LEU C 445 21.22 19.10 -45.10
CA LEU C 445 20.95 19.78 -43.84
C LEU C 445 20.04 20.97 -44.14
N LYS C 446 18.74 20.71 -44.12
CA LYS C 446 17.71 21.75 -44.11
C LYS C 446 16.90 21.53 -42.84
N ARG C 447 16.60 22.60 -42.12
CA ARG C 447 15.82 22.43 -40.91
C ARG C 447 14.44 21.88 -41.25
N PRO C 448 14.03 20.76 -40.66
CA PRO C 448 12.71 20.22 -40.98
C PRO C 448 11.61 21.17 -40.57
N VAL C 449 10.72 21.46 -41.50
CA VAL C 449 9.63 22.40 -41.26
C VAL C 449 8.50 21.65 -40.58
N ARG C 450 8.03 22.20 -39.47
CA ARG C 450 6.90 21.61 -38.75
C ARG C 450 5.63 21.97 -39.50
N THR C 451 5.00 20.97 -40.11
CA THR C 451 3.81 21.21 -40.90
C THR C 451 2.63 21.51 -39.99
N GLN C 452 1.46 21.66 -40.60
CA GLN C 452 0.27 21.94 -39.82
C GLN C 452 -0.40 20.69 -39.28
N ALA C 453 0.00 19.51 -39.75
CA ALA C 453 -0.56 18.27 -39.23
C ALA C 453 -0.03 17.94 -37.85
N VAL C 454 1.23 18.27 -37.56
CA VAL C 454 1.87 17.89 -36.31
C VAL C 454 1.15 18.56 -35.14
N LEU C 455 0.55 17.75 -34.27
CA LEU C 455 -0.20 18.23 -33.11
C LEU C 455 0.52 17.75 -31.86
N ASP C 456 1.31 18.62 -31.25
CA ASP C 456 2.01 18.24 -30.04
C ASP C 456 1.08 18.33 -28.83
N GLN C 457 1.55 17.78 -27.70
CA GLN C 457 0.73 17.70 -26.50
C GLN C 457 0.19 19.05 -26.06
N SER C 458 0.89 20.13 -26.37
CA SER C 458 0.38 21.46 -26.05
C SER C 458 -0.97 21.70 -26.72
N ASP C 459 -1.07 21.37 -28.01
CA ASP C 459 -2.32 21.54 -28.73
C ASP C 459 -3.42 20.66 -28.14
N VAL C 460 -3.16 19.36 -28.04
CA VAL C 460 -4.17 18.43 -27.54
C VAL C 460 -4.43 18.63 -26.05
N TYR C 461 -3.71 19.54 -25.41
CA TYR C 461 -3.99 19.93 -24.05
C TYR C 461 -4.81 21.20 -23.95
N THR C 462 -4.56 22.16 -24.84
CA THR C 462 -5.29 23.42 -24.84
C THR C 462 -6.64 23.30 -25.54
N HIS C 463 -6.69 22.61 -26.68
CA HIS C 463 -7.89 22.63 -27.51
C HIS C 463 -8.79 21.42 -27.33
N VAL C 464 -8.28 20.33 -26.77
CA VAL C 464 -9.06 19.10 -26.71
C VAL C 464 -9.39 18.71 -25.28
N LEU C 465 -8.37 18.41 -24.48
CA LEU C 465 -8.59 17.69 -23.23
C LEU C 465 -8.97 18.59 -22.06
N SER C 466 -8.54 19.85 -22.05
CA SER C 466 -8.84 20.71 -20.91
C SER C 466 -10.33 21.00 -20.82
N ALA C 467 -10.91 21.57 -21.89
CA ALA C 467 -12.35 21.78 -21.93
C ALA C 467 -13.13 20.48 -21.80
N PHE C 468 -12.65 19.41 -22.43
CA PHE C 468 -13.35 18.13 -22.36
C PHE C 468 -13.43 17.62 -20.92
N VAL C 469 -12.36 17.79 -20.16
CA VAL C 469 -12.37 17.34 -18.77
C VAL C 469 -13.23 18.28 -17.91
N GLU C 470 -13.16 19.59 -18.19
CA GLU C 470 -13.86 20.54 -17.34
C GLU C 470 -15.34 20.67 -17.67
N LYS C 471 -15.82 20.05 -18.75
CA LYS C 471 -17.23 20.17 -19.11
C LYS C 471 -18.15 19.39 -18.17
N LYS C 472 -17.66 18.33 -17.54
CA LYS C 472 -18.39 17.60 -16.50
C LYS C 472 -19.71 17.03 -17.02
N GLU C 473 -19.82 16.82 -18.33
CA GLU C 473 -20.97 16.17 -18.92
C GLU C 473 -20.76 14.66 -19.10
N MET C 474 -19.56 14.27 -19.50
CA MET C 474 -19.28 12.88 -19.78
C MET C 474 -19.22 12.07 -18.48
N PRO C 475 -19.57 10.79 -18.53
CA PRO C 475 -19.35 9.92 -17.38
C PRO C 475 -17.86 9.83 -17.08
N HIS C 476 -17.49 10.23 -15.85
CA HIS C 476 -16.09 10.39 -15.49
C HIS C 476 -15.24 9.19 -15.90
N LYS C 477 -15.83 7.99 -15.93
CA LYS C 477 -15.07 6.83 -16.39
C LYS C 477 -14.66 6.98 -17.84
N PHE C 478 -15.56 7.51 -18.68
CA PHE C 478 -15.19 7.80 -20.06
C PHE C 478 -14.05 8.82 -20.13
N VAL C 479 -14.10 9.84 -19.28
CA VAL C 479 -13.08 10.89 -19.31
C VAL C 479 -11.72 10.29 -18.98
N ILE C 480 -11.64 9.51 -17.90
CA ILE C 480 -10.36 8.90 -17.53
C ILE C 480 -9.93 7.88 -18.57
N ALA C 481 -10.89 7.20 -19.21
CA ALA C 481 -10.53 6.26 -20.27
C ALA C 481 -9.87 6.98 -21.43
N VAL C 482 -10.42 8.13 -21.84
CA VAL C 482 -9.84 8.88 -22.94
C VAL C 482 -8.47 9.43 -22.57
N LEU C 483 -8.31 9.88 -21.32
CA LEU C 483 -7.02 10.39 -20.87
C LEU C 483 -5.96 9.29 -20.91
N MET C 484 -6.25 8.15 -20.29
CA MET C 484 -5.28 7.06 -20.31
C MET C 484 -5.09 6.51 -21.72
N GLU C 485 -6.04 6.73 -22.62
CA GLU C 485 -5.85 6.30 -24.00
C GLU C 485 -4.85 7.20 -24.71
N TYR C 486 -4.98 8.51 -24.53
CA TYR C 486 -3.96 9.42 -25.05
C TYR C 486 -2.60 9.05 -24.52
N ILE C 487 -2.50 8.89 -23.20
CA ILE C 487 -1.20 8.58 -22.60
C ILE C 487 -0.65 7.25 -23.10
N ARG C 488 -1.53 6.29 -23.39
CA ARG C 488 -1.05 5.03 -23.95
C ARG C 488 -0.48 5.23 -25.35
N SER C 489 -1.17 6.00 -26.19
CA SER C 489 -0.64 6.24 -27.53
C SER C 489 0.70 6.94 -27.46
N LEU C 490 0.81 7.94 -26.58
CA LEU C 490 2.08 8.65 -26.39
C LEU C 490 3.17 7.68 -26.02
N ASN C 491 3.03 7.00 -24.88
CA ASN C 491 4.08 6.09 -24.44
C ASN C 491 4.31 4.95 -25.42
N GLN C 492 3.39 4.71 -26.36
CA GLN C 492 3.66 3.68 -27.35
C GLN C 492 4.55 4.20 -28.47
N PHE C 493 4.34 5.44 -28.89
CA PHE C 493 5.20 6.01 -29.92
C PHE C 493 6.47 6.60 -29.35
N GLN C 494 6.86 6.21 -28.13
CA GLN C 494 8.10 6.62 -27.49
C GLN C 494 8.26 8.13 -27.51
N ILE C 495 7.28 8.80 -26.90
CA ILE C 495 7.29 10.25 -26.77
C ILE C 495 7.38 10.57 -25.28
N ALA C 496 7.88 11.75 -24.98
CA ALA C 496 7.94 12.20 -23.60
C ALA C 496 6.59 12.75 -23.20
N VAL C 497 6.08 12.30 -22.06
CA VAL C 497 4.78 12.72 -21.56
C VAL C 497 4.98 13.98 -20.73
N GLN C 498 4.61 15.12 -21.29
CA GLN C 498 4.68 16.38 -20.56
C GLN C 498 4.01 16.26 -19.20
N HIS C 499 4.63 16.86 -18.19
CA HIS C 499 4.14 16.69 -16.83
C HIS C 499 2.74 17.25 -16.64
N TYR C 500 2.33 18.24 -17.45
CA TYR C 500 1.01 18.81 -17.23
C TYR C 500 -0.08 17.83 -17.60
N LEU C 501 0.19 16.89 -18.50
CA LEU C 501 -0.77 15.82 -18.76
C LEU C 501 -0.97 14.99 -17.49
N HIS C 502 0.11 14.69 -16.78
CA HIS C 502 -0.02 13.98 -15.52
C HIS C 502 -0.77 14.81 -14.49
N GLU C 503 -0.54 16.12 -14.44
CA GLU C 503 -1.32 16.96 -13.54
C GLU C 503 -2.80 16.92 -13.88
N LEU C 504 -3.13 16.81 -15.17
CA LEU C 504 -4.53 16.69 -15.56
C LEU C 504 -5.10 15.35 -15.14
N VAL C 505 -4.34 14.27 -15.32
CA VAL C 505 -4.81 12.95 -14.88
C VAL C 505 -5.04 12.94 -13.37
N ILE C 506 -4.18 13.61 -12.61
CA ILE C 506 -4.35 13.62 -11.16
C ILE C 506 -5.55 14.48 -10.78
N LYS C 507 -5.67 15.67 -11.38
CA LYS C 507 -6.83 16.52 -11.13
C LYS C 507 -8.13 15.76 -11.36
N THR C 508 -8.19 14.99 -12.45
CA THR C 508 -9.41 14.26 -12.76
C THR C 508 -9.60 13.09 -11.80
N LEU C 509 -8.54 12.34 -11.52
CA LEU C 509 -8.64 11.18 -10.63
C LEU C 509 -9.06 11.58 -9.23
N VAL C 510 -8.67 12.77 -8.77
CA VAL C 510 -9.06 13.20 -7.44
C VAL C 510 -10.42 13.88 -7.45
N GLN C 511 -10.75 14.61 -8.51
CA GLN C 511 -11.99 15.36 -8.55
C GLN C 511 -13.20 14.44 -8.53
N HIS C 512 -13.06 13.23 -9.04
CA HIS C 512 -14.12 12.23 -8.97
C HIS C 512 -13.88 11.19 -7.88
N ASN C 513 -13.04 11.51 -6.90
CA ASN C 513 -12.85 10.68 -5.71
C ASN C 513 -12.38 9.27 -6.04
N LEU C 514 -11.68 9.09 -7.15
CA LEU C 514 -11.03 7.82 -7.44
C LEU C 514 -9.61 7.90 -6.91
N PHE C 515 -9.40 7.28 -5.74
CA PHE C 515 -8.11 7.37 -5.07
C PHE C 515 -7.28 6.11 -5.21
N TYR C 516 -7.87 4.94 -5.02
CA TYR C 516 -7.10 3.73 -5.27
C TYR C 516 -6.61 3.66 -6.70
N MET C 517 -7.33 4.29 -7.63
CA MET C 517 -6.83 4.40 -9.00
C MET C 517 -5.55 5.21 -9.04
N LEU C 518 -5.49 6.29 -8.26
CA LEU C 518 -4.26 7.07 -8.16
C LEU C 518 -3.15 6.25 -7.54
N HIS C 519 -3.47 5.47 -6.52
CA HIS C 519 -2.47 4.62 -5.90
C HIS C 519 -1.90 3.63 -6.91
N GLN C 520 -2.75 3.03 -7.74
CA GLN C 520 -2.26 2.05 -8.71
C GLN C 520 -1.45 2.71 -9.81
N PHE C 521 -1.89 3.88 -10.29
CA PHE C 521 -1.14 4.55 -11.34
C PHE C 521 0.19 5.06 -10.82
N LEU C 522 0.28 5.31 -9.52
CA LEU C 522 1.57 5.67 -8.92
C LEU C 522 2.45 4.44 -8.75
N GLN C 523 1.86 3.32 -8.37
CA GLN C 523 2.65 2.13 -8.09
C GLN C 523 3.25 1.53 -9.36
N TYR C 524 2.54 1.64 -10.48
CA TYR C 524 3.01 1.06 -11.73
C TYR C 524 3.69 2.08 -12.63
N HIS C 525 4.02 3.25 -12.10
CA HIS C 525 4.87 4.23 -12.77
C HIS C 525 4.22 4.80 -14.03
N VAL C 526 2.91 5.06 -13.95
CA VAL C 526 2.24 5.74 -15.06
C VAL C 526 2.31 7.25 -14.89
N LEU C 527 2.24 7.73 -13.65
CA LEU C 527 2.45 9.14 -13.34
C LEU C 527 3.88 9.25 -12.81
N SER C 528 4.81 9.53 -13.72
CA SER C 528 6.22 9.45 -13.38
C SER C 528 6.60 10.51 -12.36
N ASP C 529 7.83 10.41 -11.87
CA ASP C 529 8.26 11.21 -10.74
C ASP C 529 8.54 12.65 -11.16
N SER C 530 8.53 13.55 -10.18
CA SER C 530 8.77 14.96 -10.41
C SER C 530 8.75 15.66 -9.06
N LYS C 531 9.21 16.89 -9.05
CA LYS C 531 9.05 17.71 -7.85
C LYS C 531 7.62 18.26 -7.79
N PRO C 532 7.07 18.84 -8.86
CA PRO C 532 5.68 19.33 -8.78
C PRO C 532 4.68 18.24 -8.49
N LEU C 533 4.84 17.04 -9.06
CA LEU C 533 3.91 15.97 -8.78
C LEU C 533 3.98 15.56 -7.31
N ALA C 534 5.18 15.45 -6.76
CA ALA C 534 5.35 15.20 -5.34
C ALA C 534 4.65 16.27 -4.51
N CYS C 535 4.76 17.54 -4.91
CA CYS C 535 4.04 18.60 -4.22
C CYS C 535 2.54 18.38 -4.26
N LEU C 536 2.02 17.99 -5.43
CA LEU C 536 0.58 17.76 -5.56
C LEU C 536 0.12 16.63 -4.65
N LEU C 537 0.82 15.50 -4.70
CA LEU C 537 0.49 14.38 -3.83
C LEU C 537 0.51 14.81 -2.36
N LEU C 538 1.62 15.39 -1.91
CA LEU C 538 1.71 15.86 -0.54
C LEU C 538 0.55 16.78 -0.18
N SER C 539 0.14 17.64 -1.12
CA SER C 539 -1.04 18.48 -0.88
C SER C 539 -2.29 17.65 -0.71
N LEU C 540 -2.38 16.52 -1.39
CA LEU C 540 -3.54 15.65 -1.25
C LEU C 540 -3.57 14.89 0.09
N GLU C 541 -2.65 15.18 1.01
CA GLU C 541 -2.56 14.41 2.25
C GLU C 541 -3.87 14.43 3.04
N SER C 542 -4.70 15.46 2.84
CA SER C 542 -5.88 15.62 3.66
C SER C 542 -6.97 14.61 3.29
N PHE C 543 -7.16 14.38 1.99
CA PHE C 543 -8.26 13.53 1.55
C PHE C 543 -7.90 12.06 1.67
N TYR C 544 -6.88 11.63 0.95
CA TYR C 544 -6.45 10.23 0.92
C TYR C 544 -5.13 10.14 1.67
N PRO C 545 -5.12 9.64 2.90
CA PRO C 545 -3.96 9.81 3.78
C PRO C 545 -2.66 9.25 3.18
N PRO C 546 -2.65 7.99 2.68
CA PRO C 546 -1.36 7.43 2.23
C PRO C 546 -0.67 8.26 1.16
N ALA C 547 -1.40 9.21 0.57
CA ALA C 547 -0.80 10.12 -0.40
C ALA C 547 0.45 10.77 0.16
N HIS C 548 0.39 11.20 1.43
CA HIS C 548 1.59 11.74 2.07
C HIS C 548 2.77 10.81 1.87
N GLN C 549 2.63 9.57 2.32
CA GLN C 549 3.70 8.61 2.10
C GLN C 549 3.94 8.41 0.62
N LEU C 550 2.87 8.37 -0.17
CA LEU C 550 3.00 8.28 -1.62
C LEU C 550 3.83 9.43 -2.17
N SER C 551 3.74 10.60 -1.54
CA SER C 551 4.63 11.70 -1.92
C SER C 551 6.05 11.44 -1.47
N LEU C 552 6.23 11.06 -0.19
CA LEU C 552 7.57 11.01 0.39
C LEU C 552 8.49 10.12 -0.42
N ASP C 553 8.09 8.87 -0.65
CA ASP C 553 8.96 7.96 -1.39
C ASP C 553 9.20 8.48 -2.80
N MET C 554 8.21 9.14 -3.39
CA MET C 554 8.43 9.82 -4.67
C MET C 554 9.66 10.71 -4.57
N LEU C 555 9.66 11.63 -3.59
CA LEU C 555 10.82 12.49 -3.39
C LEU C 555 12.10 11.67 -3.28
N LYS C 556 12.05 10.55 -2.57
CA LYS C 556 13.25 9.73 -2.44
C LYS C 556 13.69 9.19 -3.78
N ARG C 557 12.75 8.72 -4.60
CA ARG C 557 13.12 8.23 -5.92
C ARG C 557 13.71 9.32 -6.79
N LEU C 558 13.58 10.60 -6.39
CA LEU C 558 14.08 11.68 -7.22
C LEU C 558 15.60 11.76 -7.18
N SER C 559 16.21 11.55 -6.02
CA SER C 559 17.64 11.70 -5.77
C SER C 559 18.16 13.10 -6.07
N THR C 560 17.27 14.07 -6.30
CA THR C 560 17.67 15.46 -6.49
C THR C 560 16.76 16.41 -5.71
N ALA C 561 16.18 15.94 -4.61
CA ALA C 561 15.18 16.71 -3.87
C ALA C 561 15.39 16.60 -2.35
N ASN C 562 16.66 16.54 -1.93
CA ASN C 562 16.99 16.27 -0.54
C ASN C 562 16.30 17.25 0.41
N ASP C 563 16.57 18.55 0.24
CA ASP C 563 16.02 19.54 1.15
C ASP C 563 14.50 19.45 1.25
N GLU C 564 13.85 19.00 0.17
CA GLU C 564 12.40 18.82 0.21
C GLU C 564 12.02 17.69 1.15
N ILE C 565 12.71 16.54 1.01
CA ILE C 565 12.52 15.45 1.96
C ILE C 565 12.71 15.95 3.38
N VAL C 566 13.72 16.80 3.58
CA VAL C 566 14.04 17.24 4.93
C VAL C 566 12.94 18.11 5.50
N GLU C 567 12.39 19.03 4.69
CA GLU C 567 11.34 19.89 5.23
C GLU C 567 10.05 19.10 5.45
N VAL C 568 9.76 18.13 4.59
CA VAL C 568 8.55 17.34 4.82
C VAL C 568 8.70 16.45 6.05
N LEU C 569 9.90 15.93 6.33
CA LEU C 569 10.11 15.16 7.54
C LEU C 569 10.02 16.03 8.78
N LEU C 570 10.60 17.24 8.74
CA LEU C 570 10.43 18.17 9.85
C LEU C 570 8.96 18.50 10.06
N SER C 571 8.20 18.61 8.98
CA SER C 571 6.76 18.82 9.10
C SER C 571 6.09 17.64 9.80
N LYS C 572 6.49 16.42 9.44
CA LYS C 572 5.96 15.23 10.09
C LYS C 572 6.63 14.95 11.43
N HIS C 573 7.46 15.85 11.93
CA HIS C 573 8.08 15.81 13.25
C HIS C 573 9.04 14.64 13.43
N GLN C 574 9.40 13.92 12.37
CA GLN C 574 10.36 12.82 12.48
C GLN C 574 11.78 13.40 12.50
N VAL C 575 12.02 14.26 13.49
CA VAL C 575 13.30 14.94 13.65
C VAL C 575 14.44 13.95 13.57
N LEU C 576 14.35 12.87 14.35
CA LEU C 576 15.39 11.85 14.33
C LEU C 576 15.58 11.28 12.94
N ALA C 577 14.49 11.12 12.18
CA ALA C 577 14.61 10.52 10.86
C ALA C 577 15.24 11.48 9.88
N ALA C 578 14.87 12.76 9.95
CA ALA C 578 15.52 13.77 9.12
C ALA C 578 17.02 13.82 9.40
N LEU C 579 17.40 13.78 10.66
CA LEU C 579 18.81 13.82 11.03
C LEU C 579 19.55 12.59 10.52
N ARG C 580 19.02 11.40 10.80
CA ARG C 580 19.64 10.17 10.31
C ARG C 580 19.64 10.11 8.79
N PHE C 581 18.82 10.95 8.14
CA PHE C 581 18.81 11.01 6.68
C PHE C 581 19.93 11.92 6.17
N ILE C 582 20.01 13.14 6.69
CA ILE C 582 21.03 14.08 6.21
C ILE C 582 22.41 13.56 6.54
N ARG C 583 22.57 12.85 7.67
CA ARG C 583 23.85 12.23 7.94
C ARG C 583 24.14 11.12 6.95
N GLY C 584 23.13 10.68 6.19
CA GLY C 584 23.35 9.62 5.23
C GLY C 584 23.98 10.11 3.94
N ILE C 585 23.45 11.20 3.38
CA ILE C 585 24.03 11.75 2.16
C ILE C 585 25.43 12.27 2.43
N GLY C 586 25.60 13.05 3.50
CA GLY C 586 26.88 13.63 3.87
C GLY C 586 26.81 15.06 4.33
N GLY C 587 25.65 15.69 4.32
CA GLY C 587 25.54 17.08 4.73
C GLY C 587 25.56 17.29 6.22
N HIS C 588 25.88 16.27 7.01
CA HIS C 588 25.73 16.38 8.46
C HIS C 588 26.74 17.35 9.06
N ASP C 589 27.67 17.83 8.25
CA ASP C 589 28.63 18.83 8.70
C ASP C 589 28.14 20.23 8.37
N ASN C 590 27.24 20.35 7.40
CA ASN C 590 26.79 21.64 6.89
C ASN C 590 25.44 22.06 7.46
N ILE C 591 24.89 21.31 8.42
CA ILE C 591 23.54 21.55 8.92
C ILE C 591 23.59 22.56 10.03
N SER C 592 22.44 23.19 10.30
CA SER C 592 22.34 24.30 11.22
C SER C 592 21.85 23.83 12.57
N ALA C 593 22.62 24.14 13.62
CA ALA C 593 22.23 23.78 14.97
C ALA C 593 20.90 24.42 15.39
N ARG C 594 20.37 25.34 14.59
CA ARG C 594 19.16 26.05 14.98
C ARG C 594 17.93 25.17 14.81
N LYS C 595 17.62 24.80 13.56
CA LYS C 595 16.30 24.28 13.26
C LYS C 595 16.01 22.99 14.03
N PHE C 596 16.98 22.10 14.08
CA PHE C 596 16.71 20.76 14.59
C PHE C 596 16.36 20.77 16.07
N LEU C 597 16.96 21.67 16.85
CA LEU C 597 16.58 21.79 18.26
C LEU C 597 16.11 23.18 18.65
N ASP C 598 15.75 24.04 17.69
CA ASP C 598 14.81 25.10 17.99
C ASP C 598 13.38 24.62 17.77
N ALA C 599 13.21 23.64 16.89
CA ALA C 599 11.97 22.90 16.78
C ALA C 599 12.07 21.73 17.74
N ALA C 600 12.30 22.05 19.02
CA ALA C 600 12.58 21.07 20.04
C ALA C 600 11.44 21.00 21.05
N LYS C 601 11.05 22.16 21.58
CA LYS C 601 10.01 22.20 22.59
C LYS C 601 8.66 21.77 22.02
N GLN C 602 8.62 21.42 20.73
CA GLN C 602 7.37 20.94 20.14
C GLN C 602 7.29 19.42 20.17
N THR C 603 8.29 18.76 20.75
CA THR C 603 8.25 17.32 20.99
C THR C 603 8.74 16.95 22.38
N GLU C 604 9.40 17.89 23.07
CA GLU C 604 9.69 17.85 24.51
C GLU C 604 10.29 16.53 24.99
N ASP C 605 11.46 16.18 24.46
CA ASP C 605 12.37 15.22 25.11
C ASP C 605 13.80 15.72 24.91
N ASN C 606 14.04 16.99 25.25
CA ASN C 606 15.08 17.85 24.68
C ASN C 606 16.44 17.20 24.45
N MET C 607 16.76 16.10 25.13
CA MET C 607 17.88 15.28 24.67
C MET C 607 17.55 14.52 23.40
N LEU C 608 16.26 14.39 23.07
CA LEU C 608 15.88 14.03 21.71
C LEU C 608 16.27 15.15 20.75
N PHE C 609 16.72 16.26 21.30
CA PHE C 609 17.09 17.44 20.54
C PHE C 609 18.48 17.97 20.89
N TYR C 610 19.01 17.67 22.08
CA TYR C 610 20.33 18.13 22.47
C TYR C 610 21.37 17.02 22.47
N THR C 611 20.98 15.81 22.04
CA THR C 611 21.98 14.81 21.65
C THR C 611 22.95 15.40 20.63
N ILE C 612 22.61 16.58 20.12
CA ILE C 612 22.88 16.93 18.73
C ILE C 612 23.83 18.12 18.68
N PHE C 613 23.58 19.14 19.51
CA PHE C 613 24.42 20.32 19.57
C PHE C 613 25.89 19.96 19.78
N ARG C 614 26.21 19.25 20.85
CA ARG C 614 27.56 18.69 21.01
C ARG C 614 27.90 17.80 19.83
N PHE C 615 26.95 16.94 19.44
CA PHE C 615 27.13 16.15 18.22
C PHE C 615 27.38 17.05 17.02
N PHE C 616 26.71 18.21 16.98
CA PHE C 616 26.93 19.16 15.90
C PHE C 616 28.39 19.60 15.83
N GLU C 617 29.10 19.55 16.95
CA GLU C 617 30.53 19.80 16.92
C GLU C 617 31.33 18.54 17.14
N GLN C 618 30.68 17.43 17.47
CA GLN C 618 31.38 16.15 17.46
C GLN C 618 31.88 15.82 16.06
N ARG C 619 31.38 16.53 15.04
CA ARG C 619 31.79 16.28 13.66
C ARG C 619 32.84 17.28 13.19
N ASN C 620 32.58 18.58 13.42
CA ASN C 620 33.32 19.64 12.74
C ASN C 620 33.91 20.68 13.69
N GLN C 621 33.96 20.42 14.99
CA GLN C 621 34.53 21.39 15.92
C GLN C 621 35.93 21.81 15.49
N ARG C 622 36.72 20.88 14.94
CA ARG C 622 38.08 21.18 14.54
C ARG C 622 38.15 22.37 13.58
N LEU C 623 37.03 22.69 12.93
CA LEU C 623 37.00 23.78 11.96
C LEU C 623 36.83 25.13 12.65
N ARG C 624 36.14 25.17 13.79
CA ARG C 624 35.77 26.43 14.43
C ARG C 624 36.47 26.65 15.77
N GLY C 625 36.28 25.76 16.76
CA GLY C 625 37.10 25.87 17.96
C GLY C 625 36.48 26.19 19.31
N SER C 626 35.20 25.88 19.55
CA SER C 626 34.61 26.31 20.82
C SER C 626 33.66 25.24 21.37
N PRO C 627 33.57 25.10 22.69
CA PRO C 627 32.64 24.12 23.28
C PRO C 627 31.18 24.35 22.91
N ASN C 628 30.70 25.58 23.01
CA ASN C 628 29.36 25.95 22.57
C ASN C 628 29.49 26.79 21.31
N PHE C 629 28.40 26.88 20.56
CA PHE C 629 28.50 27.41 19.20
C PHE C 629 28.79 28.90 19.19
N THR C 630 29.66 29.30 18.26
CA THR C 630 30.02 30.67 17.95
C THR C 630 29.16 31.12 16.77
N PRO C 631 29.26 32.37 16.30
CA PRO C 631 28.33 32.83 15.25
C PRO C 631 28.54 32.21 13.88
N GLY C 632 29.30 31.12 13.76
CA GLY C 632 29.54 30.49 12.47
C GLY C 632 28.28 30.36 11.62
N GLU C 633 27.17 29.95 12.24
CA GLU C 633 25.86 29.96 11.60
C GLU C 633 24.84 30.71 12.46
N HIS C 634 25.24 31.84 13.03
CA HIS C 634 24.42 32.67 13.91
C HIS C 634 24.01 31.94 15.18
N CYS C 635 24.49 30.70 15.36
CA CYS C 635 24.12 29.90 16.52
C CYS C 635 24.53 30.53 17.84
N GLU C 636 25.53 31.43 17.82
CA GLU C 636 25.95 32.10 19.04
C GLU C 636 24.77 32.77 19.74
N GLU C 637 23.79 33.23 18.96
CA GLU C 637 22.55 33.71 19.55
C GLU C 637 21.70 32.54 20.04
N HIS C 638 21.78 31.40 19.36
CA HIS C 638 20.85 30.30 19.60
C HIS C 638 21.38 29.32 20.65
N VAL C 639 21.62 29.87 21.83
CA VAL C 639 21.83 29.05 23.03
C VAL C 639 20.79 29.49 24.05
N ALA C 640 19.62 28.85 24.02
CA ALA C 640 18.49 29.27 24.82
C ALA C 640 17.70 28.09 25.38
N PHE C 641 18.23 26.87 25.27
CA PHE C 641 17.47 25.71 25.73
C PHE C 641 18.02 25.17 27.04
N PHE C 642 19.15 25.71 27.49
CA PHE C 642 19.82 25.24 28.70
C PHE C 642 19.27 26.00 29.91
N LYS C 643 17.94 25.90 30.07
CA LYS C 643 17.24 26.61 31.13
C LYS C 643 16.64 25.66 32.15
N GLN C 644 15.82 24.71 31.72
CA GLN C 644 15.26 23.67 32.57
C GLN C 644 16.16 22.44 32.63
N ILE C 645 17.45 22.62 32.34
CA ILE C 645 18.28 21.52 31.87
C ILE C 645 18.36 20.42 32.92
N PHE C 646 18.39 19.17 32.45
CA PHE C 646 18.51 18.00 33.28
C PHE C 646 19.88 17.37 33.09
N GLY C 647 20.52 17.00 34.19
CA GLY C 647 21.79 16.30 34.11
C GLY C 647 22.98 17.24 33.93
N ASP C 648 24.07 16.67 33.41
CA ASP C 648 25.33 17.38 33.24
C ASP C 648 25.87 17.11 31.84
N GLN C 649 25.56 17.99 30.90
CA GLN C 649 26.16 17.95 29.58
C GLN C 649 27.00 19.16 29.27
N ALA C 650 26.38 20.34 29.18
CA ALA C 650 26.92 21.66 29.52
C ALA C 650 28.01 22.11 28.55
N LEU C 651 28.61 21.24 27.73
CA LEU C 651 29.60 21.65 26.74
C LEU C 651 30.14 20.47 25.97
N MET C 652 30.70 20.77 24.80
CA MET C 652 31.58 19.83 24.12
C MET C 652 33.03 20.13 24.46
N ARG C 653 33.82 19.08 24.64
CA ARG C 653 35.25 19.33 24.70
C ARG C 653 35.71 19.73 23.30
N PRO C 654 36.07 20.99 23.10
CA PRO C 654 36.33 21.48 21.74
C PRO C 654 37.65 20.97 21.18
N THR C 655 37.64 19.74 20.65
CA THR C 655 38.84 19.15 20.06
C THR C 655 39.45 20.10 19.04
N THR C 656 40.67 20.55 19.32
CA THR C 656 41.37 21.51 18.47
C THR C 656 42.75 20.97 18.12
N PHE C 657 43.05 20.93 16.82
CA PHE C 657 44.33 20.44 16.35
C PHE C 657 44.82 21.25 15.14
N LEU D 8 -12.84 -11.89 57.22
CA LEU D 8 -13.96 -11.82 56.28
C LEU D 8 -14.63 -13.18 56.11
N LEU D 9 -15.85 -13.17 55.61
CA LEU D 9 -16.71 -14.35 55.56
C LEU D 9 -17.08 -14.67 54.13
N LYS D 10 -16.69 -15.85 53.66
CA LYS D 10 -17.07 -16.32 52.33
C LYS D 10 -18.39 -17.06 52.46
N VAL D 11 -19.47 -16.43 51.99
CA VAL D 11 -20.82 -16.93 52.14
C VAL D 11 -21.32 -17.36 50.77
N ILE D 12 -21.77 -18.60 50.66
CA ILE D 12 -22.28 -19.16 49.42
C ILE D 12 -23.80 -19.24 49.53
N ILE D 13 -24.49 -18.71 48.53
CA ILE D 13 -25.95 -18.56 48.60
C ILE D 13 -26.53 -19.52 47.58
N LEU D 14 -26.91 -20.69 48.04
CA LEU D 14 -27.59 -21.66 47.19
C LEU D 14 -29.01 -21.19 46.90
N GLY D 15 -29.38 -21.20 45.63
CA GLY D 15 -30.70 -20.77 45.22
C GLY D 15 -31.38 -21.78 44.33
N ASP D 16 -32.28 -21.31 43.47
CA ASP D 16 -32.97 -22.18 42.53
C ASP D 16 -33.36 -21.35 41.32
N SER D 17 -33.02 -21.84 40.13
CA SER D 17 -33.25 -21.07 38.91
C SER D 17 -34.73 -20.98 38.60
N GLY D 18 -35.17 -19.78 38.21
CA GLY D 18 -36.55 -19.51 37.91
C GLY D 18 -37.11 -18.26 38.58
N VAL D 19 -36.72 -17.99 39.82
CA VAL D 19 -37.23 -16.81 40.54
C VAL D 19 -36.21 -15.68 40.48
N GLY D 20 -36.28 -14.88 39.42
CA GLY D 20 -35.45 -13.70 39.23
C GLY D 20 -34.01 -13.84 39.67
N LYS D 21 -33.49 -15.04 39.40
CA LYS D 21 -32.17 -15.43 39.76
C LYS D 21 -31.20 -14.35 39.36
N ASN D 22 -31.59 -13.54 38.39
CA ASN D 22 -30.73 -12.46 37.96
C ASN D 22 -31.03 -11.09 38.52
N SER D 23 -31.91 -11.06 39.52
CA SER D 23 -32.27 -9.84 40.21
C SER D 23 -32.78 -10.15 41.62
N LEU D 24 -32.50 -11.38 42.12
CA LEU D 24 -33.07 -11.77 43.41
C LEU D 24 -32.23 -11.26 44.57
N MET D 25 -30.90 -11.26 44.43
CA MET D 25 -30.04 -10.91 45.56
C MET D 25 -29.69 -9.43 45.59
N ASN D 26 -30.00 -8.69 44.53
CA ASN D 26 -29.44 -7.36 44.34
C ASN D 26 -30.08 -6.28 45.22
N GLN D 27 -30.87 -6.68 46.21
CA GLN D 27 -31.45 -5.70 47.12
C GLN D 27 -30.49 -5.39 48.27
N TYR D 28 -29.79 -6.42 48.77
CA TYR D 28 -29.03 -6.28 50.00
C TYR D 28 -27.71 -5.53 49.77
N VAL D 29 -26.94 -5.95 48.77
CA VAL D 29 -25.59 -5.43 48.57
C VAL D 29 -25.63 -3.99 48.05
N ASN D 30 -26.80 -3.54 47.60
CA ASN D 30 -27.06 -2.13 47.33
C ASN D 30 -26.18 -1.53 46.25
N LYS D 31 -25.46 -2.36 45.49
CA LYS D 31 -24.58 -1.84 44.45
C LYS D 31 -24.28 -2.89 43.40
N LYS D 32 -24.14 -2.45 42.15
CA LYS D 32 -23.96 -3.37 41.04
C LYS D 32 -22.51 -3.74 40.84
N PHE D 33 -21.84 -4.17 41.92
CA PHE D 33 -20.52 -4.78 41.75
C PHE D 33 -20.64 -6.07 40.96
N SER D 34 -21.50 -6.97 41.41
CA SER D 34 -21.75 -8.22 40.70
C SER D 34 -22.69 -7.99 39.51
N ASN D 35 -22.18 -8.23 38.30
CA ASN D 35 -23.14 -8.27 37.21
C ASN D 35 -23.22 -9.64 36.53
N GLN D 36 -22.16 -10.06 35.86
CA GLN D 36 -22.29 -11.26 35.04
C GLN D 36 -21.07 -12.18 34.98
N TYR D 37 -19.94 -11.81 35.60
CA TYR D 37 -18.70 -12.50 35.28
C TYR D 37 -18.79 -13.94 35.77
N LYS D 38 -19.18 -14.83 34.85
CA LYS D 38 -19.66 -16.16 35.19
C LYS D 38 -20.56 -16.04 36.41
N ALA D 39 -21.58 -15.18 36.32
CA ALA D 39 -22.38 -14.82 37.46
C ALA D 39 -23.84 -15.17 37.19
N THR D 40 -24.37 -16.03 38.05
CA THR D 40 -25.69 -16.65 37.91
C THR D 40 -25.87 -17.23 36.49
N ILE D 41 -24.72 -17.43 35.85
CA ILE D 41 -24.54 -18.41 34.78
C ILE D 41 -23.44 -19.32 35.31
N GLY D 42 -22.56 -18.74 36.12
CA GLY D 42 -21.60 -19.44 36.94
C GLY D 42 -21.98 -19.22 38.38
N ALA D 43 -21.36 -18.22 39.01
CA ALA D 43 -21.76 -17.80 40.34
C ALA D 43 -21.54 -16.29 40.43
N ASP D 44 -22.55 -15.58 40.91
CA ASP D 44 -22.47 -14.15 41.13
C ASP D 44 -21.57 -13.85 42.33
N PHE D 45 -20.77 -12.80 42.22
CA PHE D 45 -19.84 -12.40 43.28
C PHE D 45 -20.13 -10.98 43.74
N LEU D 46 -20.55 -10.83 44.98
CA LEU D 46 -21.01 -9.53 45.45
C LEU D 46 -20.80 -9.45 46.96
N THR D 47 -20.40 -8.27 47.43
CA THR D 47 -19.97 -8.17 48.82
C THR D 47 -20.69 -7.07 49.59
N LYS D 48 -20.57 -7.12 50.92
CA LYS D 48 -21.01 -5.99 51.76
C LYS D 48 -20.37 -6.01 53.14
N GLU D 49 -20.14 -4.82 53.68
CA GLU D 49 -19.66 -4.66 55.05
C GLU D 49 -20.85 -4.63 55.99
N VAL D 50 -20.77 -5.41 57.08
CA VAL D 50 -21.83 -5.48 58.06
C VAL D 50 -21.26 -5.12 59.43
N MET D 51 -22.05 -4.41 60.22
CA MET D 51 -21.69 -4.10 61.60
C MET D 51 -22.36 -5.14 62.51
N VAL D 52 -21.59 -6.15 62.93
CA VAL D 52 -22.13 -7.29 63.66
C VAL D 52 -21.40 -7.37 64.99
N ASP D 53 -22.14 -7.15 66.08
CA ASP D 53 -21.58 -7.11 67.42
C ASP D 53 -20.39 -6.15 67.47
N ASP D 54 -20.59 -4.98 66.88
CA ASP D 54 -19.60 -3.90 66.79
C ASP D 54 -18.31 -4.32 66.08
N ARG D 55 -18.34 -5.43 65.34
CA ARG D 55 -17.20 -5.82 64.52
C ARG D 55 -17.59 -5.72 63.05
N LEU D 56 -16.69 -5.18 62.24
CA LEU D 56 -16.93 -5.09 60.80
C LEU D 56 -16.64 -6.44 60.16
N VAL D 57 -17.65 -7.02 59.53
CA VAL D 57 -17.47 -8.27 58.78
C VAL D 57 -17.60 -7.95 57.30
N THR D 58 -16.76 -8.59 56.51
CA THR D 58 -16.76 -8.45 55.06
C THR D 58 -17.40 -9.71 54.47
N MET D 59 -18.67 -9.62 54.12
CA MET D 59 -19.35 -10.74 53.49
C MET D 59 -19.03 -10.72 52.01
N GLN D 60 -18.37 -11.78 51.55
CA GLN D 60 -18.11 -12.01 50.13
C GLN D 60 -19.05 -13.12 49.68
N ILE D 61 -19.95 -12.81 48.75
CA ILE D 61 -21.16 -13.55 48.52
C ILE D 61 -21.07 -14.20 47.15
N TRP D 62 -21.22 -15.53 47.12
CA TRP D 62 -21.21 -16.28 45.89
C TRP D 62 -22.57 -16.92 45.68
N ASP D 63 -23.41 -16.30 44.86
CA ASP D 63 -24.67 -16.93 44.47
C ASP D 63 -24.38 -17.98 43.42
N THR D 64 -24.69 -19.23 43.74
CA THR D 64 -24.35 -20.35 42.87
C THR D 64 -25.55 -20.71 42.00
N ALA D 65 -25.34 -20.66 40.69
CA ALA D 65 -26.40 -20.99 39.76
C ALA D 65 -26.72 -22.47 39.84
N GLY D 66 -28.01 -22.80 39.90
CA GLY D 66 -28.47 -24.17 40.05
C GLY D 66 -28.51 -24.98 38.79
N GLN D 67 -28.01 -24.45 37.67
CA GLN D 67 -28.12 -25.09 36.38
C GLN D 67 -27.22 -26.31 36.33
N GLU D 68 -27.81 -27.48 36.05
CA GLU D 68 -27.04 -28.72 36.02
C GLU D 68 -25.95 -28.67 34.96
N ARG D 69 -26.07 -27.74 34.02
CA ARG D 69 -25.03 -27.50 33.04
C ARG D 69 -23.86 -26.73 33.63
N PHE D 70 -24.12 -25.93 34.67
CA PHE D 70 -23.09 -25.15 35.34
C PHE D 70 -22.88 -25.54 36.79
N GLN D 71 -22.84 -26.84 37.10
CA GLN D 71 -22.84 -27.26 38.50
C GLN D 71 -21.47 -27.76 38.94
N SER D 72 -20.75 -28.45 38.05
CA SER D 72 -19.46 -29.05 38.41
C SER D 72 -18.48 -28.04 38.99
N LEU D 73 -18.71 -26.75 38.74
CA LEU D 73 -17.90 -25.72 39.38
C LEU D 73 -18.26 -25.55 40.84
N GLY D 74 -19.08 -26.45 41.39
CA GLY D 74 -19.46 -26.33 42.79
C GLY D 74 -18.44 -26.90 43.74
N VAL D 75 -17.69 -27.92 43.32
CA VAL D 75 -16.64 -28.47 44.17
C VAL D 75 -15.65 -27.38 44.55
N ALA D 76 -15.29 -26.53 43.59
CA ALA D 76 -14.30 -25.49 43.84
C ALA D 76 -14.91 -24.28 44.54
N PHE D 77 -16.05 -23.80 44.08
CA PHE D 77 -16.67 -22.61 44.67
C PHE D 77 -17.05 -22.82 46.14
N TYR D 78 -17.02 -24.06 46.62
CA TYR D 78 -17.41 -24.31 48.00
C TYR D 78 -16.21 -24.41 48.95
N ARG D 79 -14.99 -24.28 48.43
CA ARG D 79 -13.82 -24.31 49.29
C ARG D 79 -13.85 -23.17 50.30
N GLY D 80 -13.56 -23.50 51.54
CA GLY D 80 -13.48 -22.51 52.60
C GLY D 80 -14.75 -21.68 52.72
N ALA D 81 -15.85 -22.32 53.07
CA ALA D 81 -17.13 -21.66 53.21
C ALA D 81 -17.34 -21.27 54.66
N ASP D 82 -17.74 -20.03 54.88
CA ASP D 82 -18.07 -19.56 56.22
C ASP D 82 -19.56 -19.67 56.53
N CYS D 83 -20.42 -19.65 55.53
CA CYS D 83 -21.85 -19.84 55.73
C CYS D 83 -22.52 -20.12 54.39
N CYS D 84 -23.36 -21.14 54.36
CA CYS D 84 -24.16 -21.48 53.19
C CYS D 84 -25.61 -21.13 53.48
N VAL D 85 -26.22 -20.33 52.60
CA VAL D 85 -27.57 -19.82 52.79
C VAL D 85 -28.47 -20.47 51.75
N LEU D 86 -29.50 -21.17 52.20
CA LEU D 86 -30.40 -21.88 51.32
C LEU D 86 -31.62 -21.00 51.07
N VAL D 87 -31.90 -20.72 49.81
CA VAL D 87 -33.06 -19.92 49.42
C VAL D 87 -34.03 -20.84 48.69
N PHE D 88 -35.20 -21.04 49.28
CA PHE D 88 -36.25 -21.85 48.70
C PHE D 88 -37.57 -21.10 48.81
N ASP D 89 -38.51 -21.46 47.95
CA ASP D 89 -39.73 -20.70 47.77
C ASP D 89 -40.83 -21.27 48.67
N VAL D 90 -41.48 -20.39 49.44
CA VAL D 90 -42.59 -20.83 50.28
C VAL D 90 -43.80 -21.21 49.43
N THR D 91 -43.94 -20.60 48.25
CA THR D 91 -45.02 -20.93 47.34
C THR D 91 -44.79 -22.23 46.58
N ALA D 92 -43.65 -22.89 46.77
CA ALA D 92 -43.30 -24.10 46.03
C ALA D 92 -43.03 -25.24 47.01
N PRO D 93 -43.74 -26.36 46.88
CA PRO D 93 -43.44 -27.52 47.75
C PRO D 93 -42.24 -28.32 47.29
N ASN D 94 -41.89 -28.24 46.00
CA ASN D 94 -40.81 -29.06 45.47
C ASN D 94 -39.46 -28.65 46.04
N THR D 95 -39.18 -27.35 46.08
CA THR D 95 -37.93 -26.89 46.66
C THR D 95 -37.92 -27.00 48.18
N PHE D 96 -39.04 -27.42 48.79
CA PHE D 96 -39.00 -27.87 50.17
C PHE D 96 -38.66 -29.35 50.29
N LYS D 97 -39.30 -30.19 49.46
CA LYS D 97 -38.88 -31.59 49.40
C LYS D 97 -37.39 -31.70 49.17
N THR D 98 -36.84 -30.83 48.32
CA THR D 98 -35.42 -30.83 47.99
C THR D 98 -34.55 -30.29 49.13
N LEU D 99 -35.15 -29.72 50.18
CA LEU D 99 -34.37 -29.01 51.20
C LEU D 99 -33.43 -29.95 51.93
N ASP D 100 -33.80 -31.23 52.08
CA ASP D 100 -32.89 -32.22 52.63
C ASP D 100 -31.90 -32.73 51.58
N SER D 101 -32.10 -32.39 50.31
CA SER D 101 -31.11 -32.67 49.27
C SER D 101 -30.25 -31.47 48.96
N TRP D 102 -30.65 -30.27 49.38
CA TRP D 102 -29.76 -29.13 49.32
C TRP D 102 -28.50 -29.37 50.14
N ARG D 103 -28.68 -29.64 51.43
CA ARG D 103 -27.54 -29.79 52.33
C ARG D 103 -26.64 -30.96 51.93
N ASP D 104 -27.23 -32.00 51.33
CA ASP D 104 -26.45 -33.20 51.03
C ASP D 104 -25.29 -32.91 50.08
N GLU D 105 -25.60 -32.36 48.91
CA GLU D 105 -24.55 -32.06 47.95
C GLU D 105 -23.56 -31.05 48.50
N PHE D 106 -24.04 -30.05 49.25
CA PHE D 106 -23.14 -29.05 49.79
C PHE D 106 -22.16 -29.67 50.78
N LEU D 107 -22.63 -30.61 51.59
CA LEU D 107 -21.74 -31.24 52.57
C LEU D 107 -20.80 -32.23 51.90
N ILE D 108 -21.23 -32.84 50.80
CA ILE D 108 -20.35 -33.78 50.11
C ILE D 108 -19.26 -33.04 49.35
N GLN D 109 -19.59 -31.88 48.79
CA GLN D 109 -18.59 -31.18 47.99
C GLN D 109 -17.76 -30.21 48.83
N ALA D 110 -18.40 -29.29 49.54
CA ALA D 110 -17.66 -28.35 50.39
C ALA D 110 -16.87 -29.09 51.47
N SER D 111 -17.46 -30.10 52.08
CA SER D 111 -16.81 -30.91 53.10
C SER D 111 -16.03 -30.09 54.13
N PRO D 112 -16.68 -29.22 54.89
CA PRO D 112 -15.98 -28.51 55.96
C PRO D 112 -15.59 -29.49 57.05
N ARG D 113 -14.71 -29.03 57.95
CA ARG D 113 -14.16 -29.93 58.96
C ARG D 113 -15.26 -30.53 59.83
N ASP D 114 -16.09 -29.69 60.46
CA ASP D 114 -17.18 -30.14 61.31
C ASP D 114 -18.50 -29.85 60.60
N PRO D 115 -18.97 -30.77 59.76
CA PRO D 115 -20.23 -30.50 59.04
C PRO D 115 -21.46 -30.47 59.93
N GLU D 116 -21.57 -31.35 60.91
CA GLU D 116 -22.77 -31.45 61.74
C GLU D 116 -23.14 -30.11 62.37
N ASN D 117 -22.19 -29.20 62.53
CA ASN D 117 -22.45 -27.91 63.12
C ASN D 117 -22.11 -26.76 62.17
N PHE D 118 -21.72 -27.07 60.94
CA PHE D 118 -21.47 -26.03 59.95
C PHE D 118 -22.72 -25.16 59.78
N PRO D 119 -22.59 -23.84 59.82
CA PRO D 119 -23.79 -22.98 59.84
C PRO D 119 -24.44 -22.92 58.46
N PHE D 120 -25.73 -23.24 58.41
CA PHE D 120 -26.57 -22.92 57.29
C PHE D 120 -27.60 -21.90 57.71
N VAL D 121 -28.34 -21.38 56.74
CA VAL D 121 -29.49 -20.51 56.99
C VAL D 121 -30.49 -20.76 55.88
N VAL D 122 -31.73 -21.02 56.24
CA VAL D 122 -32.80 -21.27 55.28
C VAL D 122 -33.59 -19.99 55.11
N LEU D 123 -33.85 -19.62 53.86
CA LEU D 123 -34.52 -18.38 53.54
C LEU D 123 -35.71 -18.69 52.65
N GLY D 124 -36.90 -18.28 53.07
CA GLY D 124 -38.09 -18.49 52.28
C GLY D 124 -38.51 -17.22 51.59
N ASN D 125 -38.26 -17.11 50.30
CA ASN D 125 -38.52 -15.89 49.57
C ASN D 125 -39.95 -15.87 49.04
N LYS D 126 -40.32 -14.72 48.46
CA LYS D 126 -41.63 -14.54 47.83
C LYS D 126 -42.77 -14.84 48.82
N ILE D 127 -42.76 -14.15 49.95
CA ILE D 127 -43.87 -14.23 50.89
C ILE D 127 -45.02 -13.32 50.49
N ASP D 128 -44.75 -12.27 49.71
CA ASP D 128 -45.79 -11.36 49.26
C ASP D 128 -46.82 -12.07 48.38
N LEU D 129 -46.41 -13.06 47.61
CA LEU D 129 -47.31 -13.75 46.69
C LEU D 129 -48.31 -14.60 47.46
N GLU D 130 -49.57 -14.52 47.06
CA GLU D 130 -50.63 -15.26 47.72
C GLU D 130 -50.55 -16.75 47.36
N ASN D 131 -51.53 -17.51 47.84
CA ASN D 131 -51.65 -18.94 47.56
C ASN D 131 -50.39 -19.70 47.99
N ARG D 132 -50.02 -19.56 49.26
CA ARG D 132 -48.86 -20.28 49.78
C ARG D 132 -49.14 -21.77 49.83
N GLN D 133 -48.20 -22.55 49.30
CA GLN D 133 -48.32 -24.00 49.26
C GLN D 133 -47.62 -24.70 50.42
N VAL D 134 -46.49 -24.18 50.86
CA VAL D 134 -45.76 -24.74 52.00
C VAL D 134 -46.16 -23.95 53.23
N ALA D 135 -46.82 -24.62 54.17
CA ALA D 135 -46.99 -24.03 55.49
C ALA D 135 -45.61 -23.78 56.09
N THR D 136 -45.40 -22.56 56.59
CA THR D 136 -44.10 -22.19 57.13
C THR D 136 -43.64 -23.19 58.18
N LYS D 137 -44.58 -23.70 58.97
CA LYS D 137 -44.24 -24.65 60.03
C LYS D 137 -43.59 -25.91 59.46
N ARG D 138 -43.89 -26.24 58.22
CA ARG D 138 -43.21 -27.37 57.57
C ARG D 138 -41.71 -27.12 57.47
N ALA D 139 -41.32 -25.95 56.97
CA ALA D 139 -39.90 -25.62 56.87
C ALA D 139 -39.28 -25.48 58.26
N GLN D 140 -40.02 -24.92 59.21
CA GLN D 140 -39.51 -24.79 60.57
C GLN D 140 -39.24 -26.16 61.18
N ALA D 141 -40.13 -27.13 60.92
CA ALA D 141 -39.91 -28.48 61.44
C ALA D 141 -38.73 -29.14 60.73
N TRP D 142 -38.57 -28.89 59.44
CA TRP D 142 -37.36 -29.36 58.76
C TRP D 142 -36.11 -28.84 59.45
N CYS D 143 -36.09 -27.53 59.75
CA CYS D 143 -34.93 -26.94 60.41
C CYS D 143 -34.70 -27.55 61.78
N TYR D 144 -35.76 -27.71 62.57
CA TYR D 144 -35.61 -28.26 63.90
C TYR D 144 -35.11 -29.70 63.87
N SER D 145 -35.66 -30.51 62.96
CA SER D 145 -35.16 -31.87 62.76
C SER D 145 -33.75 -31.87 62.16
N LYS D 146 -33.29 -30.72 61.66
CA LYS D 146 -31.96 -30.59 61.07
C LYS D 146 -31.00 -29.80 61.95
N ASN D 147 -31.05 -30.04 63.27
CA ASN D 147 -30.09 -29.48 64.22
C ASN D 147 -30.19 -27.96 64.32
N ASN D 148 -31.42 -27.45 64.24
CA ASN D 148 -31.70 -26.03 64.47
C ASN D 148 -30.91 -25.14 63.51
N ILE D 149 -31.21 -25.27 62.23
CA ILE D 149 -30.68 -24.32 61.24
C ILE D 149 -31.60 -23.11 61.20
N PRO D 150 -31.11 -21.89 61.48
CA PRO D 150 -32.00 -20.73 61.51
C PRO D 150 -32.68 -20.52 60.18
N TYR D 151 -33.96 -20.18 60.24
CA TYR D 151 -34.78 -19.96 59.06
C TYR D 151 -35.44 -18.59 59.17
N PHE D 152 -35.61 -17.92 58.03
CA PHE D 152 -36.27 -16.63 57.99
C PHE D 152 -37.13 -16.53 56.74
N GLU D 153 -38.34 -16.00 56.91
CA GLU D 153 -39.20 -15.67 55.79
C GLU D 153 -38.87 -14.26 55.33
N THR D 154 -38.68 -14.09 54.02
CA THR D 154 -38.29 -12.81 53.46
C THR D 154 -38.98 -12.62 52.12
N SER D 155 -38.98 -11.37 51.66
CA SER D 155 -39.54 -11.01 50.36
C SER D 155 -38.47 -10.22 49.61
N ALA D 156 -37.87 -10.86 48.61
CA ALA D 156 -36.80 -10.20 47.85
C ALA D 156 -37.34 -9.07 46.99
N LYS D 157 -38.66 -9.01 46.80
CA LYS D 157 -39.25 -7.88 46.10
C LYS D 157 -39.66 -6.78 47.06
N GLU D 158 -39.61 -7.08 48.36
CA GLU D 158 -39.93 -6.11 49.40
C GLU D 158 -38.74 -5.81 50.30
N ALA D 159 -37.68 -6.62 50.24
CA ALA D 159 -36.45 -6.44 51.02
C ALA D 159 -36.71 -6.43 52.53
N ILE D 160 -37.55 -7.33 53.03
CA ILE D 160 -37.84 -7.37 54.46
C ILE D 160 -37.05 -8.51 55.11
N ASN D 161 -36.39 -8.20 56.23
CA ASN D 161 -35.86 -9.16 57.19
C ASN D 161 -34.62 -9.89 56.69
N VAL D 162 -34.19 -9.64 55.45
CA VAL D 162 -33.00 -10.31 54.92
C VAL D 162 -31.75 -9.81 55.63
N GLU D 163 -31.76 -8.54 56.04
CA GLU D 163 -30.69 -8.00 56.86
C GLU D 163 -30.46 -8.84 58.11
N GLN D 164 -31.54 -9.26 58.77
CA GLN D 164 -31.39 -10.09 59.97
C GLN D 164 -30.87 -11.49 59.61
N ALA D 165 -31.20 -11.97 58.41
CA ALA D 165 -30.63 -13.24 57.96
C ALA D 165 -29.12 -13.14 57.85
N PHE D 166 -28.63 -12.11 57.15
CA PHE D 166 -27.19 -11.88 57.11
C PHE D 166 -26.62 -11.61 58.49
N GLN D 167 -27.42 -11.02 59.38
CA GLN D 167 -26.99 -10.76 60.75
C GLN D 167 -26.66 -12.06 61.48
N THR D 168 -27.59 -13.01 61.45
CA THR D 168 -27.33 -14.28 62.13
C THR D 168 -26.25 -15.06 61.39
N ILE D 169 -26.19 -14.94 60.06
CA ILE D 169 -25.05 -15.47 59.30
C ILE D 169 -23.76 -15.01 59.94
N ALA D 170 -23.59 -13.69 60.06
CA ALA D 170 -22.32 -13.13 60.47
C ALA D 170 -22.03 -13.41 61.93
N ARG D 171 -23.05 -13.44 62.78
CA ARG D 171 -22.80 -13.73 64.19
C ARG D 171 -22.36 -15.18 64.39
N ASN D 172 -23.12 -16.14 63.85
CA ASN D 172 -22.75 -17.53 64.01
C ASN D 172 -21.43 -17.82 63.31
N ALA D 173 -21.20 -17.21 62.15
CA ALA D 173 -19.98 -17.47 61.41
C ALA D 173 -18.80 -16.71 62.00
N LEU D 174 -19.07 -15.69 62.82
CA LEU D 174 -17.99 -15.05 63.56
C LEU D 174 -17.56 -15.93 64.72
N LYS D 175 -18.52 -16.52 65.42
CA LYS D 175 -18.20 -17.60 66.34
C LYS D 175 -17.34 -18.66 65.64
N GLN D 176 -17.78 -19.08 64.45
CA GLN D 176 -17.09 -20.13 63.72
C GLN D 176 -15.69 -19.70 63.29
N GLU D 177 -15.52 -18.41 62.96
CA GLU D 177 -14.22 -17.96 62.44
C GLU D 177 -13.23 -17.76 63.58
N THR D 178 -13.71 -17.27 64.73
CA THR D 178 -12.88 -17.34 65.93
C THR D 178 -12.46 -18.77 66.21
N GLU D 179 -13.38 -19.71 66.03
CA GLU D 179 -13.03 -21.12 66.22
C GLU D 179 -11.99 -21.58 65.19
N VAL D 180 -12.14 -21.16 63.93
CA VAL D 180 -11.17 -21.51 62.89
C VAL D 180 -9.78 -21.02 63.26
N GLU D 181 -9.67 -19.75 63.66
CA GLU D 181 -8.36 -19.21 64.03
C GLU D 181 -7.82 -19.89 65.28
N LEU D 182 -8.71 -20.29 66.19
CA LEU D 182 -8.27 -20.97 67.41
C LEU D 182 -7.76 -22.37 67.11
N TYR D 183 -8.43 -23.10 66.22
CA TYR D 183 -7.99 -24.45 65.88
C TYR D 183 -6.70 -24.41 65.05
N ASN D 184 -6.66 -23.57 64.03
CA ASN D 184 -5.52 -23.55 63.11
C ASN D 184 -4.27 -22.97 63.75
N GLU D 185 -4.34 -22.57 65.01
CA GLU D 185 -3.16 -22.04 65.71
C GLU D 185 -2.83 -22.92 66.91
#